data_6WFN
# 
_entry.id   6WFN 
# 
_audit_conform.dict_name       mmcif_pdbx.dic 
_audit_conform.dict_version    5.389 
_audit_conform.dict_location   http://mmcif.pdb.org/dictionaries/ascii/mmcif_pdbx.dic 
# 
loop_
_database_2.database_id 
_database_2.database_code 
_database_2.pdbx_database_accession 
_database_2.pdbx_DOI 
PDB   6WFN         pdb_00006wfn 10.2210/pdb6wfn/pdb 
WWPDB D_1000248130 ?            ?                   
# 
loop_
_pdbx_audit_revision_history.ordinal 
_pdbx_audit_revision_history.data_content_type 
_pdbx_audit_revision_history.major_revision 
_pdbx_audit_revision_history.minor_revision 
_pdbx_audit_revision_history.revision_date 
1 'Structure model' 1 0 2020-07-01 
2 'Structure model' 1 1 2024-03-06 
3 'Structure model' 1 2 2024-04-03 
# 
_pdbx_audit_revision_details.ordinal             1 
_pdbx_audit_revision_details.revision_ordinal    1 
_pdbx_audit_revision_details.data_content_type   'Structure model' 
_pdbx_audit_revision_details.provider            repository 
_pdbx_audit_revision_details.type                'Initial release' 
_pdbx_audit_revision_details.description         ? 
_pdbx_audit_revision_details.details             ? 
# 
loop_
_pdbx_audit_revision_group.ordinal 
_pdbx_audit_revision_group.revision_ordinal 
_pdbx_audit_revision_group.data_content_type 
_pdbx_audit_revision_group.group 
1 2 'Structure model' 'Data collection'        
2 2 'Structure model' 'Database references'    
3 2 'Structure model' 'Refinement description' 
4 3 'Structure model' 'Refinement description' 
# 
loop_
_pdbx_audit_revision_category.ordinal 
_pdbx_audit_revision_category.revision_ordinal 
_pdbx_audit_revision_category.data_content_type 
_pdbx_audit_revision_category.category 
1 2 'Structure model' chem_comp_atom                
2 2 'Structure model' chem_comp_bond                
3 2 'Structure model' database_2                    
4 2 'Structure model' software                      
5 3 'Structure model' pdbx_initial_refinement_model 
# 
loop_
_pdbx_audit_revision_item.ordinal 
_pdbx_audit_revision_item.revision_ordinal 
_pdbx_audit_revision_item.data_content_type 
_pdbx_audit_revision_item.item 
1 2 'Structure model' '_database_2.pdbx_DOI'                
2 2 'Structure model' '_database_2.pdbx_database_accession' 
3 2 'Structure model' '_software.name'                      
# 
_pdbx_database_status.status_code                     REL 
_pdbx_database_status.status_code_sf                  REL 
_pdbx_database_status.status_code_mr                  ? 
_pdbx_database_status.entry_id                        6WFN 
_pdbx_database_status.recvd_initial_deposition_date   2020-04-03 
_pdbx_database_status.SG_entry                        N 
_pdbx_database_status.deposit_site                    RCSB 
_pdbx_database_status.process_site                    RCSB 
_pdbx_database_status.status_code_cs                  ? 
_pdbx_database_status.status_code_nmr_data            ? 
_pdbx_database_status.methods_development_category    ? 
_pdbx_database_status.pdb_format_compatible           Y 
# 
loop_
_pdbx_database_related.db_name 
_pdbx_database_related.details 
_pdbx_database_related.db_id 
_pdbx_database_related.content_type 
PDB 'Same publication' 6WF3 unspecified 
PDB 'Same publication' 6WF5 unspecified 
PDB 'Same publication' 6WFG unspecified 
PDB 'Same publication' 6WFK unspecified 
# 
loop_
_audit_author.name 
_audit_author.pdbx_ordinal 
_audit_author.identifier_ORCID 
'Greasley, S.E.' 1 0000-0002-7978-6477 
'Feng, J.'       2 ?                   
'Deng, Y.-L.'    3 ?                   
'Stewart, A.E.'  4 ?                   
# 
_citation.abstract                  ? 
_citation.abstract_id_CAS           ? 
_citation.book_id_ISBN              ? 
_citation.book_publisher            ? 
_citation.book_publisher_city       ? 
_citation.book_title                ? 
_citation.coordinate_linkage        ? 
_citation.country                   US 
_citation.database_id_Medline       ? 
_citation.details                   ? 
_citation.id                        primary 
_citation.journal_abbrev            'Acs Med.Chem.Lett.' 
_citation.journal_id_ASTM           ? 
_citation.journal_id_CSD            ? 
_citation.journal_id_ISSN           1948-5875 
_citation.journal_full              ? 
_citation.journal_issue             ? 
_citation.journal_volume            11 
_citation.language                  ? 
_citation.page_first                1175 
_citation.page_last                 1184 
_citation.title                     
'Characterization of SpecificN-alpha-Acetyltransferase 50 (Naa50) Inhibitors Identified Using a DNA Encoded Library.' 
_citation.year                      2020 
_citation.database_id_CSD           ? 
_citation.pdbx_database_id_DOI      10.1021/acsmedchemlett.0c00029 
_citation.pdbx_database_id_PubMed   32550998 
_citation.unpublished_flag          ? 
# 
loop_
_citation_author.citation_id 
_citation_author.name 
_citation_author.ordinal 
_citation_author.identifier_ORCID 
primary 'Kung, P.P.'       1  ? 
primary 'Bingham, P.'      2  ? 
primary 'Burke, B.J.'      3  ? 
primary 'Chen, Q.'         4  ? 
primary 'Cheng, X.'        5  ? 
primary 'Deng, Y.L.'       6  ? 
primary 'Dou, D.'          7  ? 
primary 'Feng, J.'         8  ? 
primary 'Gallego, G.M.'    9  ? 
primary 'Gehring, M.R.'    10 ? 
primary 'Grant, S.K.'      11 ? 
primary 'Greasley, S.'     12 ? 
primary 'Harris, A.R.'     13 ? 
primary 'Maegley, K.A.'    14 ? 
primary 'Meier, J.'        15 ? 
primary 'Meng, X.'         16 ? 
primary 'Montano, J.L.'    17 ? 
primary 'Morgan, B.A.'     18 ? 
primary 'Naughton, B.S.'   19 ? 
primary 'Palde, P.B.'      20 ? 
primary 'Paul, T.A.'       21 ? 
primary 'Richardson, P.'   22 ? 
primary 'Sakata, S.'       23 ? 
primary 'Shaginian, A.'    24 ? 
primary 'Sonnenburg, W.K.' 25 ? 
primary 'Subramanyam, C.'  26 ? 
primary 'Timofeevski, S.'  27 ? 
primary 'Wan, J.'          28 ? 
primary 'Yan, W.'          29 ? 
primary 'Stewart, A.E.'    30 ? 
# 
loop_
_entity.id 
_entity.type 
_entity.src_method 
_entity.pdbx_description 
_entity.formula_weight 
_entity.pdbx_number_of_molecules 
_entity.pdbx_ec 
_entity.pdbx_mutation 
_entity.pdbx_fragment 
_entity.details 
1 polymer     man 'N-alpha-acetyltransferase 50' 19571.502 1   2.3.1.258,2.3.1.- ? ? ? 
2 non-polymer syn 'ACETYL COENZYME *A' 809.571   1   ?                 ? ? ? 
3 non-polymer syn 
;(4S)-1-methyl-N-{(3S,5S)-5-[4-(methylcarbamoyl)-1,3-thiazol-2-yl]-1-[4-(1H-tetrazol-5-yl)benzene-1-carbonyl]pyrrolidin-3-yl}-2,6-dioxohexahydropyrimidine-4-carboxamide
;
552.566   1   ?                 ? ? ? 
4 water       nat water 18.015    180 ?                 ? ? ? 
# 
_entity_name_com.entity_id   1 
_entity_name_com.name        
;hNaa50p,N-acetyltransferase 13,N-acetyltransferase 5,hNAT5,N-acetyltransferase san homolog,hSAN,N-epsilon-acetyltransferase 50,NatE catalytic subunit, Naa50
;
# 
_entity_poly.entity_id                      1 
_entity_poly.type                           'polypeptide(L)' 
_entity_poly.nstd_linkage                   no 
_entity_poly.nstd_monomer                   no 
_entity_poly.pdbx_seq_one_letter_code       
;GSMKGSRIELGDVTPHNIKQLKRLNQVIFPVSYNDKFYKDVLEVGELAKLAYFNDIAVGAVCCRVDHSQNQKRLYIMTLG
CLAPYRRLGIGTKMLNHVLNICEKDGTFDNIYLHVQISNESAIDFYRKFGFEIIETKKNYYKRIEPADAHVLQKNLKVPS
GQNADVQKTDN
;
_entity_poly.pdbx_seq_one_letter_code_can   
;GSMKGSRIELGDVTPHNIKQLKRLNQVIFPVSYNDKFYKDVLEVGELAKLAYFNDIAVGAVCCRVDHSQNQKRLYIMTLG
CLAPYRRLGIGTKMLNHVLNICEKDGTFDNIYLHVQISNESAIDFYRKFGFEIIETKKNYYKRIEPADAHVLQKNLKVPS
GQNADVQKTDN
;
_entity_poly.pdbx_strand_id                 A 
_entity_poly.pdbx_target_identifier         ? 
# 
loop_
_pdbx_entity_nonpoly.entity_id 
_pdbx_entity_nonpoly.name 
_pdbx_entity_nonpoly.comp_id 
2 'ACETYL COENZYME *A' ACO 
3 
;(4S)-1-methyl-N-{(3S,5S)-5-[4-(methylcarbamoyl)-1,3-thiazol-2-yl]-1-[4-(1H-tetrazol-5-yl)benzene-1-carbonyl]pyrrolidin-3-yl}-2,6-dioxohexahydropyrimidine-4-carboxamide
;
U2J 
4 water HOH 
# 
loop_
_entity_poly_seq.entity_id 
_entity_poly_seq.num 
_entity_poly_seq.mon_id 
_entity_poly_seq.hetero 
1 1   GLY n 
1 2   SER n 
1 3   MET n 
1 4   LYS n 
1 5   GLY n 
1 6   SER n 
1 7   ARG n 
1 8   ILE n 
1 9   GLU n 
1 10  LEU n 
1 11  GLY n 
1 12  ASP n 
1 13  VAL n 
1 14  THR n 
1 15  PRO n 
1 16  HIS n 
1 17  ASN n 
1 18  ILE n 
1 19  LYS n 
1 20  GLN n 
1 21  LEU n 
1 22  LYS n 
1 23  ARG n 
1 24  LEU n 
1 25  ASN n 
1 26  GLN n 
1 27  VAL n 
1 28  ILE n 
1 29  PHE n 
1 30  PRO n 
1 31  VAL n 
1 32  SER n 
1 33  TYR n 
1 34  ASN n 
1 35  ASP n 
1 36  LYS n 
1 37  PHE n 
1 38  TYR n 
1 39  LYS n 
1 40  ASP n 
1 41  VAL n 
1 42  LEU n 
1 43  GLU n 
1 44  VAL n 
1 45  GLY n 
1 46  GLU n 
1 47  LEU n 
1 48  ALA n 
1 49  LYS n 
1 50  LEU n 
1 51  ALA n 
1 52  TYR n 
1 53  PHE n 
1 54  ASN n 
1 55  ASP n 
1 56  ILE n 
1 57  ALA n 
1 58  VAL n 
1 59  GLY n 
1 60  ALA n 
1 61  VAL n 
1 62  CYS n 
1 63  CYS n 
1 64  ARG n 
1 65  VAL n 
1 66  ASP n 
1 67  HIS n 
1 68  SER n 
1 69  GLN n 
1 70  ASN n 
1 71  GLN n 
1 72  LYS n 
1 73  ARG n 
1 74  LEU n 
1 75  TYR n 
1 76  ILE n 
1 77  MET n 
1 78  THR n 
1 79  LEU n 
1 80  GLY n 
1 81  CYS n 
1 82  LEU n 
1 83  ALA n 
1 84  PRO n 
1 85  TYR n 
1 86  ARG n 
1 87  ARG n 
1 88  LEU n 
1 89  GLY n 
1 90  ILE n 
1 91  GLY n 
1 92  THR n 
1 93  LYS n 
1 94  MET n 
1 95  LEU n 
1 96  ASN n 
1 97  HIS n 
1 98  VAL n 
1 99  LEU n 
1 100 ASN n 
1 101 ILE n 
1 102 CYS n 
1 103 GLU n 
1 104 LYS n 
1 105 ASP n 
1 106 GLY n 
1 107 THR n 
1 108 PHE n 
1 109 ASP n 
1 110 ASN n 
1 111 ILE n 
1 112 TYR n 
1 113 LEU n 
1 114 HIS n 
1 115 VAL n 
1 116 GLN n 
1 117 ILE n 
1 118 SER n 
1 119 ASN n 
1 120 GLU n 
1 121 SER n 
1 122 ALA n 
1 123 ILE n 
1 124 ASP n 
1 125 PHE n 
1 126 TYR n 
1 127 ARG n 
1 128 LYS n 
1 129 PHE n 
1 130 GLY n 
1 131 PHE n 
1 132 GLU n 
1 133 ILE n 
1 134 ILE n 
1 135 GLU n 
1 136 THR n 
1 137 LYS n 
1 138 LYS n 
1 139 ASN n 
1 140 TYR n 
1 141 TYR n 
1 142 LYS n 
1 143 ARG n 
1 144 ILE n 
1 145 GLU n 
1 146 PRO n 
1 147 ALA n 
1 148 ASP n 
1 149 ALA n 
1 150 HIS n 
1 151 VAL n 
1 152 LEU n 
1 153 GLN n 
1 154 LYS n 
1 155 ASN n 
1 156 LEU n 
1 157 LYS n 
1 158 VAL n 
1 159 PRO n 
1 160 SER n 
1 161 GLY n 
1 162 GLN n 
1 163 ASN n 
1 164 ALA n 
1 165 ASP n 
1 166 VAL n 
1 167 GLN n 
1 168 LYS n 
1 169 THR n 
1 170 ASP n 
1 171 ASN n 
# 
_entity_src_gen.entity_id                          1 
_entity_src_gen.pdbx_src_id                        1 
_entity_src_gen.pdbx_alt_source_flag               sample 
_entity_src_gen.pdbx_seq_type                      'Biological sequence' 
_entity_src_gen.pdbx_beg_seq_num                   1 
_entity_src_gen.pdbx_end_seq_num                   171 
_entity_src_gen.gene_src_common_name               Human 
_entity_src_gen.gene_src_genus                     ? 
_entity_src_gen.pdbx_gene_src_gene                 'NAA50, MAK3, NAT13, NAT5' 
_entity_src_gen.gene_src_species                   ? 
_entity_src_gen.gene_src_strain                    ? 
_entity_src_gen.gene_src_tissue                    ? 
_entity_src_gen.gene_src_tissue_fraction           ? 
_entity_src_gen.gene_src_details                   ? 
_entity_src_gen.pdbx_gene_src_fragment             ? 
_entity_src_gen.pdbx_gene_src_scientific_name      'Homo sapiens' 
_entity_src_gen.pdbx_gene_src_ncbi_taxonomy_id     9606 
_entity_src_gen.pdbx_gene_src_variant              ? 
_entity_src_gen.pdbx_gene_src_cell_line            ? 
_entity_src_gen.pdbx_gene_src_atcc                 ? 
_entity_src_gen.pdbx_gene_src_organ                ? 
_entity_src_gen.pdbx_gene_src_organelle            ? 
_entity_src_gen.pdbx_gene_src_cell                 ? 
_entity_src_gen.pdbx_gene_src_cellular_location    ? 
_entity_src_gen.host_org_common_name               ? 
_entity_src_gen.pdbx_host_org_scientific_name      'Escherichia coli BL21(DE3)' 
_entity_src_gen.pdbx_host_org_ncbi_taxonomy_id     469008 
_entity_src_gen.host_org_genus                     ? 
_entity_src_gen.pdbx_host_org_gene                 ? 
_entity_src_gen.pdbx_host_org_organ                ? 
_entity_src_gen.host_org_species                   ? 
_entity_src_gen.pdbx_host_org_tissue               ? 
_entity_src_gen.pdbx_host_org_tissue_fraction      ? 
_entity_src_gen.pdbx_host_org_strain               ? 
_entity_src_gen.pdbx_host_org_variant              ? 
_entity_src_gen.pdbx_host_org_cell_line            ? 
_entity_src_gen.pdbx_host_org_atcc                 ? 
_entity_src_gen.pdbx_host_org_culture_collection   ? 
_entity_src_gen.pdbx_host_org_cell                 ? 
_entity_src_gen.pdbx_host_org_organelle            ? 
_entity_src_gen.pdbx_host_org_cellular_location    ? 
_entity_src_gen.pdbx_host_org_vector_type          ? 
_entity_src_gen.pdbx_host_org_vector               ? 
_entity_src_gen.host_org_details                   ? 
_entity_src_gen.expression_system_id               ? 
_entity_src_gen.plasmid_name                       ? 
_entity_src_gen.plasmid_details                    ? 
_entity_src_gen.pdbx_description                   ? 
# 
loop_
_chem_comp.id 
_chem_comp.type 
_chem_comp.mon_nstd_flag 
_chem_comp.name 
_chem_comp.pdbx_synonyms 
_chem_comp.formula 
_chem_comp.formula_weight 
ACO non-polymer         . 'ACETYL COENZYME *A' ? 'C23 H38 N7 O17 P3 S' 809.571 
ALA 'L-peptide linking' y ALANINE ? 'C3 H7 N O2'          89.093  
ARG 'L-peptide linking' y ARGININE ? 'C6 H15 N4 O2 1'      175.209 
ASN 'L-peptide linking' y ASPARAGINE ? 'C4 H8 N2 O3'         132.118 
ASP 'L-peptide linking' y 'ASPARTIC ACID' ? 'C4 H7 N O4'          133.103 
CYS 'L-peptide linking' y CYSTEINE ? 'C3 H7 N O2 S'        121.158 
GLN 'L-peptide linking' y GLUTAMINE ? 'C5 H10 N2 O3'        146.144 
GLU 'L-peptide linking' y 'GLUTAMIC ACID' ? 'C5 H9 N O4'          147.129 
GLY 'peptide linking'   y GLYCINE ? 'C2 H5 N O2'          75.067  
HIS 'L-peptide linking' y HISTIDINE ? 'C6 H10 N3 O2 1'      156.162 
HOH non-polymer         . WATER ? 'H2 O'                18.015  
ILE 'L-peptide linking' y ISOLEUCINE ? 'C6 H13 N O2'         131.173 
LEU 'L-peptide linking' y LEUCINE ? 'C6 H13 N O2'         131.173 
LYS 'L-peptide linking' y LYSINE ? 'C6 H15 N2 O2 1'      147.195 
MET 'L-peptide linking' y METHIONINE ? 'C5 H11 N O2 S'       149.211 
PHE 'L-peptide linking' y PHENYLALANINE ? 'C9 H11 N O2'         165.189 
PRO 'L-peptide linking' y PROLINE ? 'C5 H9 N O2'          115.130 
SER 'L-peptide linking' y SERINE ? 'C3 H7 N O3'          105.093 
THR 'L-peptide linking' y THREONINE ? 'C4 H9 N O3'          119.119 
TYR 'L-peptide linking' y TYROSINE ? 'C9 H11 N O3'         181.189 
U2J non-polymer         . 
;(4S)-1-methyl-N-{(3S,5S)-5-[4-(methylcarbamoyl)-1,3-thiazol-2-yl]-1-[4-(1H-tetrazol-5-yl)benzene-1-carbonyl]pyrrolidin-3-yl}-2,6-dioxohexahydropyrimidine-4-carboxamide
;
? 'C23 H24 N10 O5 S'    552.566 
VAL 'L-peptide linking' y VALINE ? 'C5 H11 N O2'         117.146 
# 
loop_
_pdbx_poly_seq_scheme.asym_id 
_pdbx_poly_seq_scheme.entity_id 
_pdbx_poly_seq_scheme.seq_id 
_pdbx_poly_seq_scheme.mon_id 
_pdbx_poly_seq_scheme.ndb_seq_num 
_pdbx_poly_seq_scheme.pdb_seq_num 
_pdbx_poly_seq_scheme.auth_seq_num 
_pdbx_poly_seq_scheme.pdb_mon_id 
_pdbx_poly_seq_scheme.auth_mon_id 
_pdbx_poly_seq_scheme.pdb_strand_id 
_pdbx_poly_seq_scheme.pdb_ins_code 
_pdbx_poly_seq_scheme.hetero 
A 1 1   GLY 1   -1  ?   ?   ?   A . n 
A 1 2   SER 2   0   ?   ?   ?   A . n 
A 1 3   MET 3   1   ?   ?   ?   A . n 
A 1 4   LYS 4   2   ?   ?   ?   A . n 
A 1 5   GLY 5   3   ?   ?   ?   A . n 
A 1 6   SER 6   4   4   SER SER A . n 
A 1 7   ARG 7   5   5   ARG ARG A . n 
A 1 8   ILE 8   6   6   ILE ILE A . n 
A 1 9   GLU 9   7   7   GLU GLU A . n 
A 1 10  LEU 10  8   8   LEU LEU A . n 
A 1 11  GLY 11  9   9   GLY GLY A . n 
A 1 12  ASP 12  10  10  ASP ASP A . n 
A 1 13  VAL 13  11  11  VAL VAL A . n 
A 1 14  THR 14  12  12  THR THR A . n 
A 1 15  PRO 15  13  13  PRO PRO A . n 
A 1 16  HIS 16  14  14  HIS HIS A . n 
A 1 17  ASN 17  15  15  ASN ASN A . n 
A 1 18  ILE 18  16  16  ILE ILE A . n 
A 1 19  LYS 19  17  17  LYS LYS A . n 
A 1 20  GLN 20  18  18  GLN GLN A . n 
A 1 21  LEU 21  19  19  LEU LEU A . n 
A 1 22  LYS 22  20  20  LYS LYS A . n 
A 1 23  ARG 23  21  21  ARG ARG A . n 
A 1 24  LEU 24  22  22  LEU LEU A . n 
A 1 25  ASN 25  23  23  ASN ASN A . n 
A 1 26  GLN 26  24  24  GLN GLN A . n 
A 1 27  VAL 27  25  25  VAL VAL A . n 
A 1 28  ILE 28  26  26  ILE ILE A . n 
A 1 29  PHE 29  27  27  PHE PHE A . n 
A 1 30  PRO 30  28  28  PRO PRO A . n 
A 1 31  VAL 31  29  29  VAL VAL A . n 
A 1 32  SER 32  30  30  SER SER A . n 
A 1 33  TYR 33  31  31  TYR TYR A . n 
A 1 34  ASN 34  32  32  ASN ASN A . n 
A 1 35  ASP 35  33  33  ASP ASP A . n 
A 1 36  LYS 36  34  34  LYS LYS A . n 
A 1 37  PHE 37  35  35  PHE PHE A . n 
A 1 38  TYR 38  36  36  TYR TYR A . n 
A 1 39  LYS 39  37  37  LYS LYS A . n 
A 1 40  ASP 40  38  38  ASP ASP A . n 
A 1 41  VAL 41  39  39  VAL VAL A . n 
A 1 42  LEU 42  40  40  LEU LEU A . n 
A 1 43  GLU 43  41  41  GLU GLU A . n 
A 1 44  VAL 44  42  42  VAL VAL A . n 
A 1 45  GLY 45  43  43  GLY GLY A . n 
A 1 46  GLU 46  44  44  GLU GLU A . n 
A 1 47  LEU 47  45  45  LEU LEU A . n 
A 1 48  ALA 48  46  46  ALA ALA A . n 
A 1 49  LYS 49  47  47  LYS LYS A . n 
A 1 50  LEU 50  48  48  LEU LEU A . n 
A 1 51  ALA 51  49  49  ALA ALA A . n 
A 1 52  TYR 52  50  50  TYR TYR A . n 
A 1 53  PHE 53  51  51  PHE PHE A . n 
A 1 54  ASN 54  52  52  ASN ASN A . n 
A 1 55  ASP 55  53  53  ASP ASP A . n 
A 1 56  ILE 56  54  54  ILE ILE A . n 
A 1 57  ALA 57  55  55  ALA ALA A . n 
A 1 58  VAL 58  56  56  VAL VAL A . n 
A 1 59  GLY 59  57  57  GLY GLY A . n 
A 1 60  ALA 60  58  58  ALA ALA A . n 
A 1 61  VAL 61  59  59  VAL VAL A . n 
A 1 62  CYS 62  60  60  CYS CYS A . n 
A 1 63  CYS 63  61  61  CYS CYS A . n 
A 1 64  ARG 64  62  62  ARG ARG A . n 
A 1 65  VAL 65  63  63  VAL VAL A . n 
A 1 66  ASP 66  64  64  ASP ASP A . n 
A 1 67  HIS 67  65  65  HIS HIS A . n 
A 1 68  SER 68  66  66  SER SER A . n 
A 1 69  GLN 69  67  67  GLN GLN A . n 
A 1 70  ASN 70  68  68  ASN ASN A . n 
A 1 71  GLN 71  69  69  GLN GLN A . n 
A 1 72  LYS 72  70  70  LYS LYS A . n 
A 1 73  ARG 73  71  71  ARG ARG A . n 
A 1 74  LEU 74  72  72  LEU LEU A . n 
A 1 75  TYR 75  73  73  TYR TYR A . n 
A 1 76  ILE 76  74  74  ILE ILE A . n 
A 1 77  MET 77  75  75  MET MET A . n 
A 1 78  THR 78  76  76  THR THR A . n 
A 1 79  LEU 79  77  77  LEU LEU A . n 
A 1 80  GLY 80  78  78  GLY GLY A . n 
A 1 81  CYS 81  79  79  CYS CYS A . n 
A 1 82  LEU 82  80  80  LEU LEU A . n 
A 1 83  ALA 83  81  81  ALA ALA A . n 
A 1 84  PRO 84  82  82  PRO PRO A . n 
A 1 85  TYR 85  83  83  TYR TYR A . n 
A 1 86  ARG 86  84  84  ARG ARG A . n 
A 1 87  ARG 87  85  85  ARG ARG A . n 
A 1 88  LEU 88  86  86  LEU LEU A . n 
A 1 89  GLY 89  87  87  GLY GLY A . n 
A 1 90  ILE 90  88  88  ILE ILE A . n 
A 1 91  GLY 91  89  89  GLY GLY A . n 
A 1 92  THR 92  90  90  THR THR A . n 
A 1 93  LYS 93  91  91  LYS LYS A . n 
A 1 94  MET 94  92  92  MET MET A . n 
A 1 95  LEU 95  93  93  LEU LEU A . n 
A 1 96  ASN 96  94  94  ASN ASN A . n 
A 1 97  HIS 97  95  95  HIS HIS A . n 
A 1 98  VAL 98  96  96  VAL VAL A . n 
A 1 99  LEU 99  97  97  LEU LEU A . n 
A 1 100 ASN 100 98  98  ASN ASN A . n 
A 1 101 ILE 101 99  99  ILE ILE A . n 
A 1 102 CYS 102 100 100 CYS CYS A . n 
A 1 103 GLU 103 101 101 GLU GLU A . n 
A 1 104 LYS 104 102 102 LYS LYS A . n 
A 1 105 ASP 105 103 103 ASP ASP A . n 
A 1 106 GLY 106 104 104 GLY GLY A . n 
A 1 107 THR 107 105 105 THR THR A . n 
A 1 108 PHE 108 106 106 PHE PHE A . n 
A 1 109 ASP 109 107 107 ASP ASP A . n 
A 1 110 ASN 110 108 108 ASN ASN A . n 
A 1 111 ILE 111 109 109 ILE ILE A . n 
A 1 112 TYR 112 110 110 TYR TYR A . n 
A 1 113 LEU 113 111 111 LEU LEU A . n 
A 1 114 HIS 114 112 112 HIS HIS A . n 
A 1 115 VAL 115 113 113 VAL VAL A . n 
A 1 116 GLN 116 114 114 GLN GLN A . n 
A 1 117 ILE 117 115 115 ILE ILE A . n 
A 1 118 SER 118 116 116 SER SER A . n 
A 1 119 ASN 119 117 117 ASN ASN A . n 
A 1 120 GLU 120 118 118 GLU GLU A . n 
A 1 121 SER 121 119 119 SER SER A . n 
A 1 122 ALA 122 120 120 ALA ALA A . n 
A 1 123 ILE 123 121 121 ILE ILE A . n 
A 1 124 ASP 124 122 122 ASP ASP A . n 
A 1 125 PHE 125 123 123 PHE PHE A . n 
A 1 126 TYR 126 124 124 TYR TYR A . n 
A 1 127 ARG 127 125 125 ARG ARG A . n 
A 1 128 LYS 128 126 126 LYS LYS A . n 
A 1 129 PHE 129 127 127 PHE PHE A . n 
A 1 130 GLY 130 128 128 GLY GLY A . n 
A 1 131 PHE 131 129 129 PHE PHE A . n 
A 1 132 GLU 132 130 130 GLU GLU A . n 
A 1 133 ILE 133 131 131 ILE ILE A . n 
A 1 134 ILE 134 132 132 ILE ILE A . n 
A 1 135 GLU 135 133 133 GLU GLU A . n 
A 1 136 THR 136 134 134 THR THR A . n 
A 1 137 LYS 137 135 135 LYS LYS A . n 
A 1 138 LYS 138 136 136 LYS LYS A . n 
A 1 139 ASN 139 137 137 ASN ASN A . n 
A 1 140 TYR 140 138 138 TYR TYR A . n 
A 1 141 TYR 141 139 139 TYR TYR A . n 
A 1 142 LYS 142 140 140 LYS LYS A . n 
A 1 143 ARG 143 141 141 ARG ARG A . n 
A 1 144 ILE 144 142 142 ILE ILE A . n 
A 1 145 GLU 145 143 143 GLU GLU A . n 
A 1 146 PRO 146 144 144 PRO PRO A . n 
A 1 147 ALA 147 145 145 ALA ALA A . n 
A 1 148 ASP 148 146 146 ASP ASP A . n 
A 1 149 ALA 149 147 147 ALA ALA A . n 
A 1 150 HIS 150 148 148 HIS HIS A . n 
A 1 151 VAL 151 149 149 VAL VAL A . n 
A 1 152 LEU 152 150 150 LEU LEU A . n 
A 1 153 GLN 153 151 151 GLN GLN A . n 
A 1 154 LYS 154 152 152 LYS LYS A . n 
A 1 155 ASN 155 153 153 ASN ASN A . n 
A 1 156 LEU 156 154 154 LEU LEU A . n 
A 1 157 LYS 157 155 ?   ?   ?   A . n 
A 1 158 VAL 158 156 ?   ?   ?   A . n 
A 1 159 PRO 159 157 ?   ?   ?   A . n 
A 1 160 SER 160 158 ?   ?   ?   A . n 
A 1 161 GLY 161 159 ?   ?   ?   A . n 
A 1 162 GLN 162 160 ?   ?   ?   A . n 
A 1 163 ASN 163 161 ?   ?   ?   A . n 
A 1 164 ALA 164 162 ?   ?   ?   A . n 
A 1 165 ASP 165 163 ?   ?   ?   A . n 
A 1 166 VAL 166 164 ?   ?   ?   A . n 
A 1 167 GLN 167 165 ?   ?   ?   A . n 
A 1 168 LYS 168 166 ?   ?   ?   A . n 
A 1 169 THR 169 167 ?   ?   ?   A . n 
A 1 170 ASP 170 168 ?   ?   ?   A . n 
A 1 171 ASN 171 169 ?   ?   ?   A . n 
# 
loop_
_pdbx_nonpoly_scheme.asym_id 
_pdbx_nonpoly_scheme.entity_id 
_pdbx_nonpoly_scheme.mon_id 
_pdbx_nonpoly_scheme.ndb_seq_num 
_pdbx_nonpoly_scheme.pdb_seq_num 
_pdbx_nonpoly_scheme.auth_seq_num 
_pdbx_nonpoly_scheme.pdb_mon_id 
_pdbx_nonpoly_scheme.auth_mon_id 
_pdbx_nonpoly_scheme.pdb_strand_id 
_pdbx_nonpoly_scheme.pdb_ins_code 
B 2 ACO 1   201 201 ACO ACO A . 
C 3 U2J 1   202 301 U2J UNL A . 
D 4 HOH 1   301 9   HOH HOH A . 
D 4 HOH 2   302 11  HOH HOH A . 
D 4 HOH 3   303 58  HOH HOH A . 
D 4 HOH 4   304 2   HOH HOH A . 
D 4 HOH 5   305 91  HOH HOH A . 
D 4 HOH 6   306 53  HOH HOH A . 
D 4 HOH 7   307 6   HOH HOH A . 
D 4 HOH 8   308 55  HOH HOH A . 
D 4 HOH 9   309 27  HOH HOH A . 
D 4 HOH 10  310 52  HOH HOH A . 
D 4 HOH 11  311 61  HOH HOH A . 
D 4 HOH 12  312 62  HOH HOH A . 
D 4 HOH 13  313 7   HOH HOH A . 
D 4 HOH 14  314 8   HOH HOH A . 
D 4 HOH 15  315 34  HOH HOH A . 
D 4 HOH 16  316 41  HOH HOH A . 
D 4 HOH 17  317 29  HOH HOH A . 
D 4 HOH 18  318 50  HOH HOH A . 
D 4 HOH 19  319 54  HOH HOH A . 
D 4 HOH 20  320 42  HOH HOH A . 
D 4 HOH 21  321 34  HOH HOH A . 
D 4 HOH 22  322 16  HOH HOH A . 
D 4 HOH 23  323 14  HOH HOH A . 
D 4 HOH 24  324 5   HOH HOH A . 
D 4 HOH 25  325 88  HOH HOH A . 
D 4 HOH 26  326 125 HOH HOH A . 
D 4 HOH 27  327 10  HOH HOH A . 
D 4 HOH 28  328 118 HOH HOH A . 
D 4 HOH 29  329 14  HOH HOH A . 
D 4 HOH 30  330 104 HOH HOH A . 
D 4 HOH 31  331 3   HOH HOH A . 
D 4 HOH 32  332 132 HOH HOH A . 
D 4 HOH 33  333 16  HOH HOH A . 
D 4 HOH 34  334 38  HOH HOH A . 
D 4 HOH 35  335 51  HOH HOH A . 
D 4 HOH 36  336 48  HOH HOH A . 
D 4 HOH 37  337 69  HOH HOH A . 
D 4 HOH 38  338 85  HOH HOH A . 
D 4 HOH 39  339 26  HOH HOH A . 
D 4 HOH 40  340 56  HOH HOH A . 
D 4 HOH 41  341 1   HOH HOH A . 
D 4 HOH 42  342 49  HOH HOH A . 
D 4 HOH 43  343 31  HOH HOH A . 
D 4 HOH 44  344 1   HOH HOH A . 
D 4 HOH 45  345 15  HOH HOH A . 
D 4 HOH 46  346 56  HOH HOH A . 
D 4 HOH 47  347 37  HOH HOH A . 
D 4 HOH 48  348 7   HOH HOH A . 
D 4 HOH 49  349 30  HOH HOH A . 
D 4 HOH 50  350 45  HOH HOH A . 
D 4 HOH 51  351 21  HOH HOH A . 
D 4 HOH 52  352 17  HOH HOH A . 
D 4 HOH 53  353 12  HOH HOH A . 
D 4 HOH 54  354 10  HOH HOH A . 
D 4 HOH 55  355 24  HOH HOH A . 
D 4 HOH 56  356 63  HOH HOH A . 
D 4 HOH 57  357 2   HOH HOH A . 
D 4 HOH 58  358 124 HOH HOH A . 
D 4 HOH 59  359 57  HOH HOH A . 
D 4 HOH 60  360 24  HOH HOH A . 
D 4 HOH 61  361 43  HOH HOH A . 
D 4 HOH 62  362 19  HOH HOH A . 
D 4 HOH 63  363 17  HOH HOH A . 
D 4 HOH 64  364 32  HOH HOH A . 
D 4 HOH 65  365 28  HOH HOH A . 
D 4 HOH 66  366 40  HOH HOH A . 
D 4 HOH 67  367 19  HOH HOH A . 
D 4 HOH 68  368 12  HOH HOH A . 
D 4 HOH 69  369 126 HOH HOH A . 
D 4 HOH 70  370 117 HOH HOH A . 
D 4 HOH 71  371 86  HOH HOH A . 
D 4 HOH 72  372 28  HOH HOH A . 
D 4 HOH 73  373 68  HOH HOH A . 
D 4 HOH 74  374 119 HOH HOH A . 
D 4 HOH 75  375 120 HOH HOH A . 
D 4 HOH 76  376 32  HOH HOH A . 
D 4 HOH 77  377 52  HOH HOH A . 
D 4 HOH 78  378 44  HOH HOH A . 
D 4 HOH 79  379 79  HOH HOH A . 
D 4 HOH 80  380 15  HOH HOH A . 
D 4 HOH 81  381 39  HOH HOH A . 
D 4 HOH 82  382 62  HOH HOH A . 
D 4 HOH 83  383 70  HOH HOH A . 
D 4 HOH 84  384 73  HOH HOH A . 
D 4 HOH 85  385 13  HOH HOH A . 
D 4 HOH 86  386 33  HOH HOH A . 
D 4 HOH 87  387 65  HOH HOH A . 
D 4 HOH 88  388 47  HOH HOH A . 
D 4 HOH 89  389 4   HOH HOH A . 
D 4 HOH 90  390 66  HOH HOH A . 
D 4 HOH 91  391 3   HOH HOH A . 
D 4 HOH 92  392 11  HOH HOH A . 
D 4 HOH 93  393 89  HOH HOH A . 
D 4 HOH 94  394 25  HOH HOH A . 
D 4 HOH 95  395 22  HOH HOH A . 
D 4 HOH 96  396 18  HOH HOH A . 
D 4 HOH 97  397 21  HOH HOH A . 
D 4 HOH 98  398 64  HOH HOH A . 
D 4 HOH 99  399 6   HOH HOH A . 
D 4 HOH 100 400 33  HOH HOH A . 
D 4 HOH 101 401 23  HOH HOH A . 
D 4 HOH 102 402 58  HOH HOH A . 
D 4 HOH 103 403 50  HOH HOH A . 
D 4 HOH 104 404 18  HOH HOH A . 
D 4 HOH 105 405 122 HOH HOH A . 
D 4 HOH 106 406 22  HOH HOH A . 
D 4 HOH 107 407 35  HOH HOH A . 
D 4 HOH 108 408 30  HOH HOH A . 
D 4 HOH 109 409 77  HOH HOH A . 
D 4 HOH 110 410 82  HOH HOH A . 
D 4 HOH 111 411 114 HOH HOH A . 
D 4 HOH 112 412 35  HOH HOH A . 
D 4 HOH 113 413 5   HOH HOH A . 
D 4 HOH 114 414 25  HOH HOH A . 
D 4 HOH 115 415 38  HOH HOH A . 
D 4 HOH 116 416 116 HOH HOH A . 
D 4 HOH 117 417 44  HOH HOH A . 
D 4 HOH 118 418 54  HOH HOH A . 
D 4 HOH 119 419 83  HOH HOH A . 
D 4 HOH 120 420 29  HOH HOH A . 
D 4 HOH 121 421 110 HOH HOH A . 
D 4 HOH 122 422 46  HOH HOH A . 
D 4 HOH 123 423 71  HOH HOH A . 
D 4 HOH 124 424 109 HOH HOH A . 
D 4 HOH 125 425 90  HOH HOH A . 
D 4 HOH 126 426 102 HOH HOH A . 
D 4 HOH 127 427 40  HOH HOH A . 
D 4 HOH 128 428 93  HOH HOH A . 
D 4 HOH 129 429 53  HOH HOH A . 
D 4 HOH 130 430 112 HOH HOH A . 
D 4 HOH 131 431 13  HOH HOH A . 
D 4 HOH 132 432 36  HOH HOH A . 
D 4 HOH 133 433 94  HOH HOH A . 
D 4 HOH 134 434 74  HOH HOH A . 
D 4 HOH 135 435 92  HOH HOH A . 
D 4 HOH 136 436 9   HOH HOH A . 
D 4 HOH 137 437 20  HOH HOH A . 
D 4 HOH 138 438 99  HOH HOH A . 
D 4 HOH 139 439 130 HOH HOH A . 
D 4 HOH 140 440 23  HOH HOH A . 
D 4 HOH 141 441 107 HOH HOH A . 
D 4 HOH 142 442 87  HOH HOH A . 
D 4 HOH 143 443 100 HOH HOH A . 
D 4 HOH 144 444 61  HOH HOH A . 
D 4 HOH 145 445 81  HOH HOH A . 
D 4 HOH 146 446 46  HOH HOH A . 
D 4 HOH 147 447 108 HOH HOH A . 
D 4 HOH 148 448 67  HOH HOH A . 
D 4 HOH 149 449 47  HOH HOH A . 
D 4 HOH 150 450 4   HOH HOH A . 
D 4 HOH 151 451 43  HOH HOH A . 
D 4 HOH 152 452 26  HOH HOH A . 
D 4 HOH 153 453 27  HOH HOH A . 
D 4 HOH 154 454 80  HOH HOH A . 
D 4 HOH 155 455 75  HOH HOH A . 
D 4 HOH 156 456 78  HOH HOH A . 
D 4 HOH 157 457 115 HOH HOH A . 
D 4 HOH 158 458 37  HOH HOH A . 
D 4 HOH 159 459 76  HOH HOH A . 
D 4 HOH 160 460 20  HOH HOH A . 
D 4 HOH 161 461 55  HOH HOH A . 
D 4 HOH 162 462 36  HOH HOH A . 
D 4 HOH 163 463 59  HOH HOH A . 
D 4 HOH 164 464 72  HOH HOH A . 
D 4 HOH 165 465 59  HOH HOH A . 
D 4 HOH 166 466 121 HOH HOH A . 
D 4 HOH 167 467 96  HOH HOH A . 
D 4 HOH 168 468 123 HOH HOH A . 
D 4 HOH 169 469 60  HOH HOH A . 
D 4 HOH 170 470 60  HOH HOH A . 
D 4 HOH 171 471 51  HOH HOH A . 
D 4 HOH 172 472 113 HOH HOH A . 
D 4 HOH 173 473 45  HOH HOH A . 
D 4 HOH 174 474 103 HOH HOH A . 
D 4 HOH 175 475 106 HOH HOH A . 
D 4 HOH 176 476 8   HOH HOH A . 
D 4 HOH 177 477 41  HOH HOH A . 
D 4 HOH 178 478 129 HOH HOH A . 
D 4 HOH 179 479 111 HOH HOH A . 
D 4 HOH 180 480 95  HOH HOH A . 
# 
loop_
_pdbx_unobs_or_zero_occ_atoms.id 
_pdbx_unobs_or_zero_occ_atoms.PDB_model_num 
_pdbx_unobs_or_zero_occ_atoms.polymer_flag 
_pdbx_unobs_or_zero_occ_atoms.occupancy_flag 
_pdbx_unobs_or_zero_occ_atoms.auth_asym_id 
_pdbx_unobs_or_zero_occ_atoms.auth_comp_id 
_pdbx_unobs_or_zero_occ_atoms.auth_seq_id 
_pdbx_unobs_or_zero_occ_atoms.PDB_ins_code 
_pdbx_unobs_or_zero_occ_atoms.auth_atom_id 
_pdbx_unobs_or_zero_occ_atoms.label_alt_id 
_pdbx_unobs_or_zero_occ_atoms.label_asym_id 
_pdbx_unobs_or_zero_occ_atoms.label_comp_id 
_pdbx_unobs_or_zero_occ_atoms.label_seq_id 
_pdbx_unobs_or_zero_occ_atoms.label_atom_id 
1 1 Y 1 A ARG 125 ? CD  ? A ARG 127 CD  
2 1 Y 1 A ARG 125 ? NE  ? A ARG 127 NE  
3 1 Y 1 A ARG 125 ? CZ  ? A ARG 127 CZ  
4 1 Y 1 A ARG 125 ? NH1 ? A ARG 127 NH1 
5 1 Y 1 A ARG 125 ? NH2 ? A ARG 127 NH2 
6 1 Y 1 A ARG 141 ? NE  ? A ARG 143 NE  
7 1 Y 1 A ARG 141 ? CZ  ? A ARG 143 CZ  
8 1 Y 1 A ARG 141 ? NH1 ? A ARG 143 NH1 
9 1 Y 1 A ARG 141 ? NH2 ? A ARG 143 NH2 
# 
loop_
_software.citation_id 
_software.classification 
_software.compiler_name 
_software.compiler_version 
_software.contact_author 
_software.contact_author_email 
_software.date 
_software.description 
_software.dependencies 
_software.hardware 
_software.language 
_software.location 
_software.mods 
_software.name 
_software.os 
_software.os_version 
_software.type 
_software.version 
_software.pdbx_ordinal 
? refinement        ? ? ? ? ? ? ? ? ? ? ? BUSTER      ? ? ? 2.11.7 1 
? 'data extraction' ? ? ? ? ? ? ? ? ? ? ? PDB_EXTRACT ? ? ? 3.25   2 
? 'data reduction'  ? ? ? ? ? ? ? ? ? ? ? XDS         ? ? ? .      3 
? 'data scaling'    ? ? ? ? ? ? ? ? ? ? ? autoPROC    ? ? ? .      4 
? phasing           ? ? ? ? ? ? ? ? ? ? ? MOLREP      ? ? ? .      5 
# 
_cell.angle_alpha                  90.000 
_cell.angle_alpha_esd              ? 
_cell.angle_beta                   111.370 
_cell.angle_beta_esd               ? 
_cell.angle_gamma                  90.000 
_cell.angle_gamma_esd              ? 
_cell.entry_id                     6WFN 
_cell.details                      ? 
_cell.formula_units_Z              ? 
_cell.length_a                     34.430 
_cell.length_a_esd                 ? 
_cell.length_b                     62.700 
_cell.length_b_esd                 ? 
_cell.length_c                     38.770 
_cell.length_c_esd                 ? 
_cell.volume                       ? 
_cell.volume_esd                   ? 
_cell.Z_PDB                        2 
_cell.reciprocal_angle_alpha       ? 
_cell.reciprocal_angle_beta        ? 
_cell.reciprocal_angle_gamma       ? 
_cell.reciprocal_angle_alpha_esd   ? 
_cell.reciprocal_angle_beta_esd    ? 
_cell.reciprocal_angle_gamma_esd   ? 
_cell.reciprocal_length_a          ? 
_cell.reciprocal_length_b          ? 
_cell.reciprocal_length_c          ? 
_cell.reciprocal_length_a_esd      ? 
_cell.reciprocal_length_b_esd      ? 
_cell.reciprocal_length_c_esd      ? 
_cell.pdbx_unique_axis             ? 
# 
_symmetry.entry_id                         6WFN 
_symmetry.cell_setting                     ? 
_symmetry.Int_Tables_number                4 
_symmetry.space_group_name_Hall            ? 
_symmetry.space_group_name_H-M             'P 1 21 1' 
_symmetry.pdbx_full_space_group_name_H-M   ? 
# 
_exptl.absorpt_coefficient_mu     ? 
_exptl.absorpt_correction_T_max   ? 
_exptl.absorpt_correction_T_min   ? 
_exptl.absorpt_correction_type    ? 
_exptl.absorpt_process_details    ? 
_exptl.entry_id                   6WFN 
_exptl.crystals_number            1 
_exptl.details                    ? 
_exptl.method                     'X-RAY DIFFRACTION' 
_exptl.method_details             ? 
# 
_exptl_crystal.colour                      ? 
_exptl_crystal.density_diffrn              ? 
_exptl_crystal.density_Matthews            1.99 
_exptl_crystal.density_method              ? 
_exptl_crystal.density_percent_sol         38.23 
_exptl_crystal.description                 ? 
_exptl_crystal.F_000                       ? 
_exptl_crystal.id                          1 
_exptl_crystal.preparation                 ? 
_exptl_crystal.size_max                    ? 
_exptl_crystal.size_mid                    ? 
_exptl_crystal.size_min                    ? 
_exptl_crystal.size_rad                    ? 
_exptl_crystal.colour_lustre               ? 
_exptl_crystal.colour_modifier             ? 
_exptl_crystal.colour_primary              ? 
_exptl_crystal.density_meas                ? 
_exptl_crystal.density_meas_esd            ? 
_exptl_crystal.density_meas_gt             ? 
_exptl_crystal.density_meas_lt             ? 
_exptl_crystal.density_meas_temp           ? 
_exptl_crystal.density_meas_temp_esd       ? 
_exptl_crystal.density_meas_temp_gt        ? 
_exptl_crystal.density_meas_temp_lt        ? 
_exptl_crystal.pdbx_crystal_image_url      ? 
_exptl_crystal.pdbx_crystal_image_format   ? 
_exptl_crystal.pdbx_mosaicity              ? 
_exptl_crystal.pdbx_mosaicity_esd          ? 
# 
_exptl_crystal_grow.apparatus       ? 
_exptl_crystal_grow.atmosphere      ? 
_exptl_crystal_grow.crystal_id      1 
_exptl_crystal_grow.details         ? 
_exptl_crystal_grow.method          'VAPOR DIFFUSION, SITTING DROP' 
_exptl_crystal_grow.method_ref      ? 
_exptl_crystal_grow.pH              5.77 
_exptl_crystal_grow.pressure        ? 
_exptl_crystal_grow.pressure_esd    ? 
_exptl_crystal_grow.seeding         ? 
_exptl_crystal_grow.seeding_ref     ? 
_exptl_crystal_grow.temp            294 
_exptl_crystal_grow.temp_details    ? 
_exptl_crystal_grow.temp_esd        ? 
_exptl_crystal_grow.time            ? 
_exptl_crystal_grow.pdbx_details    
;Naa50 apo protein (13.0 mg/ml) was incubated with 4a and AcCoA in a 1:3:3 molar ratio on ice for 60 min.  Reservoir solution containing 0.1 M Bis_tris, pH 5.77 and 21% w/v PEG 3350 was mixed 0.2ul:0.2ul with Naa50:4b:AcCoA complex
;
_exptl_crystal_grow.pdbx_pH_range   ? 
# 
_diffrn.ambient_environment              ? 
_diffrn.ambient_temp                     93 
_diffrn.ambient_temp_details             ? 
_diffrn.ambient_temp_esd                 ? 
_diffrn.crystal_id                       1 
_diffrn.crystal_support                  ? 
_diffrn.crystal_treatment                ? 
_diffrn.details                          ? 
_diffrn.id                               1 
_diffrn.ambient_pressure                 ? 
_diffrn.ambient_pressure_esd             ? 
_diffrn.ambient_pressure_gt              ? 
_diffrn.ambient_pressure_lt              ? 
_diffrn.ambient_temp_gt                  ? 
_diffrn.ambient_temp_lt                  ? 
_diffrn.pdbx_serial_crystal_experiment   N 
# 
_diffrn_detector.details                      ? 
_diffrn_detector.detector                     PIXEL 
_diffrn_detector.diffrn_id                    1 
_diffrn_detector.type                         'DECTRIS PILATUS 6M' 
_diffrn_detector.area_resol_mean              ? 
_diffrn_detector.dtime                        ? 
_diffrn_detector.pdbx_frames_total            ? 
_diffrn_detector.pdbx_collection_time_total   ? 
_diffrn_detector.pdbx_collection_date         2019-05-31 
_diffrn_detector.pdbx_frequency               ? 
# 
_diffrn_radiation.collimation                      ? 
_diffrn_radiation.diffrn_id                        1 
_diffrn_radiation.filter_edge                      ? 
_diffrn_radiation.inhomogeneity                    ? 
_diffrn_radiation.monochromator                    'Si(111)' 
_diffrn_radiation.polarisn_norm                    ? 
_diffrn_radiation.polarisn_ratio                   ? 
_diffrn_radiation.probe                            ? 
_diffrn_radiation.type                             ? 
_diffrn_radiation.xray_symbol                      ? 
_diffrn_radiation.wavelength_id                    1 
_diffrn_radiation.pdbx_monochromatic_or_laue_m_l   M 
_diffrn_radiation.pdbx_wavelength_list             ? 
_diffrn_radiation.pdbx_wavelength                  ? 
_diffrn_radiation.pdbx_diffrn_protocol             'SINGLE WAVELENGTH' 
_diffrn_radiation.pdbx_analyzer                    ? 
_diffrn_radiation.pdbx_scattering_type             x-ray 
# 
_diffrn_radiation_wavelength.id           1 
_diffrn_radiation_wavelength.wavelength   1.0 
_diffrn_radiation_wavelength.wt           1.0 
# 
_diffrn_source.current                     ? 
_diffrn_source.details                     ? 
_diffrn_source.diffrn_id                   1 
_diffrn_source.power                       ? 
_diffrn_source.size                        ? 
_diffrn_source.source                      SYNCHROTRON 
_diffrn_source.target                      ? 
_diffrn_source.type                        'APS BEAMLINE 17-ID' 
_diffrn_source.voltage                     ? 
_diffrn_source.take-off_angle              ? 
_diffrn_source.pdbx_wavelength_list        1.0 
_diffrn_source.pdbx_wavelength             ? 
_diffrn_source.pdbx_synchrotron_beamline   17-ID 
_diffrn_source.pdbx_synchrotron_site       APS 
# 
_reflns.B_iso_Wilson_estimate            9.530 
_reflns.entry_id                         6WFN 
_reflns.data_reduction_details           ? 
_reflns.data_reduction_method            ? 
_reflns.d_resolution_high                1.07 
_reflns.d_resolution_low                 36.11 
_reflns.details                          ? 
_reflns.limit_h_max                      ? 
_reflns.limit_h_min                      ? 
_reflns.limit_k_max                      ? 
_reflns.limit_k_min                      ? 
_reflns.limit_l_max                      ? 
_reflns.limit_l_min                      ? 
_reflns.number_all                       ? 
_reflns.number_obs                       55133 
_reflns.observed_criterion               ? 
_reflns.observed_criterion_F_max         ? 
_reflns.observed_criterion_F_min         ? 
_reflns.observed_criterion_I_max         ? 
_reflns.observed_criterion_I_min         ? 
_reflns.observed_criterion_sigma_F       ? 
_reflns.observed_criterion_sigma_I       ? 
_reflns.percent_possible_obs             87.4 
_reflns.R_free_details                   ? 
_reflns.Rmerge_F_all                     ? 
_reflns.Rmerge_F_obs                     ? 
_reflns.Friedel_coverage                 ? 
_reflns.number_gt                        ? 
_reflns.threshold_expression             ? 
_reflns.pdbx_redundancy                  3.0 
_reflns.pdbx_Rmerge_I_obs                0.038 
_reflns.pdbx_Rmerge_I_all                ? 
_reflns.pdbx_Rsym_value                  ? 
_reflns.pdbx_netI_over_av_sigmaI         ? 
_reflns.pdbx_netI_over_sigmaI            14.7 
_reflns.pdbx_res_netI_over_av_sigmaI_2   ? 
_reflns.pdbx_res_netI_over_sigmaI_2      ? 
_reflns.pdbx_chi_squared                 ? 
_reflns.pdbx_scaling_rejects             ? 
_reflns.pdbx_d_res_high_opt              ? 
_reflns.pdbx_d_res_low_opt               ? 
_reflns.pdbx_d_res_opt_method            ? 
_reflns.phase_calculation_details        ? 
_reflns.pdbx_Rrim_I_all                  ? 
_reflns.pdbx_Rpim_I_all                  ? 
_reflns.pdbx_d_opt                       ? 
_reflns.pdbx_number_measured_all         ? 
_reflns.pdbx_diffrn_id                   1 
_reflns.pdbx_ordinal                     1 
_reflns.pdbx_CC_half                     0.998 
_reflns.pdbx_CC_star                     ? 
_reflns.pdbx_R_split                     ? 
# 
_reflns_shell.d_res_high                  1.07 
_reflns_shell.d_res_low                   1.13 
_reflns_shell.meanI_over_sigI_all         ? 
_reflns_shell.meanI_over_sigI_obs         2.2 
_reflns_shell.number_measured_all         ? 
_reflns_shell.number_measured_obs         ? 
_reflns_shell.number_possible             ? 
_reflns_shell.number_unique_all           ? 
_reflns_shell.number_unique_obs           2758 
_reflns_shell.percent_possible_all        38.3 
_reflns_shell.percent_possible_obs        ? 
_reflns_shell.Rmerge_F_all                ? 
_reflns_shell.Rmerge_F_obs                ? 
_reflns_shell.Rmerge_I_all                ? 
_reflns_shell.Rmerge_I_obs                0.351 
_reflns_shell.meanI_over_sigI_gt          ? 
_reflns_shell.meanI_over_uI_all           ? 
_reflns_shell.meanI_over_uI_gt            ? 
_reflns_shell.number_measured_gt          ? 
_reflns_shell.number_unique_gt            ? 
_reflns_shell.percent_possible_gt         ? 
_reflns_shell.Rmerge_F_gt                 ? 
_reflns_shell.Rmerge_I_gt                 ? 
_reflns_shell.pdbx_redundancy             1.7 
_reflns_shell.pdbx_Rsym_value             ? 
_reflns_shell.pdbx_chi_squared            ? 
_reflns_shell.pdbx_netI_over_sigmaI_all   ? 
_reflns_shell.pdbx_netI_over_sigmaI_obs   ? 
_reflns_shell.pdbx_Rrim_I_all             ? 
_reflns_shell.pdbx_Rpim_I_all             ? 
_reflns_shell.pdbx_rejects                ? 
_reflns_shell.pdbx_ordinal                1 
_reflns_shell.pdbx_diffrn_id              1 
_reflns_shell.pdbx_CC_half                0.789 
_reflns_shell.pdbx_CC_star                ? 
_reflns_shell.pdbx_R_split                ? 
# 
_refine.aniso_B[1][1]                            0.0437 
_refine.aniso_B[1][2]                            0.0000 
_refine.aniso_B[1][3]                            -0.0355 
_refine.aniso_B[2][2]                            0.1883 
_refine.aniso_B[2][3]                            0.0000 
_refine.aniso_B[3][3]                            -0.2320 
_refine.B_iso_max                                77.130 
_refine.B_iso_mean                               16.3800 
_refine.B_iso_min                                5.500 
_refine.correlation_coeff_Fo_to_Fc               0.9600 
_refine.correlation_coeff_Fo_to_Fc_free          0.9490 
_refine.details                                  ? 
_refine.diff_density_max                         ? 
_refine.diff_density_max_esd                     ? 
_refine.diff_density_min                         ? 
_refine.diff_density_min_esd                     ? 
_refine.diff_density_rms                         ? 
_refine.diff_density_rms_esd                     ? 
_refine.entry_id                                 6WFN 
_refine.pdbx_refine_id                           'X-RAY DIFFRACTION' 
_refine.ls_abs_structure_details                 ? 
_refine.ls_abs_structure_Flack                   ? 
_refine.ls_abs_structure_Flack_esd               ? 
_refine.ls_abs_structure_Rogers                  ? 
_refine.ls_abs_structure_Rogers_esd              ? 
_refine.ls_d_res_high                            1.0700 
_refine.ls_d_res_low                             36.10 
_refine.ls_extinction_coef                       ? 
_refine.ls_extinction_coef_esd                   ? 
_refine.ls_extinction_expression                 ? 
_refine.ls_extinction_method                     ? 
_refine.ls_goodness_of_fit_all                   ? 
_refine.ls_goodness_of_fit_all_esd               ? 
_refine.ls_goodness_of_fit_obs                   ? 
_refine.ls_goodness_of_fit_obs_esd               ? 
_refine.ls_hydrogen_treatment                    ? 
_refine.ls_matrix_type                           ? 
_refine.ls_number_constraints                    ? 
_refine.ls_number_parameters                     ? 
_refine.ls_number_reflns_all                     ? 
_refine.ls_number_reflns_obs                     55133 
_refine.ls_number_reflns_R_free                  2728 
_refine.ls_number_reflns_R_work                  ? 
_refine.ls_number_restraints                     ? 
_refine.ls_percent_reflns_obs                    82.2000 
_refine.ls_percent_reflns_R_free                 4.9300 
_refine.ls_R_factor_all                          ? 
_refine.ls_R_factor_obs                          0.1900 
_refine.ls_R_factor_R_free                       0.2010 
_refine.ls_R_factor_R_free_error                 ? 
_refine.ls_R_factor_R_free_error_details         ? 
_refine.ls_R_factor_R_work                       0.1890 
_refine.ls_R_Fsqd_factor_obs                     ? 
_refine.ls_R_I_factor_obs                        ? 
_refine.ls_redundancy_reflns_all                 ? 
_refine.ls_redundancy_reflns_obs                 ? 
_refine.ls_restrained_S_all                      ? 
_refine.ls_restrained_S_obs                      ? 
_refine.ls_shift_over_esd_max                    ? 
_refine.ls_shift_over_esd_mean                   ? 
_refine.ls_structure_factor_coef                 ? 
_refine.ls_weighting_details                     ? 
_refine.ls_weighting_scheme                      ? 
_refine.ls_wR_factor_all                         ? 
_refine.ls_wR_factor_obs                         ? 
_refine.ls_wR_factor_R_free                      ? 
_refine.ls_wR_factor_R_work                      ? 
_refine.occupancy_max                            ? 
_refine.occupancy_min                            ? 
_refine.solvent_model_details                    ? 
_refine.solvent_model_param_bsol                 ? 
_refine.solvent_model_param_ksol                 ? 
_refine.pdbx_R_complete                          ? 
_refine.ls_R_factor_gt                           ? 
_refine.ls_goodness_of_fit_gt                    ? 
_refine.ls_goodness_of_fit_ref                   ? 
_refine.ls_shift_over_su_max                     ? 
_refine.ls_shift_over_su_max_lt                  ? 
_refine.ls_shift_over_su_mean                    ? 
_refine.ls_shift_over_su_mean_lt                 ? 
_refine.pdbx_ls_sigma_I                          ? 
_refine.pdbx_ls_sigma_F                          0.000 
_refine.pdbx_ls_sigma_Fsqd                       ? 
_refine.pdbx_data_cutoff_high_absF               ? 
_refine.pdbx_data_cutoff_high_rms_absF           ? 
_refine.pdbx_data_cutoff_low_absF                ? 
_refine.pdbx_isotropic_thermal_model             ? 
_refine.pdbx_ls_cross_valid_method               THROUGHOUT 
_refine.pdbx_method_to_determine_struct          'MOLECULAR REPLACEMENT' 
_refine.pdbx_starting_model                      'previously determined in-house structure' 
_refine.pdbx_stereochemistry_target_values       ? 
_refine.pdbx_R_Free_selection_details            RANDOM 
_refine.pdbx_stereochem_target_val_spec_case     ? 
_refine.pdbx_overall_ESU_R                       ? 
_refine.pdbx_overall_ESU_R_Free                  ? 
_refine.pdbx_solvent_vdw_probe_radii             ? 
_refine.pdbx_solvent_ion_probe_radii             ? 
_refine.pdbx_solvent_shrinkage_radii             ? 
_refine.pdbx_real_space_R                        ? 
_refine.pdbx_density_correlation                 ? 
_refine.pdbx_pd_number_of_powder_patterns        ? 
_refine.pdbx_pd_number_of_points                 ? 
_refine.pdbx_pd_meas_number_of_points            ? 
_refine.pdbx_pd_proc_ls_prof_R_factor            ? 
_refine.pdbx_pd_proc_ls_prof_wR_factor           ? 
_refine.pdbx_pd_Marquardt_correlation_coeff      ? 
_refine.pdbx_pd_Fsqrd_R_factor                   ? 
_refine.pdbx_pd_ls_matrix_band_width             ? 
_refine.pdbx_overall_phase_error                 ? 
_refine.pdbx_overall_SU_R_free_Cruickshank_DPI   0.0380 
_refine.pdbx_overall_SU_R_free_Blow_DPI          0.0390 
_refine.pdbx_overall_SU_R_Blow_DPI               0.0390 
_refine.pdbx_TLS_residual_ADP_flag               ? 
_refine.pdbx_diffrn_id                           1 
_refine.overall_SU_B                             ? 
_refine.overall_SU_ML                            ? 
_refine.overall_SU_R_Cruickshank_DPI             0.0380 
_refine.overall_SU_R_free                        ? 
_refine.overall_FOM_free_R_set                   ? 
_refine.overall_FOM_work_R_set                   ? 
_refine.pdbx_average_fsc_overall                 ? 
_refine.pdbx_average_fsc_work                    ? 
_refine.pdbx_average_fsc_free                    ? 
# 
_refine_analyze.entry_id                        6WFN 
_refine_analyze.pdbx_refine_id                  'X-RAY DIFFRACTION' 
_refine_analyze.Luzzati_coordinate_error_free   ? 
_refine_analyze.Luzzati_coordinate_error_obs    0.140 
_refine_analyze.Luzzati_d_res_low_free          ? 
_refine_analyze.Luzzati_d_res_low_obs           ? 
_refine_analyze.Luzzati_sigma_a_free            ? 
_refine_analyze.Luzzati_sigma_a_free_details    ? 
_refine_analyze.Luzzati_sigma_a_obs             ? 
_refine_analyze.Luzzati_sigma_a_obs_details     ? 
_refine_analyze.number_disordered_residues      ? 
_refine_analyze.occupancy_sum_hydrogen          ? 
_refine_analyze.occupancy_sum_non_hydrogen      ? 
_refine_analyze.RG_d_res_high                   ? 
_refine_analyze.RG_d_res_low                    ? 
_refine_analyze.RG_free                         ? 
_refine_analyze.RG_work                         ? 
_refine_analyze.RG_free_work_ratio              ? 
_refine_analyze.pdbx_Luzzati_d_res_high_obs     ? 
# 
_refine_hist.pdbx_refine_id                   'X-RAY DIFFRACTION' 
_refine_hist.cycle_id                         final 
_refine_hist.details                          ? 
_refine_hist.d_res_high                       1.0700 
_refine_hist.d_res_low                        36.10 
_refine_hist.number_atoms_solvent             180 
_refine_hist.number_atoms_total               1516 
_refine_hist.number_reflns_all                ? 
_refine_hist.number_reflns_obs                ? 
_refine_hist.number_reflns_R_free             ? 
_refine_hist.number_reflns_R_work             ? 
_refine_hist.R_factor_all                     ? 
_refine_hist.R_factor_obs                     ? 
_refine_hist.R_factor_R_free                  ? 
_refine_hist.R_factor_R_work                  ? 
_refine_hist.pdbx_number_residues_total       151 
_refine_hist.pdbx_B_iso_mean_ligand           11.20 
_refine_hist.pdbx_B_iso_mean_solvent          28.19 
_refine_hist.pdbx_number_atoms_protein        1223 
_refine_hist.pdbx_number_atoms_nucleic_acid   0 
_refine_hist.pdbx_number_atoms_ligand         113 
_refine_hist.pdbx_number_atoms_lipid          ? 
_refine_hist.pdbx_number_atoms_carb           ? 
_refine_hist.pdbx_pseudo_atom_details         ? 
# 
loop_
_refine_ls_restr.pdbx_refine_id 
_refine_ls_restr.criterion 
_refine_ls_restr.dev_ideal 
_refine_ls_restr.dev_ideal_target 
_refine_ls_restr.number 
_refine_ls_restr.rejects 
_refine_ls_restr.type 
_refine_ls_restr.weight 
_refine_ls_restr.pdbx_restraint_function 
'X-RAY DIFFRACTION' ? ?      ? 498  ? t_dihedral_angle_d        2.000  SINUSOIDAL   
'X-RAY DIFFRACTION' ? ?      ? ?    ? t_trig_c_planes           ?      ?            
'X-RAY DIFFRACTION' ? ?      ? 257  ? t_gen_planes              5.000  HARMONIC     
'X-RAY DIFFRACTION' ? ?      ? 1387 ? t_it                      20.000 HARMONIC     
'X-RAY DIFFRACTION' ? ?      ? ?    ? t_nbd                     ?      ?            
'X-RAY DIFFRACTION' ? ?      ? ?    ? t_improper_torsion        ?      ?            
'X-RAY DIFFRACTION' ? ?      ? ?    ? t_pseud_angle             ?      ?            
'X-RAY DIFFRACTION' ? ?      ? 174  ? t_chiral_improper_torsion 5.000  SEMIHARMONIC 
'X-RAY DIFFRACTION' ? ?      ? ?    ? t_sum_occupancies         ?      ?            
'X-RAY DIFFRACTION' ? ?      ? ?    ? t_utility_distance        ?      ?            
'X-RAY DIFFRACTION' ? ?      ? ?    ? t_utility_angle           ?      ?            
'X-RAY DIFFRACTION' ? ?      ? ?    ? t_utility_torsion         ?      ?            
'X-RAY DIFFRACTION' ? ?      ? 1758 ? t_ideal_dist_contact      4.000  SEMIHARMONIC 
'X-RAY DIFFRACTION' ? 0.010  ? 1387 ? t_bond_d                  2.000  HARMONIC     
'X-RAY DIFFRACTION' ? 1.120  ? 1911 ? t_angle_deg               2.000  HARMONIC     
'X-RAY DIFFRACTION' ? 4.550  ? ?    ? t_omega_torsion           ?      ?            
'X-RAY DIFFRACTION' ? 14.990 ? ?    ? t_other_torsion           ?      ?            
# 
_refine_ls_shell.pdbx_refine_id                   'X-RAY DIFFRACTION' 
_refine_ls_shell.d_res_high                       1.0700 
_refine_ls_shell.d_res_low                        1.1000 
_refine_ls_shell.number_reflns_all                ? 
_refine_ls_shell.number_reflns_obs                ? 
_refine_ls_shell.number_reflns_R_free             69 
_refine_ls_shell.number_reflns_R_work             1037 
_refine_ls_shell.percent_reflns_obs               20.3000 
_refine_ls_shell.percent_reflns_R_free            6.2400 
_refine_ls_shell.R_factor_all                     ? 
_refine_ls_shell.R_factor_obs                     ? 
_refine_ls_shell.R_factor_R_free                  0.2267 
_refine_ls_shell.R_factor_R_free_error            0.0000 
_refine_ls_shell.R_factor_R_work                  ? 
_refine_ls_shell.redundancy_reflns_all            ? 
_refine_ls_shell.redundancy_reflns_obs            ? 
_refine_ls_shell.wR_factor_all                    ? 
_refine_ls_shell.wR_factor_obs                    ? 
_refine_ls_shell.wR_factor_R_free                 ? 
_refine_ls_shell.wR_factor_R_work                 ? 
_refine_ls_shell.pdbx_R_complete                  ? 
_refine_ls_shell.pdbx_total_number_of_bins_used   ? 
_refine_ls_shell.pdbx_phase_error                 ? 
_refine_ls_shell.pdbx_fsc_work                    ? 
_refine_ls_shell.pdbx_fsc_free                    ? 
# 
_struct.entry_id                     6WFN 
_struct.title                        
;Crystal structure of human Naa50 in complex with AcCoA and an inhibitor (compound 4a) identified using DNA encoded library technology
;
_struct.pdbx_model_details           ? 
_struct.pdbx_formula_weight          ? 
_struct.pdbx_formula_weight_method   ? 
_struct.pdbx_model_type_details      ? 
_struct.pdbx_CASP_flag               N 
# 
_struct_keywords.entry_id        6WFN 
_struct_keywords.text            
'N-alpha-acetyltransferase 50, Inhibitor complex, DNA encoded library, AcCoA, TRANSFERASE, TRANSFERASE-INHIBITOR complex' 
_struct_keywords.pdbx_keywords   TRANSFERASE/INHIBITOR 
# 
loop_
_struct_asym.id 
_struct_asym.pdbx_blank_PDB_chainid_flag 
_struct_asym.pdbx_modified 
_struct_asym.entity_id 
_struct_asym.details 
A N N 1 ? 
B N N 2 ? 
C N N 3 ? 
D N N 4 ? 
# 
_struct_ref.id                         1 
_struct_ref.db_name                    UNP 
_struct_ref.db_code                    NAA50_HUMAN 
_struct_ref.pdbx_db_accession          Q9GZZ1 
_struct_ref.pdbx_db_isoform            ? 
_struct_ref.entity_id                  1 
_struct_ref.pdbx_seq_one_letter_code   
;MKGSRIELGDVTPHNIKQLKRLNQVIFPVSYNDKFYKDVLEVGELAKLAYFNDIAVGAVCCRVDHSQNQKRLYIMTLGCL
APYRRLGIGTKMLNHVLNICEKDGTFDNIYLHVQISNESAIDFYRKFGFEIIETKKNYYKRIEPADAHVLQKNLKVPSGQ
NADVQKTDN
;
_struct_ref.pdbx_align_begin           1 
# 
_struct_ref_seq.align_id                      1 
_struct_ref_seq.ref_id                        1 
_struct_ref_seq.pdbx_PDB_id_code              6WFN 
_struct_ref_seq.pdbx_strand_id                A 
_struct_ref_seq.seq_align_beg                 3 
_struct_ref_seq.pdbx_seq_align_beg_ins_code   ? 
_struct_ref_seq.seq_align_end                 171 
_struct_ref_seq.pdbx_seq_align_end_ins_code   ? 
_struct_ref_seq.pdbx_db_accession             Q9GZZ1 
_struct_ref_seq.db_align_beg                  1 
_struct_ref_seq.pdbx_db_align_beg_ins_code    ? 
_struct_ref_seq.db_align_end                  169 
_struct_ref_seq.pdbx_db_align_end_ins_code    ? 
_struct_ref_seq.pdbx_auth_seq_align_beg       1 
_struct_ref_seq.pdbx_auth_seq_align_end       169 
# 
loop_
_struct_ref_seq_dif.align_id 
_struct_ref_seq_dif.pdbx_pdb_id_code 
_struct_ref_seq_dif.mon_id 
_struct_ref_seq_dif.pdbx_pdb_strand_id 
_struct_ref_seq_dif.seq_num 
_struct_ref_seq_dif.pdbx_pdb_ins_code 
_struct_ref_seq_dif.pdbx_seq_db_name 
_struct_ref_seq_dif.pdbx_seq_db_accession_code 
_struct_ref_seq_dif.db_mon_id 
_struct_ref_seq_dif.pdbx_seq_db_seq_num 
_struct_ref_seq_dif.details 
_struct_ref_seq_dif.pdbx_auth_seq_num 
_struct_ref_seq_dif.pdbx_ordinal 
1 6WFN GLY A 1 ? UNP Q9GZZ1 ? ? 'expression tag' -1 1 
1 6WFN SER A 2 ? UNP Q9GZZ1 ? ? 'expression tag' 0  2 
# 
_pdbx_struct_assembly.id                   1 
_pdbx_struct_assembly.details              author_and_software_defined_assembly 
_pdbx_struct_assembly.method_details       PISA 
_pdbx_struct_assembly.oligomeric_details   monomeric 
_pdbx_struct_assembly.oligomeric_count     1 
# 
_pdbx_struct_assembly_gen.assembly_id       1 
_pdbx_struct_assembly_gen.oper_expression   1 
_pdbx_struct_assembly_gen.asym_id_list      A,B,C,D 
# 
_pdbx_struct_assembly_auth_evidence.id                     1 
_pdbx_struct_assembly_auth_evidence.assembly_id            1 
_pdbx_struct_assembly_auth_evidence.experimental_support   'gel filtration' 
_pdbx_struct_assembly_auth_evidence.details                ? 
# 
_pdbx_struct_oper_list.id                   1 
_pdbx_struct_oper_list.type                 'identity operation' 
_pdbx_struct_oper_list.name                 1_555 
_pdbx_struct_oper_list.symmetry_operation   x,y,z 
_pdbx_struct_oper_list.matrix[1][1]         1.0000000000 
_pdbx_struct_oper_list.matrix[1][2]         0.0000000000 
_pdbx_struct_oper_list.matrix[1][3]         0.0000000000 
_pdbx_struct_oper_list.vector[1]            0.0000000000 
_pdbx_struct_oper_list.matrix[2][1]         0.0000000000 
_pdbx_struct_oper_list.matrix[2][2]         1.0000000000 
_pdbx_struct_oper_list.matrix[2][3]         0.0000000000 
_pdbx_struct_oper_list.vector[2]            0.0000000000 
_pdbx_struct_oper_list.matrix[3][1]         0.0000000000 
_pdbx_struct_oper_list.matrix[3][2]         0.0000000000 
_pdbx_struct_oper_list.matrix[3][3]         1.0000000000 
_pdbx_struct_oper_list.vector[3]            0.0000000000 
# 
loop_
_struct_conf.conf_type_id 
_struct_conf.id 
_struct_conf.pdbx_PDB_helix_id 
_struct_conf.beg_label_comp_id 
_struct_conf.beg_label_asym_id 
_struct_conf.beg_label_seq_id 
_struct_conf.pdbx_beg_PDB_ins_code 
_struct_conf.end_label_comp_id 
_struct_conf.end_label_asym_id 
_struct_conf.end_label_seq_id 
_struct_conf.pdbx_end_PDB_ins_code 
_struct_conf.beg_auth_comp_id 
_struct_conf.beg_auth_asym_id 
_struct_conf.beg_auth_seq_id 
_struct_conf.end_auth_comp_id 
_struct_conf.end_auth_asym_id 
_struct_conf.end_auth_seq_id 
_struct_conf.pdbx_PDB_helix_class 
_struct_conf.details 
_struct_conf.pdbx_PDB_helix_length 
HELX_P HELX_P1 AA1 ASN A 17  ? PHE A 29  ? ASN A 15  PHE A 27  1 ? 13 
HELX_P HELX_P2 AA2 ASN A 34  ? LEU A 42  ? ASN A 32  LEU A 40  1 ? 9  
HELX_P HELX_P3 AA3 GLU A 43  ? GLU A 46  ? GLU A 41  GLU A 44  5 ? 4  
HELX_P HELX_P4 AA4 ALA A 83  ? ARG A 86  ? ALA A 81  ARG A 84  5 ? 4  
HELX_P HELX_P5 AA5 GLY A 89  ? GLY A 106 ? GLY A 87  GLY A 104 1 ? 18 
HELX_P HELX_P6 AA6 ASN A 119 ? LYS A 128 ? ASN A 117 LYS A 126 1 ? 10 
# 
_struct_conf_type.id          HELX_P 
_struct_conf_type.criteria    ? 
_struct_conf_type.reference   ? 
# 
_struct_mon_prot_cis.pdbx_id                1 
_struct_mon_prot_cis.label_comp_id          GLU 
_struct_mon_prot_cis.label_seq_id           145 
_struct_mon_prot_cis.label_asym_id          A 
_struct_mon_prot_cis.label_alt_id           . 
_struct_mon_prot_cis.pdbx_PDB_ins_code      ? 
_struct_mon_prot_cis.auth_comp_id           GLU 
_struct_mon_prot_cis.auth_seq_id            143 
_struct_mon_prot_cis.auth_asym_id           A 
_struct_mon_prot_cis.pdbx_label_comp_id_2   PRO 
_struct_mon_prot_cis.pdbx_label_seq_id_2    146 
_struct_mon_prot_cis.pdbx_label_asym_id_2   A 
_struct_mon_prot_cis.pdbx_PDB_ins_code_2    ? 
_struct_mon_prot_cis.pdbx_auth_comp_id_2    PRO 
_struct_mon_prot_cis.pdbx_auth_seq_id_2     144 
_struct_mon_prot_cis.pdbx_auth_asym_id_2    A 
_struct_mon_prot_cis.pdbx_PDB_model_num     1 
_struct_mon_prot_cis.pdbx_omega_angle       -6.65 
# 
_struct_sheet.id               AA1 
_struct_sheet.type             ? 
_struct_sheet.number_strands   7 
_struct_sheet.details          ? 
# 
loop_
_struct_sheet_order.sheet_id 
_struct_sheet_order.range_id_1 
_struct_sheet_order.range_id_2 
_struct_sheet_order.offset 
_struct_sheet_order.sense 
AA1 1 2 ? anti-parallel 
AA1 2 3 ? anti-parallel 
AA1 3 4 ? anti-parallel 
AA1 4 5 ? parallel      
AA1 5 6 ? anti-parallel 
AA1 6 7 ? anti-parallel 
# 
loop_
_struct_sheet_range.sheet_id 
_struct_sheet_range.id 
_struct_sheet_range.beg_label_comp_id 
_struct_sheet_range.beg_label_asym_id 
_struct_sheet_range.beg_label_seq_id 
_struct_sheet_range.pdbx_beg_PDB_ins_code 
_struct_sheet_range.end_label_comp_id 
_struct_sheet_range.end_label_asym_id 
_struct_sheet_range.end_label_seq_id 
_struct_sheet_range.pdbx_end_PDB_ins_code 
_struct_sheet_range.beg_auth_comp_id 
_struct_sheet_range.beg_auth_asym_id 
_struct_sheet_range.beg_auth_seq_id 
_struct_sheet_range.end_auth_comp_id 
_struct_sheet_range.end_auth_asym_id 
_struct_sheet_range.end_auth_seq_id 
AA1 1 ILE A 8   ? ASP A 12  ? ILE A 6   ASP A 10  
AA1 2 ALA A 48  ? PHE A 53  ? ALA A 46  PHE A 51  
AA1 3 ILE A 56  ? SER A 68  ? ILE A 54  SER A 66  
AA1 4 GLN A 71  ? CYS A 81  ? GLN A 69  CYS A 79  
AA1 5 ASN A 110 ? GLN A 116 ? ASN A 108 GLN A 114 
AA1 6 ALA A 149 ? ASN A 155 ? ALA A 147 ASN A 153 
AA1 7 GLU A 132 ? LYS A 137 ? GLU A 130 LYS A 135 
# 
loop_
_pdbx_struct_sheet_hbond.sheet_id 
_pdbx_struct_sheet_hbond.range_id_1 
_pdbx_struct_sheet_hbond.range_id_2 
_pdbx_struct_sheet_hbond.range_1_label_atom_id 
_pdbx_struct_sheet_hbond.range_1_label_comp_id 
_pdbx_struct_sheet_hbond.range_1_label_asym_id 
_pdbx_struct_sheet_hbond.range_1_label_seq_id 
_pdbx_struct_sheet_hbond.range_1_PDB_ins_code 
_pdbx_struct_sheet_hbond.range_1_auth_atom_id 
_pdbx_struct_sheet_hbond.range_1_auth_comp_id 
_pdbx_struct_sheet_hbond.range_1_auth_asym_id 
_pdbx_struct_sheet_hbond.range_1_auth_seq_id 
_pdbx_struct_sheet_hbond.range_2_label_atom_id 
_pdbx_struct_sheet_hbond.range_2_label_comp_id 
_pdbx_struct_sheet_hbond.range_2_label_asym_id 
_pdbx_struct_sheet_hbond.range_2_label_seq_id 
_pdbx_struct_sheet_hbond.range_2_PDB_ins_code 
_pdbx_struct_sheet_hbond.range_2_auth_atom_id 
_pdbx_struct_sheet_hbond.range_2_auth_comp_id 
_pdbx_struct_sheet_hbond.range_2_auth_asym_id 
_pdbx_struct_sheet_hbond.range_2_auth_seq_id 
AA1 1 2 N GLU A 9   ? N GLU A 7   O TYR A 52  ? O TYR A 50  
AA1 2 3 N ALA A 51  ? N ALA A 49  O VAL A 58  ? O VAL A 56  
AA1 3 4 N ASP A 66  ? N ASP A 64  O ARG A 73  ? O ARG A 71  
AA1 4 5 N LEU A 74  ? N LEU A 72  O TYR A 112 ? O TYR A 110 
AA1 5 6 N VAL A 115 ? N VAL A 113 O HIS A 150 ? O HIS A 148 
AA1 6 7 O ALA A 149 ? O ALA A 147 N LYS A 137 ? N LYS A 135 
# 
loop_
_struct_site.id 
_struct_site.pdbx_evidence_code 
_struct_site.pdbx_auth_asym_id 
_struct_site.pdbx_auth_comp_id 
_struct_site.pdbx_auth_seq_id 
_struct_site.pdbx_auth_ins_code 
_struct_site.pdbx_num_residues 
_struct_site.details 
AC1 Software A ACO 201 ? 34 'binding site for residue ACO A 201' 
AC2 Software A U2J 202 ? 21 'binding site for residue U2J A 202' 
# 
loop_
_struct_site_gen.id 
_struct_site_gen.site_id 
_struct_site_gen.pdbx_num_res 
_struct_site_gen.label_comp_id 
_struct_site_gen.label_asym_id 
_struct_site_gen.label_seq_id 
_struct_site_gen.pdbx_auth_ins_code 
_struct_site_gen.auth_comp_id 
_struct_site_gen.auth_asym_id 
_struct_site_gen.auth_seq_id 
_struct_site_gen.label_atom_id 
_struct_site_gen.label_alt_id 
_struct_site_gen.symmetry 
_struct_site_gen.details 
1  AC1 34 ILE A 28  ? ILE A 26  . ? 1_555 ? 
2  AC1 34 PHE A 29  ? PHE A 27  . ? 1_555 ? 
3  AC1 34 ARG A 64  ? ARG A 62  . ? 1_655 ? 
4  AC1 34 ASP A 66  ? ASP A 64  . ? 1_655 ? 
5  AC1 34 HIS A 67  ? HIS A 65  . ? 1_655 ? 
6  AC1 34 ILE A 76  ? ILE A 74  . ? 1_555 ? 
7  AC1 34 THR A 78  ? THR A 76  . ? 1_555 ? 
8  AC1 34 LEU A 79  ? LEU A 77  . ? 1_555 ? 
9  AC1 34 GLY A 80  ? GLY A 78  . ? 1_555 ? 
10 AC1 34 CYS A 81  ? CYS A 79  . ? 1_555 ? 
11 AC1 34 ARG A 86  ? ARG A 84  . ? 1_555 ? 
12 AC1 34 ARG A 87  ? ARG A 85  . ? 1_555 ? 
13 AC1 34 LEU A 88  ? LEU A 86  . ? 1_555 ? 
14 AC1 34 GLY A 89  ? GLY A 87  . ? 1_555 ? 
15 AC1 34 ILE A 90  ? ILE A 88  . ? 1_555 ? 
16 AC1 34 GLY A 91  ? GLY A 89  . ? 1_555 ? 
17 AC1 34 THR A 92  ? THR A 90  . ? 1_555 ? 
18 AC1 34 ASN A 119 ? ASN A 117 . ? 1_555 ? 
19 AC1 34 SER A 121 ? SER A 119 . ? 1_555 ? 
20 AC1 34 ALA A 122 ? ALA A 120 . ? 1_555 ? 
21 AC1 34 PHE A 125 ? PHE A 123 . ? 1_555 ? 
22 AC1 34 TYR A 126 ? TYR A 124 . ? 1_555 ? 
23 AC1 34 LYS A 128 ? LYS A 126 . ? 1_555 ? 
24 AC1 34 U2J C .   ? U2J A 202 . ? 1_555 ? 
25 AC1 34 HOH D .   ? HOH A 301 . ? 1_555 ? 
26 AC1 34 HOH D .   ? HOH A 304 . ? 1_555 ? 
27 AC1 34 HOH D .   ? HOH A 307 . ? 1_555 ? 
28 AC1 34 HOH D .   ? HOH A 322 . ? 1_555 ? 
29 AC1 34 HOH D .   ? HOH A 333 . ? 1_555 ? 
30 AC1 34 HOH D .   ? HOH A 353 . ? 1_555 ? 
31 AC1 34 HOH D .   ? HOH A 401 . ? 1_555 ? 
32 AC1 34 HOH D .   ? HOH A 402 . ? 1_555 ? 
33 AC1 34 HOH D .   ? HOH A 411 . ? 1_555 ? 
34 AC1 34 HOH D .   ? HOH A 433 . ? 1_555 ? 
35 AC2 21 PHE A 29  ? PHE A 27  . ? 1_555 ? 
36 AC2 21 PRO A 30  ? PRO A 28  . ? 1_555 ? 
37 AC2 21 VAL A 31  ? VAL A 29  . ? 1_555 ? 
38 AC2 21 TYR A 33  ? TYR A 31  . ? 1_555 ? 
39 AC2 21 TYR A 75  ? TYR A 73  . ? 1_555 ? 
40 AC2 21 MET A 77  ? MET A 75  . ? 1_555 ? 
41 AC2 21 ARG A 87  ? ARG A 85  . ? 1_455 ? 
42 AC2 21 HIS A 114 ? HIS A 112 . ? 1_555 ? 
43 AC2 21 VAL A 115 ? VAL A 113 . ? 1_555 ? 
44 AC2 21 GLN A 116 ? GLN A 114 . ? 1_555 ? 
45 AC2 21 TYR A 140 ? TYR A 138 . ? 1_555 ? 
46 AC2 21 TYR A 141 ? TYR A 139 . ? 1_555 ? 
47 AC2 21 LYS A 142 ? LYS A 140 . ? 1_555 ? 
48 AC2 21 ARG A 143 ? ARG A 141 . ? 1_555 ? 
49 AC2 21 ACO B .   ? ACO A 201 . ? 1_555 ? 
50 AC2 21 HOH D .   ? HOH A 310 . ? 1_555 ? 
51 AC2 21 HOH D .   ? HOH A 321 . ? 1_555 ? 
52 AC2 21 HOH D .   ? HOH A 350 . ? 1_555 ? 
53 AC2 21 HOH D .   ? HOH A 360 . ? 1_555 ? 
54 AC2 21 HOH D .   ? HOH A 387 . ? 1_555 ? 
55 AC2 21 HOH D .   ? HOH A 427 . ? 1_555 ? 
# 
_pdbx_entry_details.entry_id                 6WFN 
_pdbx_entry_details.has_ligand_of_interest   Y 
_pdbx_entry_details.compound_details         ? 
_pdbx_entry_details.source_details           ? 
_pdbx_entry_details.nonpolymer_details       ? 
_pdbx_entry_details.sequence_details         ? 
# 
loop_
_pdbx_unobs_or_zero_occ_residues.id 
_pdbx_unobs_or_zero_occ_residues.PDB_model_num 
_pdbx_unobs_or_zero_occ_residues.polymer_flag 
_pdbx_unobs_or_zero_occ_residues.occupancy_flag 
_pdbx_unobs_or_zero_occ_residues.auth_asym_id 
_pdbx_unobs_or_zero_occ_residues.auth_comp_id 
_pdbx_unobs_or_zero_occ_residues.auth_seq_id 
_pdbx_unobs_or_zero_occ_residues.PDB_ins_code 
_pdbx_unobs_or_zero_occ_residues.label_asym_id 
_pdbx_unobs_or_zero_occ_residues.label_comp_id 
_pdbx_unobs_or_zero_occ_residues.label_seq_id 
1  1 Y 1 A GLY -1  ? A GLY 1   
2  1 Y 1 A SER 0   ? A SER 2   
3  1 Y 1 A MET 1   ? A MET 3   
4  1 Y 1 A LYS 2   ? A LYS 4   
5  1 Y 1 A GLY 3   ? A GLY 5   
6  1 Y 1 A LYS 155 ? A LYS 157 
7  1 Y 1 A VAL 156 ? A VAL 158 
8  1 Y 1 A PRO 157 ? A PRO 159 
9  1 Y 1 A SER 158 ? A SER 160 
10 1 Y 1 A GLY 159 ? A GLY 161 
11 1 Y 1 A GLN 160 ? A GLN 162 
12 1 Y 1 A ASN 161 ? A ASN 163 
13 1 Y 1 A ALA 162 ? A ALA 164 
14 1 Y 1 A ASP 163 ? A ASP 165 
15 1 Y 1 A VAL 164 ? A VAL 166 
16 1 Y 1 A GLN 165 ? A GLN 167 
17 1 Y 1 A LYS 166 ? A LYS 168 
18 1 Y 1 A THR 167 ? A THR 169 
19 1 Y 1 A ASP 168 ? A ASP 170 
20 1 Y 1 A ASN 169 ? A ASN 171 
# 
loop_
_chem_comp_atom.comp_id 
_chem_comp_atom.atom_id 
_chem_comp_atom.type_symbol 
_chem_comp_atom.pdbx_aromatic_flag 
_chem_comp_atom.pdbx_stereo_config 
_chem_comp_atom.pdbx_ordinal 
ACO N1A  N Y N 1   
ACO C2A  C Y N 2   
ACO N3A  N Y N 3   
ACO C4A  C Y N 4   
ACO C5A  C Y N 5   
ACO C6A  C Y N 6   
ACO N6A  N N N 7   
ACO N7A  N Y N 8   
ACO C8A  C Y N 9   
ACO N9A  N Y N 10  
ACO C1B  C N R 11  
ACO C2B  C N R 12  
ACO O2B  O N N 13  
ACO C3B  C N S 14  
ACO O3B  O N N 15  
ACO P3B  P N N 16  
ACO O7A  O N N 17  
ACO O8A  O N N 18  
ACO O9A  O N N 19  
ACO C4B  C N R 20  
ACO O4B  O N N 21  
ACO C5B  C N N 22  
ACO O5B  O N N 23  
ACO P1A  P N S 24  
ACO O1A  O N N 25  
ACO O2A  O N N 26  
ACO O3A  O N N 27  
ACO P2A  P N S 28  
ACO O4A  O N N 29  
ACO O5A  O N N 30  
ACO O6A  O N N 31  
ACO CBP  C N N 32  
ACO CCP  C N N 33  
ACO CDP  C N N 34  
ACO CEP  C N N 35  
ACO CAP  C N R 36  
ACO OAP  O N N 37  
ACO C9P  C N N 38  
ACO O9P  O N N 39  
ACO N8P  N N N 40  
ACO C7P  C N N 41  
ACO C6P  C N N 42  
ACO C5P  C N N 43  
ACO O5P  O N N 44  
ACO N4P  N N N 45  
ACO C3P  C N N 46  
ACO C2P  C N N 47  
ACO S1P  S N N 48  
ACO C    C N N 49  
ACO O    O N N 50  
ACO CH3  C N N 51  
ACO H2A  H N N 52  
ACO H61A H N N 53  
ACO H62A H N N 54  
ACO H8A  H N N 55  
ACO H1B  H N N 56  
ACO H2B  H N N 57  
ACO HO2A H N N 58  
ACO H3B  H N N 59  
ACO HOA8 H N N 60  
ACO HOA9 H N N 61  
ACO H4B  H N N 62  
ACO H51A H N N 63  
ACO H52A H N N 64  
ACO HOA2 H N N 65  
ACO HOA5 H N N 66  
ACO H121 H N N 67  
ACO H122 H N N 68  
ACO H131 H N N 69  
ACO H132 H N N 70  
ACO H133 H N N 71  
ACO H141 H N N 72  
ACO H142 H N N 73  
ACO H143 H N N 74  
ACO H10  H N N 75  
ACO HO1  H N N 76  
ACO HN8  H N N 77  
ACO H71  H N N 78  
ACO H72  H N N 79  
ACO H61  H N N 80  
ACO H62  H N N 81  
ACO HN4  H N N 82  
ACO H31  H N N 83  
ACO H32  H N N 84  
ACO H21  H N N 85  
ACO H22  H N N 86  
ACO HH31 H N N 87  
ACO HH32 H N N 88  
ACO HH33 H N N 89  
ALA N    N N N 90  
ALA CA   C N S 91  
ALA C    C N N 92  
ALA O    O N N 93  
ALA CB   C N N 94  
ALA OXT  O N N 95  
ALA H    H N N 96  
ALA H2   H N N 97  
ALA HA   H N N 98  
ALA HB1  H N N 99  
ALA HB2  H N N 100 
ALA HB3  H N N 101 
ALA HXT  H N N 102 
ARG N    N N N 103 
ARG CA   C N S 104 
ARG C    C N N 105 
ARG O    O N N 106 
ARG CB   C N N 107 
ARG CG   C N N 108 
ARG CD   C N N 109 
ARG NE   N N N 110 
ARG CZ   C N N 111 
ARG NH1  N N N 112 
ARG NH2  N N N 113 
ARG OXT  O N N 114 
ARG H    H N N 115 
ARG H2   H N N 116 
ARG HA   H N N 117 
ARG HB2  H N N 118 
ARG HB3  H N N 119 
ARG HG2  H N N 120 
ARG HG3  H N N 121 
ARG HD2  H N N 122 
ARG HD3  H N N 123 
ARG HE   H N N 124 
ARG HH11 H N N 125 
ARG HH12 H N N 126 
ARG HH21 H N N 127 
ARG HH22 H N N 128 
ARG HXT  H N N 129 
ASN N    N N N 130 
ASN CA   C N S 131 
ASN C    C N N 132 
ASN O    O N N 133 
ASN CB   C N N 134 
ASN CG   C N N 135 
ASN OD1  O N N 136 
ASN ND2  N N N 137 
ASN OXT  O N N 138 
ASN H    H N N 139 
ASN H2   H N N 140 
ASN HA   H N N 141 
ASN HB2  H N N 142 
ASN HB3  H N N 143 
ASN HD21 H N N 144 
ASN HD22 H N N 145 
ASN HXT  H N N 146 
ASP N    N N N 147 
ASP CA   C N S 148 
ASP C    C N N 149 
ASP O    O N N 150 
ASP CB   C N N 151 
ASP CG   C N N 152 
ASP OD1  O N N 153 
ASP OD2  O N N 154 
ASP OXT  O N N 155 
ASP H    H N N 156 
ASP H2   H N N 157 
ASP HA   H N N 158 
ASP HB2  H N N 159 
ASP HB3  H N N 160 
ASP HD2  H N N 161 
ASP HXT  H N N 162 
CYS N    N N N 163 
CYS CA   C N R 164 
CYS C    C N N 165 
CYS O    O N N 166 
CYS CB   C N N 167 
CYS SG   S N N 168 
CYS OXT  O N N 169 
CYS H    H N N 170 
CYS H2   H N N 171 
CYS HA   H N N 172 
CYS HB2  H N N 173 
CYS HB3  H N N 174 
CYS HG   H N N 175 
CYS HXT  H N N 176 
GLN N    N N N 177 
GLN CA   C N S 178 
GLN C    C N N 179 
GLN O    O N N 180 
GLN CB   C N N 181 
GLN CG   C N N 182 
GLN CD   C N N 183 
GLN OE1  O N N 184 
GLN NE2  N N N 185 
GLN OXT  O N N 186 
GLN H    H N N 187 
GLN H2   H N N 188 
GLN HA   H N N 189 
GLN HB2  H N N 190 
GLN HB3  H N N 191 
GLN HG2  H N N 192 
GLN HG3  H N N 193 
GLN HE21 H N N 194 
GLN HE22 H N N 195 
GLN HXT  H N N 196 
GLU N    N N N 197 
GLU CA   C N S 198 
GLU C    C N N 199 
GLU O    O N N 200 
GLU CB   C N N 201 
GLU CG   C N N 202 
GLU CD   C N N 203 
GLU OE1  O N N 204 
GLU OE2  O N N 205 
GLU OXT  O N N 206 
GLU H    H N N 207 
GLU H2   H N N 208 
GLU HA   H N N 209 
GLU HB2  H N N 210 
GLU HB3  H N N 211 
GLU HG2  H N N 212 
GLU HG3  H N N 213 
GLU HE2  H N N 214 
GLU HXT  H N N 215 
GLY N    N N N 216 
GLY CA   C N N 217 
GLY C    C N N 218 
GLY O    O N N 219 
GLY OXT  O N N 220 
GLY H    H N N 221 
GLY H2   H N N 222 
GLY HA2  H N N 223 
GLY HA3  H N N 224 
GLY HXT  H N N 225 
HIS N    N N N 226 
HIS CA   C N S 227 
HIS C    C N N 228 
HIS O    O N N 229 
HIS CB   C N N 230 
HIS CG   C Y N 231 
HIS ND1  N Y N 232 
HIS CD2  C Y N 233 
HIS CE1  C Y N 234 
HIS NE2  N Y N 235 
HIS OXT  O N N 236 
HIS H    H N N 237 
HIS H2   H N N 238 
HIS HA   H N N 239 
HIS HB2  H N N 240 
HIS HB3  H N N 241 
HIS HD1  H N N 242 
HIS HD2  H N N 243 
HIS HE1  H N N 244 
HIS HE2  H N N 245 
HIS HXT  H N N 246 
HOH O    O N N 247 
HOH H1   H N N 248 
HOH H2   H N N 249 
ILE N    N N N 250 
ILE CA   C N S 251 
ILE C    C N N 252 
ILE O    O N N 253 
ILE CB   C N S 254 
ILE CG1  C N N 255 
ILE CG2  C N N 256 
ILE CD1  C N N 257 
ILE OXT  O N N 258 
ILE H    H N N 259 
ILE H2   H N N 260 
ILE HA   H N N 261 
ILE HB   H N N 262 
ILE HG12 H N N 263 
ILE HG13 H N N 264 
ILE HG21 H N N 265 
ILE HG22 H N N 266 
ILE HG23 H N N 267 
ILE HD11 H N N 268 
ILE HD12 H N N 269 
ILE HD13 H N N 270 
ILE HXT  H N N 271 
LEU N    N N N 272 
LEU CA   C N S 273 
LEU C    C N N 274 
LEU O    O N N 275 
LEU CB   C N N 276 
LEU CG   C N N 277 
LEU CD1  C N N 278 
LEU CD2  C N N 279 
LEU OXT  O N N 280 
LEU H    H N N 281 
LEU H2   H N N 282 
LEU HA   H N N 283 
LEU HB2  H N N 284 
LEU HB3  H N N 285 
LEU HG   H N N 286 
LEU HD11 H N N 287 
LEU HD12 H N N 288 
LEU HD13 H N N 289 
LEU HD21 H N N 290 
LEU HD22 H N N 291 
LEU HD23 H N N 292 
LEU HXT  H N N 293 
LYS N    N N N 294 
LYS CA   C N S 295 
LYS C    C N N 296 
LYS O    O N N 297 
LYS CB   C N N 298 
LYS CG   C N N 299 
LYS CD   C N N 300 
LYS CE   C N N 301 
LYS NZ   N N N 302 
LYS OXT  O N N 303 
LYS H    H N N 304 
LYS H2   H N N 305 
LYS HA   H N N 306 
LYS HB2  H N N 307 
LYS HB3  H N N 308 
LYS HG2  H N N 309 
LYS HG3  H N N 310 
LYS HD2  H N N 311 
LYS HD3  H N N 312 
LYS HE2  H N N 313 
LYS HE3  H N N 314 
LYS HZ1  H N N 315 
LYS HZ2  H N N 316 
LYS HZ3  H N N 317 
LYS HXT  H N N 318 
MET N    N N N 319 
MET CA   C N S 320 
MET C    C N N 321 
MET O    O N N 322 
MET CB   C N N 323 
MET CG   C N N 324 
MET SD   S N N 325 
MET CE   C N N 326 
MET OXT  O N N 327 
MET H    H N N 328 
MET H2   H N N 329 
MET HA   H N N 330 
MET HB2  H N N 331 
MET HB3  H N N 332 
MET HG2  H N N 333 
MET HG3  H N N 334 
MET HE1  H N N 335 
MET HE2  H N N 336 
MET HE3  H N N 337 
MET HXT  H N N 338 
PHE N    N N N 339 
PHE CA   C N S 340 
PHE C    C N N 341 
PHE O    O N N 342 
PHE CB   C N N 343 
PHE CG   C Y N 344 
PHE CD1  C Y N 345 
PHE CD2  C Y N 346 
PHE CE1  C Y N 347 
PHE CE2  C Y N 348 
PHE CZ   C Y N 349 
PHE OXT  O N N 350 
PHE H    H N N 351 
PHE H2   H N N 352 
PHE HA   H N N 353 
PHE HB2  H N N 354 
PHE HB3  H N N 355 
PHE HD1  H N N 356 
PHE HD2  H N N 357 
PHE HE1  H N N 358 
PHE HE2  H N N 359 
PHE HZ   H N N 360 
PHE HXT  H N N 361 
PRO N    N N N 362 
PRO CA   C N S 363 
PRO C    C N N 364 
PRO O    O N N 365 
PRO CB   C N N 366 
PRO CG   C N N 367 
PRO CD   C N N 368 
PRO OXT  O N N 369 
PRO H    H N N 370 
PRO HA   H N N 371 
PRO HB2  H N N 372 
PRO HB3  H N N 373 
PRO HG2  H N N 374 
PRO HG3  H N N 375 
PRO HD2  H N N 376 
PRO HD3  H N N 377 
PRO HXT  H N N 378 
SER N    N N N 379 
SER CA   C N S 380 
SER C    C N N 381 
SER O    O N N 382 
SER CB   C N N 383 
SER OG   O N N 384 
SER OXT  O N N 385 
SER H    H N N 386 
SER H2   H N N 387 
SER HA   H N N 388 
SER HB2  H N N 389 
SER HB3  H N N 390 
SER HG   H N N 391 
SER HXT  H N N 392 
THR N    N N N 393 
THR CA   C N S 394 
THR C    C N N 395 
THR O    O N N 396 
THR CB   C N R 397 
THR OG1  O N N 398 
THR CG2  C N N 399 
THR OXT  O N N 400 
THR H    H N N 401 
THR H2   H N N 402 
THR HA   H N N 403 
THR HB   H N N 404 
THR HG1  H N N 405 
THR HG21 H N N 406 
THR HG22 H N N 407 
THR HG23 H N N 408 
THR HXT  H N N 409 
TYR N    N N N 410 
TYR CA   C N S 411 
TYR C    C N N 412 
TYR O    O N N 413 
TYR CB   C N N 414 
TYR CG   C Y N 415 
TYR CD1  C Y N 416 
TYR CD2  C Y N 417 
TYR CE1  C Y N 418 
TYR CE2  C Y N 419 
TYR CZ   C Y N 420 
TYR OH   O N N 421 
TYR OXT  O N N 422 
TYR H    H N N 423 
TYR H2   H N N 424 
TYR HA   H N N 425 
TYR HB2  H N N 426 
TYR HB3  H N N 427 
TYR HD1  H N N 428 
TYR HD2  H N N 429 
TYR HE1  H N N 430 
TYR HE2  H N N 431 
TYR HH   H N N 432 
TYR HXT  H N N 433 
U2J C19  C Y N 434 
U2J C21  C Y N 435 
U2J C18  C Y N 436 
U2J C22  C Y N 437 
U2J C7   C Y N 438 
U2J C20  C Y N 439 
U2J C17  C Y N 440 
U2J C6   C Y N 441 
U2J C23  C Y N 442 
U2J C5   C Y N 443 
U2J C13  C N N 444 
U2J C14  C N N 445 
U2J C16  C N N 446 
U2J C8   C N N 447 
U2J C10  C N N 448 
U2J C12  C N N 449 
U2J C4   C N N 450 
U2J C2   C N N 451 
U2J C1   C N S 452 
U2J C11  C N S 453 
U2J C3   C N S 454 
U2J C15  C N N 455 
U2J C9   C N N 456 
U2J N10  N Y N 457 
U2J N2   N Y N 458 
U2J N7   N Y N 459 
U2J N9   N Y N 460 
U2J N8   N Y N 461 
U2J N6   N N N 462 
U2J N5   N N N 463 
U2J N1   N N N 464 
U2J N3   N N N 465 
U2J N4   N N N 466 
U2J O4   O N N 467 
U2J O3   O N N 468 
U2J O5   O N N 469 
U2J O1   O N N 470 
U2J O2   O N N 471 
U2J S1   S Y N 472 
U2J H21  H N N 473 
U2J H22  H N N 474 
U2J H20  H N N 475 
U2J H23  H N N 476 
U2J H7   H N N 477 
U2J H15  H N N 478 
U2J H14  H N N 479 
U2J H5   H N N 480 
U2J H6   H N N 481 
U2J H3   H N N 482 
U2J H2   H N N 483 
U2J H1   H N N 484 
U2J H13  H N N 485 
U2J H4   H N N 486 
U2J H19  H N N 487 
U2J H17  H N N 488 
U2J H18  H N N 489 
U2J H9   H N N 490 
U2J H10  H N N 491 
U2J H11  H N N 492 
U2J H24  H N N 493 
U2J H16  H N N 494 
U2J H8   H N N 495 
U2J H12  H N N 496 
VAL N    N N N 497 
VAL CA   C N S 498 
VAL C    C N N 499 
VAL O    O N N 500 
VAL CB   C N N 501 
VAL CG1  C N N 502 
VAL CG2  C N N 503 
VAL OXT  O N N 504 
VAL H    H N N 505 
VAL H2   H N N 506 
VAL HA   H N N 507 
VAL HB   H N N 508 
VAL HG11 H N N 509 
VAL HG12 H N N 510 
VAL HG13 H N N 511 
VAL HG21 H N N 512 
VAL HG22 H N N 513 
VAL HG23 H N N 514 
VAL HXT  H N N 515 
# 
loop_
_chem_comp_bond.comp_id 
_chem_comp_bond.atom_id_1 
_chem_comp_bond.atom_id_2 
_chem_comp_bond.value_order 
_chem_comp_bond.pdbx_aromatic_flag 
_chem_comp_bond.pdbx_stereo_config 
_chem_comp_bond.pdbx_ordinal 
ACO N1A C2A  sing Y N 1   
ACO N1A C6A  doub Y N 2   
ACO C2A N3A  doub Y N 3   
ACO C2A H2A  sing N N 4   
ACO N3A C4A  sing Y N 5   
ACO C4A C5A  doub Y N 6   
ACO C4A N9A  sing Y N 7   
ACO C5A C6A  sing Y N 8   
ACO C5A N7A  sing Y N 9   
ACO C6A N6A  sing N N 10  
ACO N6A H61A sing N N 11  
ACO N6A H62A sing N N 12  
ACO N7A C8A  doub Y N 13  
ACO C8A N9A  sing Y N 14  
ACO C8A H8A  sing N N 15  
ACO N9A C1B  sing N N 16  
ACO C1B C2B  sing N N 17  
ACO C1B O4B  sing N N 18  
ACO C1B H1B  sing N N 19  
ACO C2B O2B  sing N N 20  
ACO C2B C3B  sing N N 21  
ACO C2B H2B  sing N N 22  
ACO O2B HO2A sing N N 23  
ACO C3B O3B  sing N N 24  
ACO C3B C4B  sing N N 25  
ACO C3B H3B  sing N N 26  
ACO O3B P3B  sing N N 27  
ACO P3B O7A  doub N N 28  
ACO P3B O8A  sing N N 29  
ACO P3B O9A  sing N N 30  
ACO O8A HOA8 sing N N 31  
ACO O9A HOA9 sing N N 32  
ACO C4B O4B  sing N N 33  
ACO C4B C5B  sing N N 34  
ACO C4B H4B  sing N N 35  
ACO C5B O5B  sing N N 36  
ACO C5B H51A sing N N 37  
ACO C5B H52A sing N N 38  
ACO O5B P1A  sing N N 39  
ACO P1A O1A  doub N N 40  
ACO P1A O2A  sing N N 41  
ACO P1A O3A  sing N N 42  
ACO O2A HOA2 sing N N 43  
ACO O3A P2A  sing N N 44  
ACO P2A O4A  doub N N 45  
ACO P2A O5A  sing N N 46  
ACO P2A O6A  sing N N 47  
ACO O5A HOA5 sing N N 48  
ACO O6A CCP  sing N N 49  
ACO CBP CCP  sing N N 50  
ACO CBP CDP  sing N N 51  
ACO CBP CEP  sing N N 52  
ACO CBP CAP  sing N N 53  
ACO CCP H121 sing N N 54  
ACO CCP H122 sing N N 55  
ACO CDP H131 sing N N 56  
ACO CDP H132 sing N N 57  
ACO CDP H133 sing N N 58  
ACO CEP H141 sing N N 59  
ACO CEP H142 sing N N 60  
ACO CEP H143 sing N N 61  
ACO CAP OAP  sing N N 62  
ACO CAP C9P  sing N N 63  
ACO CAP H10  sing N N 64  
ACO OAP HO1  sing N N 65  
ACO C9P O9P  doub N N 66  
ACO C9P N8P  sing N N 67  
ACO N8P C7P  sing N N 68  
ACO N8P HN8  sing N N 69  
ACO C7P C6P  sing N N 70  
ACO C7P H71  sing N N 71  
ACO C7P H72  sing N N 72  
ACO C6P C5P  sing N N 73  
ACO C6P H61  sing N N 74  
ACO C6P H62  sing N N 75  
ACO C5P O5P  doub N N 76  
ACO C5P N4P  sing N N 77  
ACO N4P C3P  sing N N 78  
ACO N4P HN4  sing N N 79  
ACO C3P C2P  sing N N 80  
ACO C3P H31  sing N N 81  
ACO C3P H32  sing N N 82  
ACO C2P S1P  sing N N 83  
ACO C2P H21  sing N N 84  
ACO C2P H22  sing N N 85  
ACO S1P C    sing N N 86  
ACO C   O    doub N N 87  
ACO C   CH3  sing N N 88  
ACO CH3 HH31 sing N N 89  
ACO CH3 HH32 sing N N 90  
ACO CH3 HH33 sing N N 91  
ALA N   CA   sing N N 92  
ALA N   H    sing N N 93  
ALA N   H2   sing N N 94  
ALA CA  C    sing N N 95  
ALA CA  CB   sing N N 96  
ALA CA  HA   sing N N 97  
ALA C   O    doub N N 98  
ALA C   OXT  sing N N 99  
ALA CB  HB1  sing N N 100 
ALA CB  HB2  sing N N 101 
ALA CB  HB3  sing N N 102 
ALA OXT HXT  sing N N 103 
ARG N   CA   sing N N 104 
ARG N   H    sing N N 105 
ARG N   H2   sing N N 106 
ARG CA  C    sing N N 107 
ARG CA  CB   sing N N 108 
ARG CA  HA   sing N N 109 
ARG C   O    doub N N 110 
ARG C   OXT  sing N N 111 
ARG CB  CG   sing N N 112 
ARG CB  HB2  sing N N 113 
ARG CB  HB3  sing N N 114 
ARG CG  CD   sing N N 115 
ARG CG  HG2  sing N N 116 
ARG CG  HG3  sing N N 117 
ARG CD  NE   sing N N 118 
ARG CD  HD2  sing N N 119 
ARG CD  HD3  sing N N 120 
ARG NE  CZ   sing N N 121 
ARG NE  HE   sing N N 122 
ARG CZ  NH1  sing N N 123 
ARG CZ  NH2  doub N N 124 
ARG NH1 HH11 sing N N 125 
ARG NH1 HH12 sing N N 126 
ARG NH2 HH21 sing N N 127 
ARG NH2 HH22 sing N N 128 
ARG OXT HXT  sing N N 129 
ASN N   CA   sing N N 130 
ASN N   H    sing N N 131 
ASN N   H2   sing N N 132 
ASN CA  C    sing N N 133 
ASN CA  CB   sing N N 134 
ASN CA  HA   sing N N 135 
ASN C   O    doub N N 136 
ASN C   OXT  sing N N 137 
ASN CB  CG   sing N N 138 
ASN CB  HB2  sing N N 139 
ASN CB  HB3  sing N N 140 
ASN CG  OD1  doub N N 141 
ASN CG  ND2  sing N N 142 
ASN ND2 HD21 sing N N 143 
ASN ND2 HD22 sing N N 144 
ASN OXT HXT  sing N N 145 
ASP N   CA   sing N N 146 
ASP N   H    sing N N 147 
ASP N   H2   sing N N 148 
ASP CA  C    sing N N 149 
ASP CA  CB   sing N N 150 
ASP CA  HA   sing N N 151 
ASP C   O    doub N N 152 
ASP C   OXT  sing N N 153 
ASP CB  CG   sing N N 154 
ASP CB  HB2  sing N N 155 
ASP CB  HB3  sing N N 156 
ASP CG  OD1  doub N N 157 
ASP CG  OD2  sing N N 158 
ASP OD2 HD2  sing N N 159 
ASP OXT HXT  sing N N 160 
CYS N   CA   sing N N 161 
CYS N   H    sing N N 162 
CYS N   H2   sing N N 163 
CYS CA  C    sing N N 164 
CYS CA  CB   sing N N 165 
CYS CA  HA   sing N N 166 
CYS C   O    doub N N 167 
CYS C   OXT  sing N N 168 
CYS CB  SG   sing N N 169 
CYS CB  HB2  sing N N 170 
CYS CB  HB3  sing N N 171 
CYS SG  HG   sing N N 172 
CYS OXT HXT  sing N N 173 
GLN N   CA   sing N N 174 
GLN N   H    sing N N 175 
GLN N   H2   sing N N 176 
GLN CA  C    sing N N 177 
GLN CA  CB   sing N N 178 
GLN CA  HA   sing N N 179 
GLN C   O    doub N N 180 
GLN C   OXT  sing N N 181 
GLN CB  CG   sing N N 182 
GLN CB  HB2  sing N N 183 
GLN CB  HB3  sing N N 184 
GLN CG  CD   sing N N 185 
GLN CG  HG2  sing N N 186 
GLN CG  HG3  sing N N 187 
GLN CD  OE1  doub N N 188 
GLN CD  NE2  sing N N 189 
GLN NE2 HE21 sing N N 190 
GLN NE2 HE22 sing N N 191 
GLN OXT HXT  sing N N 192 
GLU N   CA   sing N N 193 
GLU N   H    sing N N 194 
GLU N   H2   sing N N 195 
GLU CA  C    sing N N 196 
GLU CA  CB   sing N N 197 
GLU CA  HA   sing N N 198 
GLU C   O    doub N N 199 
GLU C   OXT  sing N N 200 
GLU CB  CG   sing N N 201 
GLU CB  HB2  sing N N 202 
GLU CB  HB3  sing N N 203 
GLU CG  CD   sing N N 204 
GLU CG  HG2  sing N N 205 
GLU CG  HG3  sing N N 206 
GLU CD  OE1  doub N N 207 
GLU CD  OE2  sing N N 208 
GLU OE2 HE2  sing N N 209 
GLU OXT HXT  sing N N 210 
GLY N   CA   sing N N 211 
GLY N   H    sing N N 212 
GLY N   H2   sing N N 213 
GLY CA  C    sing N N 214 
GLY CA  HA2  sing N N 215 
GLY CA  HA3  sing N N 216 
GLY C   O    doub N N 217 
GLY C   OXT  sing N N 218 
GLY OXT HXT  sing N N 219 
HIS N   CA   sing N N 220 
HIS N   H    sing N N 221 
HIS N   H2   sing N N 222 
HIS CA  C    sing N N 223 
HIS CA  CB   sing N N 224 
HIS CA  HA   sing N N 225 
HIS C   O    doub N N 226 
HIS C   OXT  sing N N 227 
HIS CB  CG   sing N N 228 
HIS CB  HB2  sing N N 229 
HIS CB  HB3  sing N N 230 
HIS CG  ND1  sing Y N 231 
HIS CG  CD2  doub Y N 232 
HIS ND1 CE1  doub Y N 233 
HIS ND1 HD1  sing N N 234 
HIS CD2 NE2  sing Y N 235 
HIS CD2 HD2  sing N N 236 
HIS CE1 NE2  sing Y N 237 
HIS CE1 HE1  sing N N 238 
HIS NE2 HE2  sing N N 239 
HIS OXT HXT  sing N N 240 
HOH O   H1   sing N N 241 
HOH O   H2   sing N N 242 
ILE N   CA   sing N N 243 
ILE N   H    sing N N 244 
ILE N   H2   sing N N 245 
ILE CA  C    sing N N 246 
ILE CA  CB   sing N N 247 
ILE CA  HA   sing N N 248 
ILE C   O    doub N N 249 
ILE C   OXT  sing N N 250 
ILE CB  CG1  sing N N 251 
ILE CB  CG2  sing N N 252 
ILE CB  HB   sing N N 253 
ILE CG1 CD1  sing N N 254 
ILE CG1 HG12 sing N N 255 
ILE CG1 HG13 sing N N 256 
ILE CG2 HG21 sing N N 257 
ILE CG2 HG22 sing N N 258 
ILE CG2 HG23 sing N N 259 
ILE CD1 HD11 sing N N 260 
ILE CD1 HD12 sing N N 261 
ILE CD1 HD13 sing N N 262 
ILE OXT HXT  sing N N 263 
LEU N   CA   sing N N 264 
LEU N   H    sing N N 265 
LEU N   H2   sing N N 266 
LEU CA  C    sing N N 267 
LEU CA  CB   sing N N 268 
LEU CA  HA   sing N N 269 
LEU C   O    doub N N 270 
LEU C   OXT  sing N N 271 
LEU CB  CG   sing N N 272 
LEU CB  HB2  sing N N 273 
LEU CB  HB3  sing N N 274 
LEU CG  CD1  sing N N 275 
LEU CG  CD2  sing N N 276 
LEU CG  HG   sing N N 277 
LEU CD1 HD11 sing N N 278 
LEU CD1 HD12 sing N N 279 
LEU CD1 HD13 sing N N 280 
LEU CD2 HD21 sing N N 281 
LEU CD2 HD22 sing N N 282 
LEU CD2 HD23 sing N N 283 
LEU OXT HXT  sing N N 284 
LYS N   CA   sing N N 285 
LYS N   H    sing N N 286 
LYS N   H2   sing N N 287 
LYS CA  C    sing N N 288 
LYS CA  CB   sing N N 289 
LYS CA  HA   sing N N 290 
LYS C   O    doub N N 291 
LYS C   OXT  sing N N 292 
LYS CB  CG   sing N N 293 
LYS CB  HB2  sing N N 294 
LYS CB  HB3  sing N N 295 
LYS CG  CD   sing N N 296 
LYS CG  HG2  sing N N 297 
LYS CG  HG3  sing N N 298 
LYS CD  CE   sing N N 299 
LYS CD  HD2  sing N N 300 
LYS CD  HD3  sing N N 301 
LYS CE  NZ   sing N N 302 
LYS CE  HE2  sing N N 303 
LYS CE  HE3  sing N N 304 
LYS NZ  HZ1  sing N N 305 
LYS NZ  HZ2  sing N N 306 
LYS NZ  HZ3  sing N N 307 
LYS OXT HXT  sing N N 308 
MET N   CA   sing N N 309 
MET N   H    sing N N 310 
MET N   H2   sing N N 311 
MET CA  C    sing N N 312 
MET CA  CB   sing N N 313 
MET CA  HA   sing N N 314 
MET C   O    doub N N 315 
MET C   OXT  sing N N 316 
MET CB  CG   sing N N 317 
MET CB  HB2  sing N N 318 
MET CB  HB3  sing N N 319 
MET CG  SD   sing N N 320 
MET CG  HG2  sing N N 321 
MET CG  HG3  sing N N 322 
MET SD  CE   sing N N 323 
MET CE  HE1  sing N N 324 
MET CE  HE2  sing N N 325 
MET CE  HE3  sing N N 326 
MET OXT HXT  sing N N 327 
PHE N   CA   sing N N 328 
PHE N   H    sing N N 329 
PHE N   H2   sing N N 330 
PHE CA  C    sing N N 331 
PHE CA  CB   sing N N 332 
PHE CA  HA   sing N N 333 
PHE C   O    doub N N 334 
PHE C   OXT  sing N N 335 
PHE CB  CG   sing N N 336 
PHE CB  HB2  sing N N 337 
PHE CB  HB3  sing N N 338 
PHE CG  CD1  doub Y N 339 
PHE CG  CD2  sing Y N 340 
PHE CD1 CE1  sing Y N 341 
PHE CD1 HD1  sing N N 342 
PHE CD2 CE2  doub Y N 343 
PHE CD2 HD2  sing N N 344 
PHE CE1 CZ   doub Y N 345 
PHE CE1 HE1  sing N N 346 
PHE CE2 CZ   sing Y N 347 
PHE CE2 HE2  sing N N 348 
PHE CZ  HZ   sing N N 349 
PHE OXT HXT  sing N N 350 
PRO N   CA   sing N N 351 
PRO N   CD   sing N N 352 
PRO N   H    sing N N 353 
PRO CA  C    sing N N 354 
PRO CA  CB   sing N N 355 
PRO CA  HA   sing N N 356 
PRO C   O    doub N N 357 
PRO C   OXT  sing N N 358 
PRO CB  CG   sing N N 359 
PRO CB  HB2  sing N N 360 
PRO CB  HB3  sing N N 361 
PRO CG  CD   sing N N 362 
PRO CG  HG2  sing N N 363 
PRO CG  HG3  sing N N 364 
PRO CD  HD2  sing N N 365 
PRO CD  HD3  sing N N 366 
PRO OXT HXT  sing N N 367 
SER N   CA   sing N N 368 
SER N   H    sing N N 369 
SER N   H2   sing N N 370 
SER CA  C    sing N N 371 
SER CA  CB   sing N N 372 
SER CA  HA   sing N N 373 
SER C   O    doub N N 374 
SER C   OXT  sing N N 375 
SER CB  OG   sing N N 376 
SER CB  HB2  sing N N 377 
SER CB  HB3  sing N N 378 
SER OG  HG   sing N N 379 
SER OXT HXT  sing N N 380 
THR N   CA   sing N N 381 
THR N   H    sing N N 382 
THR N   H2   sing N N 383 
THR CA  C    sing N N 384 
THR CA  CB   sing N N 385 
THR CA  HA   sing N N 386 
THR C   O    doub N N 387 
THR C   OXT  sing N N 388 
THR CB  OG1  sing N N 389 
THR CB  CG2  sing N N 390 
THR CB  HB   sing N N 391 
THR OG1 HG1  sing N N 392 
THR CG2 HG21 sing N N 393 
THR CG2 HG22 sing N N 394 
THR CG2 HG23 sing N N 395 
THR OXT HXT  sing N N 396 
TYR N   CA   sing N N 397 
TYR N   H    sing N N 398 
TYR N   H2   sing N N 399 
TYR CA  C    sing N N 400 
TYR CA  CB   sing N N 401 
TYR CA  HA   sing N N 402 
TYR C   O    doub N N 403 
TYR C   OXT  sing N N 404 
TYR CB  CG   sing N N 405 
TYR CB  HB2  sing N N 406 
TYR CB  HB3  sing N N 407 
TYR CG  CD1  doub Y N 408 
TYR CG  CD2  sing Y N 409 
TYR CD1 CE1  sing Y N 410 
TYR CD1 HD1  sing N N 411 
TYR CD2 CE2  doub Y N 412 
TYR CD2 HD2  sing N N 413 
TYR CE1 CZ   doub Y N 414 
TYR CE1 HE1  sing N N 415 
TYR CE2 CZ   sing Y N 416 
TYR CE2 HE2  sing N N 417 
TYR CZ  OH   sing N N 418 
TYR OH  HH   sing N N 419 
TYR OXT HXT  sing N N 420 
U2J O3  C14  doub N N 421 
U2J C15 N5   sing N N 422 
U2J C14 N5   sing N N 423 
U2J C14 N6   sing N N 424 
U2J N5  C13  sing N N 425 
U2J C13 O4   doub N N 426 
U2J C13 C12  sing N N 427 
U2J N6  C11  sing N N 428 
U2J C12 C11  sing N N 429 
U2J C11 C10  sing N N 430 
U2J O2  C10  doub N N 431 
U2J C10 N4   sing N N 432 
U2J N9  N8   doub Y N 433 
U2J N9  N10  sing Y N 434 
U2J N8  N7   sing Y N 435 
U2J N10 C23  sing Y N 436 
U2J N4  C3   sing N N 437 
U2J N7  C23  doub Y N 438 
U2J C23 C20  sing N N 439 
U2J C20 C19  doub Y N 440 
U2J C20 C21  sing Y N 441 
U2J C3  C2   sing N N 442 
U2J C3  C4   sing N N 443 
U2J C2  N1   sing N N 444 
U2J C19 C18  sing Y N 445 
U2J C21 C22  doub Y N 446 
U2J C18 C17  doub Y N 447 
U2J C22 C17  sing Y N 448 
U2J C4  C1   sing N N 449 
U2J C17 C16  sing N N 450 
U2J N1  C16  sing N N 451 
U2J N1  C1   sing N N 452 
U2J C16 O5   doub N N 453 
U2J C1  C5   sing N N 454 
U2J S1  C5   sing Y N 455 
U2J S1  C7   sing Y N 456 
U2J C5  N2   doub Y N 457 
U2J N2  C6   sing Y N 458 
U2J C7  C6   doub Y N 459 
U2J C6  C8   sing N N 460 
U2J C8  N3   sing N N 461 
U2J C8  O1   doub N N 462 
U2J N3  C9   sing N N 463 
U2J C19 H21  sing N N 464 
U2J C21 H22  sing N N 465 
U2J C18 H20  sing N N 466 
U2J C22 H23  sing N N 467 
U2J C7  H7   sing N N 468 
U2J C12 H15  sing N N 469 
U2J C12 H14  sing N N 470 
U2J C4  H5   sing N N 471 
U2J C4  H6   sing N N 472 
U2J C2  H3   sing N N 473 
U2J C2  H2   sing N N 474 
U2J C1  H1   sing N N 475 
U2J C11 H13  sing N N 476 
U2J C3  H4   sing N N 477 
U2J C15 H19  sing N N 478 
U2J C15 H17  sing N N 479 
U2J C15 H18  sing N N 480 
U2J C9  H9   sing N N 481 
U2J C9  H10  sing N N 482 
U2J C9  H11  sing N N 483 
U2J N10 H24  sing N N 484 
U2J N6  H16  sing N N 485 
U2J N3  H8   sing N N 486 
U2J N4  H12  sing N N 487 
VAL N   CA   sing N N 488 
VAL N   H    sing N N 489 
VAL N   H2   sing N N 490 
VAL CA  C    sing N N 491 
VAL CA  CB   sing N N 492 
VAL CA  HA   sing N N 493 
VAL C   O    doub N N 494 
VAL C   OXT  sing N N 495 
VAL CB  CG1  sing N N 496 
VAL CB  CG2  sing N N 497 
VAL CB  HB   sing N N 498 
VAL CG1 HG11 sing N N 499 
VAL CG1 HG12 sing N N 500 
VAL CG1 HG13 sing N N 501 
VAL CG2 HG21 sing N N 502 
VAL CG2 HG22 sing N N 503 
VAL CG2 HG23 sing N N 504 
VAL OXT HXT  sing N N 505 
# 
_pdbx_entity_instance_feature.ordinal        1 
_pdbx_entity_instance_feature.comp_id        U2J 
_pdbx_entity_instance_feature.asym_id        ? 
_pdbx_entity_instance_feature.seq_num        ? 
_pdbx_entity_instance_feature.auth_comp_id   U2J 
_pdbx_entity_instance_feature.auth_asym_id   ? 
_pdbx_entity_instance_feature.auth_seq_num   ? 
_pdbx_entity_instance_feature.feature_type   'SUBJECT OF INVESTIGATION' 
_pdbx_entity_instance_feature.details        ? 
# 
_pdbx_initial_refinement_model.accession_code   ? 
_pdbx_initial_refinement_model.id               1 
_pdbx_initial_refinement_model.entity_id_list   ? 
_pdbx_initial_refinement_model.type             'experimental model' 
_pdbx_initial_refinement_model.source_name      Other 
_pdbx_initial_refinement_model.details          'previously determined in-house structure' 
# 
_atom_sites.entry_id                    6WFN 
_atom_sites.Cartn_transf_matrix[1][1]   ? 
_atom_sites.Cartn_transf_matrix[1][2]   ? 
_atom_sites.Cartn_transf_matrix[1][3]   ? 
_atom_sites.Cartn_transf_matrix[2][1]   ? 
_atom_sites.Cartn_transf_matrix[2][2]   ? 
_atom_sites.Cartn_transf_matrix[2][3]   ? 
_atom_sites.Cartn_transf_matrix[3][1]   ? 
_atom_sites.Cartn_transf_matrix[3][2]   ? 
_atom_sites.Cartn_transf_matrix[3][3]   ? 
_atom_sites.Cartn_transf_vector[1]      ? 
_atom_sites.Cartn_transf_vector[2]      ? 
_atom_sites.Cartn_transf_vector[3]      ? 
_atom_sites.fract_transf_matrix[1][1]   -0.00338722 
_atom_sites.fract_transf_matrix[1][2]   -0.00227012 
_atom_sites.fract_transf_matrix[1][3]   0.03092071 
_atom_sites.fract_transf_matrix[2][1]   -0.01279640 
_atom_sites.fract_transf_matrix[2][2]   0.00949347 
_atom_sites.fract_transf_matrix[2][3]   -0.00070480 
_atom_sites.fract_transf_matrix[3][1]   -0.01623417 
_atom_sites.fract_transf_matrix[3][2]   -0.02137506 
_atom_sites.fract_transf_matrix[3][3]   0.00683244 
_atom_sites.fract_transf_vector[1]      0.391287 
_atom_sites.fract_transf_vector[2]      0.001101 
_atom_sites.fract_transf_vector[3]      0.328254 
_atom_sites.solution_primary            ? 
_atom_sites.solution_secondary          ? 
_atom_sites.solution_hydrogens          ? 
_atom_sites.special_details             ? 
# 
loop_
_atom_type.symbol 
C 
H 
N 
O 
P 
S 
# 
loop_
_atom_site.group_PDB 
_atom_site.id 
_atom_site.type_symbol 
_atom_site.label_atom_id 
_atom_site.label_alt_id 
_atom_site.label_comp_id 
_atom_site.label_asym_id 
_atom_site.label_entity_id 
_atom_site.label_seq_id 
_atom_site.pdbx_PDB_ins_code 
_atom_site.Cartn_x 
_atom_site.Cartn_y 
_atom_site.Cartn_z 
_atom_site.occupancy 
_atom_site.B_iso_or_equiv 
_atom_site.pdbx_formal_charge 
_atom_site.auth_seq_id 
_atom_site.auth_comp_id 
_atom_site.auth_asym_id 
_atom_site.auth_atom_id 
_atom_site.pdbx_PDB_model_num 
ATOM   1    N N   . SER A 1 6   ? -8.596  13.061  17.566  1.00 16.49 ? 4   SER A N   1 
ATOM   2    C CA  . SER A 1 6   ? -8.730  13.685  16.259  1.00 14.39 ? 4   SER A CA  1 
ATOM   3    C C   . SER A 1 6   ? -9.568  12.880  15.262  1.00 13.60 ? 4   SER A C   1 
ATOM   4    O O   . SER A 1 6   ? -9.809  11.689  15.399  1.00 14.39 ? 4   SER A O   1 
ATOM   5    C CB  . SER A 1 6   ? -7.351  13.964  15.665  1.00 14.81 ? 4   SER A CB  1 
ATOM   6    O OG  . SER A 1 6   ? -6.651  14.945  16.413  1.00 17.85 ? 4   SER A OG  1 
ATOM   7    N N   . ARG A 1 7   ? -9.973  13.560  14.197  1.00 10.61 ? 5   ARG A N   1 
ATOM   8    C CA  . ARG A 1 7   ? -10.761 12.922  13.153  1.00 9.68  ? 5   ARG A CA  1 
ATOM   9    C C   . ARG A 1 7   ? -9.803  12.208  12.225  1.00 11.87 ? 5   ARG A C   1 
ATOM   10   O O   . ARG A 1 7   ? -8.973  12.861  11.603  1.00 12.44 ? 5   ARG A O   1 
ATOM   11   C CB  . ARG A 1 7   ? -11.545 13.949  12.373  1.00 10.48 ? 5   ARG A CB  1 
ATOM   12   C CG  . ARG A 1 7   ? -12.666 14.568  13.203  1.00 12.93 ? 5   ARG A CG  1 
ATOM   13   C CD  . ARG A 1 7   ? -13.438 15.633  12.440  1.00 14.36 ? 5   ARG A CD  1 
ATOM   14   N NE  . ARG A 1 7   ? -12.575 16.691  11.897  1.00 14.29 ? 5   ARG A NE  1 
ATOM   15   C CZ  . ARG A 1 7   ? -12.084 17.706  12.596  1.00 24.06 ? 5   ARG A CZ  1 
ATOM   16   N NH1 . ARG A 1 7   ? -12.406 17.859  13.878  1.00 24.61 ? 5   ARG A NH1 1 
ATOM   17   N NH2 . ARG A 1 7   ? -11.263 18.575  12.023  1.00 19.92 ? 5   ARG A NH2 1 
ATOM   18   N N   . ILE A 1 8   ? -9.871  10.882  12.182  1.00 10.19 ? 6   ILE A N   1 
ATOM   19   C CA  . ILE A 1 8   ? -9.014  10.074  11.320  1.00 9.95  ? 6   ILE A CA  1 
ATOM   20   C C   . ILE A 1 8   ? -9.923  9.287   10.418  1.00 10.95 ? 6   ILE A C   1 
ATOM   21   O O   . ILE A 1 8   ? -10.768 8.513   10.900  1.00 11.91 ? 6   ILE A O   1 
ATOM   22   C CB  . ILE A 1 8   ? -8.067  9.172   12.138  1.00 12.46 ? 6   ILE A CB  1 
ATOM   23   C CG1 . ILE A 1 8   ? -7.142  10.045  12.994  1.00 13.77 ? 6   ILE A CG1 1 
ATOM   24   C CG2 . ILE A 1 8   ? -7.275  8.239   11.205  1.00 14.98 ? 6   ILE A CG2 1 
ATOM   25   C CD1 . ILE A 1 8   ? -6.284  9.222   14.036  1.00 18.02 ? 6   ILE A CD1 1 
ATOM   26   N N   . GLU A 1 9   ? -9.831  9.520   9.118   1.00 10.45 ? 7   GLU A N   1 
ATOM   27   C CA  . GLU A 1 9   ? -10.703 8.820   8.203   1.00 11.56 ? 7   GLU A CA  1 
ATOM   28   C C   . GLU A 1 9   ? -10.094 8.755   6.830   1.00 10.13 ? 7   GLU A C   1 
ATOM   29   O O   . GLU A 1 9   ? -9.028  9.325   6.588   1.00 11.96 ? 7   GLU A O   1 
ATOM   30   C CB  . GLU A 1 9   ? -12.073 9.484   8.184   1.00 13.77 ? 7   GLU A CB  1 
ATOM   31   C CG  . GLU A 1 9   ? -11.977 10.873  7.615   1.00 13.73 ? 7   GLU A CG  1 
ATOM   32   C CD  . GLU A 1 9   ? -13.125 11.797  7.977   1.00 28.65 ? 7   GLU A CD  1 
ATOM   33   O OE1 . GLU A 1 9   ? -13.618 12.512  7.075   1.00 28.54 ? 7   GLU A OE1 1 
ATOM   34   O OE2 . GLU A 1 9   ? -13.536 11.806  9.159   1.00 27.22 ? 7   GLU A OE2 1 
ATOM   35   N N   . LEU A 1 10  ? -10.767 8.057   5.926   1.00 8.21  ? 8   LEU A N   1 
ATOM   36   C CA  . LEU A 1 10  ? -10.285 7.905   4.564   1.00 7.91  ? 8   LEU A CA  1 
ATOM   37   C C   . LEU A 1 10  ? -11.049 8.765   3.601   1.00 9.29  ? 8   LEU A C   1 
ATOM   38   O O   . LEU A 1 10  ? -12.120 9.296   3.942   1.00 9.66  ? 8   LEU A O   1 
ATOM   39   C CB  . LEU A 1 10  ? -10.369 6.438   4.140   1.00 8.84  ? 8   LEU A CB  1 
ATOM   40   C CG  . LEU A 1 10  ? -9.660  5.450   5.068   1.00 10.49 ? 8   LEU A CG  1 
ATOM   41   C CD1 . LEU A 1 10  ? -9.793  4.034   4.526   1.00 13.18 ? 8   LEU A CD1 1 
ATOM   42   C CD2 . LEU A 1 10  ? -8.178  5.805   5.296   1.00 10.06 ? 8   LEU A CD2 1 
ATOM   43   N N   . GLY A 1 11  ? -10.554 8.883   2.395   1.00 8.39  ? 9   GLY A N   1 
ATOM   44   C CA  . GLY A 1 11  ? -11.234 9.581   1.321   1.00 8.97  ? 9   GLY A CA  1 
ATOM   45   C C   . GLY A 1 11  ? -10.730 9.067   -0.003  1.00 9.07  ? 9   GLY A C   1 
ATOM   46   O O   . GLY A 1 11  ? -9.726  8.342   -0.079  1.00 9.39  ? 9   GLY A O   1 
ATOM   47   N N   . ASP A 1 12  ? -11.424 9.398   -1.072  1.00 9.26  ? 10  ASP A N   1 
ATOM   48   C CA  . ASP A 1 12  ? -11.024 8.936   -2.403  1.00 9.52  ? 10  ASP A CA  1 
ATOM   49   C C   . ASP A 1 12  ? -9.839  9.671   -2.921  1.00 10.38 ? 10  ASP A C   1 
ATOM   50   O O   . ASP A 1 12  ? -9.586  10.813  -2.561  1.00 11.12 ? 10  ASP A O   1 
ATOM   51   C CB  . ASP A 1 12  ? -12.179 9.169   -3.390  1.00 11.55 ? 10  ASP A CB  1 
ATOM   52   C CG  . ASP A 1 12  ? -13.390 8.299   -3.170  1.00 15.79 ? 10  ASP A CG  1 
ATOM   53   O OD1 . ASP A 1 12  ? -13.289 7.312   -2.434  1.00 16.03 ? 10  ASP A OD1 1 
ATOM   54   O OD2 . ASP A 1 12  ? -14.435 8.574   -3.802  1.00 21.43 ? 10  ASP A OD2 1 
ATOM   55   N N   . VAL A 1 13  ? -9.123  9.005   -3.816  1.00 9.69  ? 11  VAL A N   1 
ATOM   56   C CA  . VAL A 1 13  ? -8.132  9.639   -4.674  1.00 10.20 ? 11  VAL A CA  1 
ATOM   57   C C   . VAL A 1 13  ? -8.945  10.034  -5.906  1.00 13.06 ? 11  VAL A C   1 
ATOM   58   O O   . VAL A 1 13  ? -9.646  9.199   -6.504  1.00 13.58 ? 11  VAL A O   1 
ATOM   59   C CB  . VAL A 1 13  ? -6.965  8.726   -5.039  1.00 12.10 ? 11  VAL A CB  1 
ATOM   60   C CG1 . VAL A 1 13  ? -6.002  9.435   -6.001  1.00 12.72 ? 11  VAL A CG1 1 
ATOM   61   C CG2 . VAL A 1 13  ? -6.233  8.235   -3.792  1.00 12.45 ? 11  VAL A CG2 1 
ATOM   62   N N   . THR A 1 14  ? -8.902  11.319  -6.247  1.00 12.39 ? 12  THR A N   1 
ATOM   63   C CA  . THR A 1 14  ? -9.708  11.810  -7.361  1.00 13.44 ? 12  THR A CA  1 
ATOM   64   C C   . THR A 1 14  ? -8.814  12.563  -8.310  1.00 15.37 ? 12  THR A C   1 
ATOM   65   O O   . THR A 1 14  ? -7.728  12.978  -7.926  1.00 12.85 ? 12  THR A O   1 
ATOM   66   C CB  . THR A 1 14  ? -10.821 12.754  -6.853  1.00 17.37 ? 12  THR A CB  1 
ATOM   67   O OG1 . THR A 1 14  ? -10.191 13.951  -6.418  1.00 17.50 ? 12  THR A OG1 1 
ATOM   68   C CG2 . THR A 1 14  ? -11.695 12.133  -5.745  1.00 18.84 ? 12  THR A CG2 1 
ATOM   69   N N   . PRO A 1 15  ? -9.296  12.874  -9.540  1.00 17.26 ? 13  PRO A N   1 
ATOM   70   C CA  . PRO A 1 15  ? -8.487  13.705  -10.426 1.00 18.83 ? 13  PRO A CA  1 
ATOM   71   C C   . PRO A 1 15  ? -8.182  15.063  -9.759  1.00 23.13 ? 13  PRO A C   1 
ATOM   72   O O   . PRO A 1 15  ? -7.091  15.581  -9.933  1.00 22.54 ? 13  PRO A O   1 
ATOM   73   C CB  . PRO A 1 15  ? -9.375  13.827  -11.671 1.00 20.37 ? 13  PRO A CB  1 
ATOM   74   C CG  . PRO A 1 15  ? -10.266 12.629  -11.644 1.00 25.42 ? 13  PRO A CG  1 
ATOM   75   C CD  . PRO A 1 15  ? -10.574 12.499  -10.184 1.00 20.88 ? 13  PRO A CD  1 
ATOM   76   N N   . HIS A 1 16  ? -9.106  15.582  -8.918  1.00 20.88 ? 14  HIS A N   1 
ATOM   77   C CA  . HIS A 1 16  ? -8.926  16.858  -8.216  1.00 22.77 ? 14  HIS A CA  1 
ATOM   78   C C   . HIS A 1 16  ? -7.878  16.827  -7.084  1.00 24.61 ? 14  HIS A C   1 
ATOM   79   O O   . HIS A 1 16  ? -7.345  17.881  -6.717  1.00 25.20 ? 14  HIS A O   1 
ATOM   80   C CB  . HIS A 1 16  ? -10.280 17.358  -7.675  1.00 25.70 ? 14  HIS A CB  1 
ATOM   81   C CG  . HIS A 1 16  ? -10.263 18.783  -7.223  1.00 31.24 ? 14  HIS A CG  1 
ATOM   82   N ND1 . HIS A 1 16  ? -10.417 19.828  -8.124  1.00 33.99 ? 14  HIS A ND1 1 
ATOM   83   C CD2 . HIS A 1 16  ? -10.086 19.295  -5.981  1.00 34.50 ? 14  HIS A CD2 1 
ATOM   84   C CE1 . HIS A 1 16  ? -10.343 20.937  -7.402  1.00 33.87 ? 14  HIS A CE1 1 
ATOM   85   N NE2 . HIS A 1 16  ? -10.139 20.669  -6.108  1.00 34.48 ? 14  HIS A NE2 1 
ATOM   86   N N   . ASN A 1 17  ? -7.587  15.655  -6.501  1.00 19.24 ? 15  ASN A N   1 
ATOM   87   C CA  . ASN A 1 17  ? -6.625  15.671  -5.404  1.00 16.92 ? 15  ASN A CA  1 
ATOM   88   C C   . ASN A 1 17  ? -5.405  14.814  -5.641  1.00 18.04 ? 15  ASN A C   1 
ATOM   89   O O   . ASN A 1 17  ? -4.599  14.665  -4.732  1.00 18.30 ? 15  ASN A O   1 
ATOM   90   C CB  . ASN A 1 17  ? -7.291  15.290  -4.074  1.00 16.56 ? 15  ASN A CB  1 
ATOM   91   C CG  . ASN A 1 17  ? -7.758  13.857  -4.031  1.00 14.59 ? 15  ASN A CG  1 
ATOM   92   O OD1 . ASN A 1 17  ? -7.245  12.989  -4.745  1.00 14.54 ? 15  ASN A OD1 1 
ATOM   93   N ND2 . ASN A 1 17  ? -8.722  13.589  -3.164  1.00 14.60 ? 15  ASN A ND2 1 
ATOM   94   N N   . ILE A 1 18  ? -5.249  14.250  -6.854  1.00 16.00 ? 16  ILE A N   1 
ATOM   95   C CA  . ILE A 1 18  ? -4.097  13.387  -7.134  1.00 17.42 ? 16  ILE A CA  1 
ATOM   96   C C   . ILE A 1 18  ? -2.749  14.092  -6.839  1.00 17.97 ? 16  ILE A C   1 
ATOM   97   O O   . ILE A 1 18  ? -1.790  13.436  -6.426  1.00 16.01 ? 16  ILE A O   1 
ATOM   98   C CB  . ILE A 1 18  ? -4.156  12.765  -8.551  1.00 21.75 ? 16  ILE A CB  1 
ATOM   99   C CG1 . ILE A 1 18  ? -3.145  11.614  -8.700  1.00 23.27 ? 16  ILE A CG1 1 
ATOM   100  C CG2 . ILE A 1 18  ? -4.013  13.803  -9.644  1.00 23.97 ? 16  ILE A CG2 1 
ATOM   101  C CD1 . ILE A 1 18  ? -3.743  10.313  -8.799  1.00 23.69 ? 16  ILE A CD1 1 
ATOM   102  N N   . LYS A 1 19  ? -2.693  15.442  -6.988  1.00 16.19 ? 17  LYS A N   1 
ATOM   103  C CA  . LYS A 1 19  ? -1.492  16.200  -6.683  1.00 17.29 ? 17  LYS A CA  1 
ATOM   104  C C   . LYS A 1 19  ? -1.066  15.957  -5.217  1.00 17.02 ? 17  LYS A C   1 
ATOM   105  O O   . LYS A 1 19  ? 0.120   15.849  -4.924  1.00 16.26 ? 17  LYS A O   1 
ATOM   106  C CB  . LYS A 1 19  ? -1.740  17.704  -6.943  1.00 22.05 ? 17  LYS A CB  1 
ATOM   107  C CG  . LYS A 1 19  ? -0.476  18.557  -6.879  1.00 32.62 ? 17  LYS A CG  1 
ATOM   108  C CD  . LYS A 1 19  ? -0.757  20.007  -7.260  1.00 44.41 ? 17  LYS A CD  1 
ATOM   109  C CE  . LYS A 1 19  ? 0.272   20.557  -8.223  1.00 56.21 ? 17  LYS A CE  1 
ATOM   110  N NZ  . LYS A 1 19  ? 0.072   20.038  -9.604  1.00 67.94 ? 17  LYS A NZ  1 
ATOM   111  N N   . GLN A 1 20  ? -2.034  15.856  -4.295  1.00 13.85 ? 18  GLN A N   1 
ATOM   112  C CA  . GLN A 1 20  ? -1.703  15.598  -2.886  1.00 14.48 ? 18  GLN A CA  1 
ATOM   113  C C   . GLN A 1 20  ? -1.133  14.203  -2.689  1.00 13.25 ? 18  GLN A C   1 
ATOM   114  O O   . GLN A 1 20  ? -0.226  14.013  -1.883  1.00 13.30 ? 18  GLN A O   1 
ATOM   115  C CB  . GLN A 1 20  ? -2.937  15.781  -2.023  1.00 15.90 ? 18  GLN A CB  1 
ATOM   116  C CG  . GLN A 1 20  ? -3.436  17.238  -1.955  1.00 19.69 ? 18  GLN A CG  1 
ATOM   117  C CD  . GLN A 1 20  ? -4.735  17.305  -1.201  1.00 36.98 ? 18  GLN A CD  1 
ATOM   118  O OE1 . GLN A 1 20  ? -5.768  17.740  -1.722  1.00 36.81 ? 18  GLN A OE1 1 
ATOM   119  N NE2 . GLN A 1 20  ? -4.715  16.848  0.039   1.00 27.89 ? 18  GLN A NE2 1 
ATOM   120  N N   . LEU A 1 21  ? -1.684  13.204  -3.433  1.00 11.78 ? 19  LEU A N   1 
ATOM   121  C CA  . LEU A 1 21  ? -1.157  11.852  -3.371  1.00 11.17 ? 19  LEU A CA  1 
ATOM   122  C C   . LEU A 1 21  ? 0.295   11.827  -3.861  1.00 12.10 ? 19  LEU A C   1 
ATOM   123  O O   . LEU A 1 21  ? 1.139   11.191  -3.249  1.00 10.94 ? 19  LEU A O   1 
ATOM   124  C CB  . LEU A 1 21  ? -2.024  10.893  -4.181  1.00 10.77 ? 19  LEU A CB  1 
ATOM   125  C CG  . LEU A 1 21  ? -1.453  9.492   -4.296  1.00 10.82 ? 19  LEU A CG  1 
ATOM   126  C CD1 . LEU A 1 21  ? -1.409  8.792   -2.949  1.00 11.65 ? 19  LEU A CD1 1 
ATOM   127  C CD2 . LEU A 1 21  ? -2.239  8.668   -5.268  1.00 12.58 ? 19  LEU A CD2 1 
ATOM   128  N N   . LYS A 1 22  ? 0.571   12.499  -4.986  1.00 12.11 ? 20  LYS A N   1 
ATOM   129  C CA  . LYS A 1 22  ? 1.922   12.523  -5.528  1.00 11.97 ? 20  LYS A CA  1 
ATOM   130  C C   . LYS A 1 22  ? 2.892   13.091  -4.482  1.00 12.60 ? 20  LYS A C   1 
ATOM   131  O O   . LYS A 1 22  ? 3.962   12.536  -4.271  1.00 13.36 ? 20  LYS A O   1 
ATOM   132  C CB  . LYS A 1 22  ? 1.973   13.359  -6.820  1.00 13.87 ? 20  LYS A CB  1 
ATOM   133  C CG  . LYS A 1 22  ? 1.148   12.821  -7.990  1.00 15.16 ? 20  LYS A CG  1 
ATOM   134  C CD  . LYS A 1 22  ? 1.256   13.707  -9.246  1.00 16.68 ? 20  LYS A CD  1 
ATOM   135  C CE  . LYS A 1 22  ? 0.370   13.172  -10.356 1.00 18.74 ? 20  LYS A CE  1 
ATOM   136  N NZ  . LYS A 1 22  ? 0.352   14.038  -11.587 1.00 21.10 ? 20  LYS A NZ  1 
ATOM   137  N N   . ARG A 1 23  ? 2.492   14.178  -3.785  1.00 12.63 ? 21  ARG A N   1 
ATOM   138  C CA  . ARG A 1 23  ? 3.338   14.748  -2.742  1.00 12.84 ? 21  ARG A CA  1 
ATOM   139  C C   . ARG A 1 23  ? 3.545   13.787  -1.568  1.00 12.26 ? 21  ARG A C   1 
ATOM   140  O O   . ARG A 1 23  ? 4.664   13.587  -1.125  1.00 11.78 ? 21  ARG A O   1 
ATOM   141  C CB  . ARG A 1 23  ? 2.769   16.074  -2.214  1.00 14.09 ? 21  ARG A CB  1 
ATOM   142  C CG  . ARG A 1 23  ? 3.617   16.670  -1.085  1.00 17.80 ? 21  ARG A CG  1 
ATOM   143  C CD  . ARG A 1 23  ? 3.027   17.930  -0.463  1.00 19.12 ? 21  ARG A CD  1 
ATOM   144  N NE  . ARG A 1 23  ? 3.690   18.234  0.811   1.00 21.20 ? 21  ARG A NE  1 
ATOM   145  C CZ  . ARG A 1 23  ? 3.298   17.769  1.997   1.00 37.38 ? 21  ARG A CZ  1 
ATOM   146  N NH1 . ARG A 1 23  ? 2.222   16.993  2.096   1.00 25.50 ? 21  ARG A NH1 1 
ATOM   147  N NH2 . ARG A 1 23  ? 3.974   18.083  3.094   1.00 29.33 ? 21  ARG A NH2 1 
ATOM   148  N N   . LEU A 1 24  ? 2.448   13.139  -1.084  1.00 11.50 ? 22  LEU A N   1 
ATOM   149  C CA  . LEU A 1 24  ? 2.584   12.203  0.023   1.00 11.40 ? 22  LEU A CA  1 
ATOM   150  C C   . LEU A 1 24  ? 3.549   11.084  -0.341  1.00 11.12 ? 22  LEU A C   1 
ATOM   151  O O   . LEU A 1 24  ? 4.438   10.756  0.422   1.00 10.16 ? 22  LEU A O   1 
ATOM   152  C CB  . LEU A 1 24  ? 1.246   11.571  0.404   1.00 10.94 ? 22  LEU A CB  1 
ATOM   153  C CG  . LEU A 1 24  ? 0.267   12.521  1.055   1.00 12.09 ? 22  LEU A CG  1 
ATOM   154  C CD1 . LEU A 1 24  ? -1.068  11.878  1.201   1.00 14.17 ? 22  LEU A CD1 1 
ATOM   155  C CD2 . LEU A 1 24  ? 0.782   12.982  2.435   1.00 14.52 ? 22  LEU A CD2 1 
ATOM   156  N N   . ASN A 1 25  ? 3.391   10.491  -1.541  1.00 9.40  ? 23  ASN A N   1 
ATOM   157  C CA  . ASN A 1 25  ? 4.281   9.396   -1.918  1.00 10.21 ? 23  ASN A CA  1 
ATOM   158  C C   . ASN A 1 25  ? 5.727   9.852   -2.075  1.00 11.18 ? 23  ASN A C   1 
ATOM   159  O O   . ASN A 1 25  ? 6.651   9.161   -1.692  1.00 10.16 ? 23  ASN A O   1 
ATOM   160  C CB  . ASN A 1 25  ? 3.788   8.737   -3.180  1.00 9.91  ? 23  ASN A CB  1 
ATOM   161  C CG  . ASN A 1 25  ? 2.670   7.744   -2.932  1.00 10.96 ? 23  ASN A CG  1 
ATOM   162  O OD1 . ASN A 1 25  ? 2.206   7.518   -1.804  1.00 10.82 ? 23  ASN A OD1 1 
ATOM   163  N ND2 . ASN A 1 25  ? 2.219   7.136   -4.012  1.00 14.59 ? 23  ASN A ND2 1 
ATOM   164  N N   . GLN A 1 26  ? 5.911   11.064  -2.632  1.00 11.14 ? 24  GLN A N   1 
ATOM   165  C CA  . GLN A 1 26  ? 7.261   11.621  -2.813  1.00 12.31 ? 24  GLN A CA  1 
ATOM   166  C C   . GLN A 1 26  ? 7.917   11.802  -1.444  1.00 13.13 ? 24  GLN A C   1 
ATOM   167  O O   . GLN A 1 26  ? 9.101   11.521  -1.294  1.00 13.29 ? 24  GLN A O   1 
ATOM   168  C CB  . GLN A 1 26  ? 7.163   12.970  -3.554  1.00 13.91 ? 24  GLN A CB  1 
ATOM   169  C CG  . GLN A 1 26  ? 8.499   13.609  -3.888  1.00 19.27 ? 24  GLN A CG  1 
ATOM   170  C CD  . GLN A 1 26  ? 8.344   14.920  -4.636  1.00 28.81 ? 24  GLN A CD  1 
ATOM   171  O OE1 . GLN A 1 26  ? 7.260   15.284  -5.128  1.00 27.18 ? 24  GLN A OE1 1 
ATOM   172  N NE2 . GLN A 1 26  ? 9.447   15.656  -4.740  1.00 21.69 ? 24  GLN A NE2 1 
ATOM   173  N N   . VAL A 1 27  ? 7.160   12.272  -0.433  1.00 11.50 ? 25  VAL A N   1 
ATOM   174  C CA  . VAL A 1 27  ? 7.732   12.468  0.883   1.00 12.07 ? 25  VAL A CA  1 
ATOM   175  C C   . VAL A 1 27  ? 8.029   11.142  1.571   1.00 12.21 ? 25  VAL A C   1 
ATOM   176  O O   . VAL A 1 27  ? 9.080   10.967  2.168   1.00 13.21 ? 25  VAL A O   1 
ATOM   177  C CB  . VAL A 1 27  ? 6.792   13.307  1.780   1.00 15.03 ? 25  VAL A CB  1 
ATOM   178  C CG1 . VAL A 1 27  ? 7.298   13.328  3.225   1.00 15.03 ? 25  VAL A CG1 1 
ATOM   179  C CG2 . VAL A 1 27  ? 6.624   14.720  1.236   1.00 15.13 ? 25  VAL A CG2 1 
ATOM   180  N N   . ILE A 1 28  ? 7.083   10.183  1.506   1.00 11.22 ? 26  ILE A N   1 
ATOM   181  C CA  . ILE A 1 28  ? 7.178   8.985   2.306   1.00 10.29 ? 26  ILE A CA  1 
ATOM   182  C C   . ILE A 1 28  ? 8.128   7.942   1.803   1.00 11.05 ? 26  ILE A C   1 
ATOM   183  O O   . ILE A 1 28  ? 8.810   7.327   2.595   1.00 12.47 ? 26  ILE A O   1 
ATOM   184  C CB  . ILE A 1 28  ? 5.755   8.373   2.497   1.00 10.92 ? 26  ILE A CB  1 
ATOM   185  C CG1 . ILE A 1 28  ? 4.876   9.370   3.305   1.00 11.21 ? 26  ILE A CG1 1 
ATOM   186  C CG2 . ILE A 1 28  ? 5.789   7.001   3.193   1.00 11.58 ? 26  ILE A CG2 1 
ATOM   187  C CD1 . ILE A 1 28  ? 3.332   9.064   3.145   1.00 11.60 ? 26  ILE A CD1 1 
ATOM   188  N N   . PHE A 1 29  ? 8.145   7.701   0.498   1.00 9.99  ? 27  PHE A N   1 
ATOM   189  C CA  . PHE A 1 29  ? 8.886   6.566   -0.043  1.00 10.24 ? 27  PHE A CA  1 
ATOM   190  C C   . PHE A 1 29  ? 10.237  6.957   -0.612  1.00 12.49 ? 27  PHE A C   1 
ATOM   191  O O   . PHE A 1 29  ? 10.406  8.096   -1.065  1.00 13.15 ? 27  PHE A O   1 
ATOM   192  C CB  . PHE A 1 29  ? 8.036   5.844   -1.110  1.00 10.30 ? 27  PHE A CB  1 
ATOM   193  C CG  . PHE A 1 29  ? 6.745   5.317   -0.522  1.00 9.53  ? 27  PHE A CG  1 
ATOM   194  C CD1 . PHE A 1 29  ? 6.740   4.204   0.316   1.00 11.08 ? 27  PHE A CD1 1 
ATOM   195  C CD2 . PHE A 1 29  ? 5.552   5.965   -0.754  1.00 10.20 ? 27  PHE A CD2 1 
ATOM   196  C CE1 . PHE A 1 29  ? 5.532   3.756   0.903   1.00 10.45 ? 27  PHE A CE1 1 
ATOM   197  C CE2 . PHE A 1 29  ? 4.370   5.550   -0.121  1.00 11.42 ? 27  PHE A CE2 1 
ATOM   198  C CZ  . PHE A 1 29  ? 4.385   4.446   0.703   1.00 10.11 ? 27  PHE A CZ  1 
ATOM   199  N N   . PRO A 1 30  ? 11.181  6.002   -0.618  1.00 11.05 ? 28  PRO A N   1 
ATOM   200  C CA  . PRO A 1 30  ? 12.545  6.312   -1.075  1.00 11.56 ? 28  PRO A CA  1 
ATOM   201  C C   . PRO A 1 30  ? 12.745  6.230   -2.589  1.00 14.89 ? 28  PRO A C   1 
ATOM   202  O O   . PRO A 1 30  ? 13.863  6.493   -3.075  1.00 14.73 ? 28  PRO A O   1 
ATOM   203  C CB  . PRO A 1 30  ? 13.378  5.266   -0.355  1.00 12.77 ? 28  PRO A CB  1 
ATOM   204  C CG  . PRO A 1 30  ? 12.468  4.073   -0.258  1.00 13.63 ? 28  PRO A CG  1 
ATOM   205  C CD  . PRO A 1 30  ? 11.119  4.657   -0.013  1.00 13.10 ? 28  PRO A CD  1 
ATOM   206  N N   . VAL A 1 31  ? 11.714  5.788   -3.336  1.00 11.85 ? 29  VAL A N   1 
ATOM   207  C CA  . VAL A 1 31  ? 11.764  5.682   -4.782  1.00 12.18 ? 29  VAL A CA  1 
ATOM   208  C C   . VAL A 1 31  ? 10.678  6.556   -5.343  1.00 12.89 ? 29  VAL A C   1 
ATOM   209  O O   . VAL A 1 31  ? 9.666   6.831   -4.680  1.00 13.63 ? 29  VAL A O   1 
ATOM   210  C CB  . VAL A 1 31  ? 11.627  4.226   -5.287  1.00 13.58 ? 29  VAL A CB  1 
ATOM   211  C CG1 . VAL A 1 31  ? 12.779  3.355   -4.781  1.00 15.56 ? 29  VAL A CG1 1 
ATOM   212  C CG2 . VAL A 1 31  ? 10.272  3.613   -4.895  1.00 13.10 ? 29  VAL A CG2 1 
ATOM   213  N N   . SER A 1 32  ? 10.865  6.985   -6.582  1.00 14.15 ? 30  SER A N   1 
ATOM   214  C CA  . SER A 1 32  ? 9.862   7.798   -7.244  1.00 14.17 ? 30  SER A CA  1 
ATOM   215  C C   . SER A 1 32  ? 8.873   6.931   -8.022  1.00 14.70 ? 30  SER A C   1 
ATOM   216  O O   . SER A 1 32  ? 9.218   5.839   -8.468  1.00 15.53 ? 30  SER A O   1 
ATOM   217  C CB  . SER A 1 32  ? 10.526  8.798   -8.192  1.00 18.73 ? 30  SER A CB  1 
ATOM   218  O OG  . SER A 1 32  ? 11.257  8.096   -9.181  1.00 30.28 ? 30  SER A OG  1 
ATOM   219  N N   . TYR A 1 33  ? 7.661   7.419   -8.179  1.00 11.43 ? 31  TYR A N   1 
ATOM   220  C CA  . TYR A 1 33  ? 6.641   6.753   -8.980  1.00 10.54 ? 31  TYR A CA  1 
ATOM   221  C C   . TYR A 1 33  ? 6.351   7.636   -10.159 1.00 12.48 ? 31  TYR A C   1 
ATOM   222  O O   . TYR A 1 33  ? 6.259   8.857   -10.031 1.00 12.62 ? 31  TYR A O   1 
ATOM   223  C CB  . TYR A 1 33  ? 5.375   6.435   -8.151  1.00 12.30 ? 31  TYR A CB  1 
ATOM   224  C CG  . TYR A 1 33  ? 5.675   5.373   -7.117  1.00 11.09 ? 31  TYR A CG  1 
ATOM   225  C CD1 . TYR A 1 33  ? 5.648   4.024   -7.456  1.00 12.18 ? 31  TYR A CD1 1 
ATOM   226  C CD2 . TYR A 1 33  ? 6.180   5.719   -5.868  1.00 10.74 ? 31  TYR A CD2 1 
ATOM   227  C CE1 . TYR A 1 33  ? 6.016   3.047   -6.541  1.00 11.09 ? 31  TYR A CE1 1 
ATOM   228  C CE2 . TYR A 1 33  ? 6.601   4.752   -4.965  1.00 10.08 ? 31  TYR A CE2 1 
ATOM   229  C CZ  . TYR A 1 33  ? 6.543   3.421   -5.323  1.00 9.54  ? 31  TYR A CZ  1 
ATOM   230  O OH  . TYR A 1 33  ? 6.955   2.433   -4.485  1.00 11.15 ? 31  TYR A OH  1 
ATOM   231  N N   . ASN A 1 34  ? 6.156   7.003   -11.310 1.00 11.91 ? 32  ASN A N   1 
ATOM   232  C CA  . ASN A 1 34  ? 6.035   7.768   -12.551 1.00 13.51 ? 32  ASN A CA  1 
ATOM   233  C C   . ASN A 1 34  ? 4.607   8.216   -12.842 1.00 15.04 ? 32  ASN A C   1 
ATOM   234  O O   . ASN A 1 34  ? 3.669   7.894   -12.093 1.00 13.09 ? 32  ASN A O   1 
ATOM   235  C CB  . ASN A 1 34  ? 6.676   6.995   -13.726 1.00 14.47 ? 32  ASN A CB  1 
ATOM   236  C CG  . ASN A 1 34  ? 5.973   5.698   -14.049 1.00 15.78 ? 32  ASN A CG  1 
ATOM   237  O OD1 . ASN A 1 34  ? 4.818   5.449   -13.658 1.00 14.93 ? 32  ASN A OD1 1 
ATOM   238  N ND2 . ASN A 1 34  ? 6.674   4.794   -14.743 1.00 18.83 ? 32  ASN A ND2 1 
ATOM   239  N N   . ASP A 1 35  ? 4.413   8.973   -13.947 1.00 13.35 ? 33  ASP A N   1 
ATOM   240  C CA  . ASP A 1 35  ? 3.081   9.439   -14.316 1.00 14.75 ? 33  ASP A CA  1 
ATOM   241  C C   . ASP A 1 35  ? 2.111   8.309   -14.540 1.00 16.18 ? 33  ASP A C   1 
ATOM   242  O O   . ASP A 1 35  ? 0.940   8.452   -14.184 1.00 15.76 ? 33  ASP A O   1 
ATOM   243  C CB  . ASP A 1 35  ? 3.138   10.307  -15.595 1.00 17.09 ? 33  ASP A CB  1 
ATOM   244  C CG  . ASP A 1 35  ? 3.929   11.591  -15.461 1.00 33.09 ? 33  ASP A CG  1 
ATOM   245  O OD1 . ASP A 1 35  ? 3.665   12.359  -14.508 1.00 35.21 ? 33  ASP A OD1 1 
ATOM   246  O OD2 . ASP A 1 35  ? 4.795   11.841  -16.320 1.00 39.25 ? 33  ASP A OD2 1 
ATOM   247  N N   . LYS A 1 36  ? 2.572   7.186   -15.095 1.00 13.88 ? 34  LYS A N   1 
ATOM   248  C CA  . LYS A 1 36  ? 1.696   6.056   -15.365 1.00 14.19 ? 34  LYS A CA  1 
ATOM   249  C C   . LYS A 1 36  ? 1.103   5.519   -14.048 1.00 14.40 ? 34  LYS A C   1 
ATOM   250  O O   . LYS A 1 36  ? -0.069  5.155   -13.980 1.00 14.00 ? 34  LYS A O   1 
ATOM   251  C CB  . LYS A 1 36  ? 2.458   4.974   -16.118 1.00 16.07 ? 34  LYS A CB  1 
ATOM   252  C CG  . LYS A 1 36  ? 1.631   3.713   -16.327 1.00 21.55 ? 34  LYS A CG  1 
ATOM   253  C CD  . LYS A 1 36  ? 1.413   3.366   -17.750 1.00 30.75 ? 34  LYS A CD  1 
ATOM   254  C CE  . LYS A 1 36  ? 0.433   2.219   -17.834 1.00 24.85 ? 34  LYS A CE  1 
ATOM   255  N NZ  . LYS A 1 36  ? -0.997  2.637   -17.681 1.00 19.60 ? 34  LYS A NZ  1 
ATOM   256  N N   . PHE A 1 37  ? 1.915   5.487   -12.995 1.00 10.52 ? 35  PHE A N   1 
ATOM   257  C CA  . PHE A 1 37  ? 1.435   5.032   -11.684 1.00 9.43  ? 35  PHE A CA  1 
ATOM   258  C C   . PHE A 1 37  ? 0.225   5.870   -11.257 1.00 11.59 ? 35  PHE A C   1 
ATOM   259  O O   . PHE A 1 37  ? -0.804  5.332   -10.819 1.00 11.19 ? 35  PHE A O   1 
ATOM   260  C CB  . PHE A 1 37  ? 2.579   5.102   -10.664 1.00 10.12 ? 35  PHE A CB  1 
ATOM   261  C CG  . PHE A 1 37  ? 2.126   4.795   -9.265  1.00 9.99  ? 35  PHE A CG  1 
ATOM   262  C CD1 . PHE A 1 37  ? 2.123   3.492   -8.789  1.00 12.56 ? 35  PHE A CD1 1 
ATOM   263  C CD2 . PHE A 1 37  ? 1.702   5.809   -8.420  1.00 10.79 ? 35  PHE A CD2 1 
ATOM   264  C CE1 . PHE A 1 37  ? 1.760   3.220   -7.459  1.00 12.87 ? 35  PHE A CE1 1 
ATOM   265  C CE2 . PHE A 1 37  ? 1.301   5.528   -7.116  1.00 11.53 ? 35  PHE A CE2 1 
ATOM   266  C CZ  . PHE A 1 37  ? 1.333   4.231   -6.649  1.00 11.61 ? 35  PHE A CZ  1 
ATOM   267  N N   . TYR A 1 38  ? 0.356   7.194   -11.375 1.00 11.36 ? 36  TYR A N   1 
ATOM   268  C CA  . TYR A 1 38  ? -0.730  8.080   -10.955 1.00 12.95 ? 36  TYR A CA  1 
ATOM   269  C C   . TYR A 1 38  ? -1.936  8.039   -11.879 1.00 16.95 ? 36  TYR A C   1 
ATOM   270  O O   . TYR A 1 38  ? -3.066  8.253   -11.420 1.00 17.28 ? 36  TYR A O   1 
ATOM   271  C CB  . TYR A 1 38  ? -0.208  9.489   -10.744 1.00 14.70 ? 36  TYR A CB  1 
ATOM   272  C CG  . TYR A 1 38  ? 0.741   9.493   -9.572  1.00 13.63 ? 36  TYR A CG  1 
ATOM   273  C CD1 . TYR A 1 38  ? 0.274   9.288   -8.278  1.00 13.81 ? 36  TYR A CD1 1 
ATOM   274  C CD2 . TYR A 1 38  ? 2.116   9.531   -9.766  1.00 13.71 ? 36  TYR A CD2 1 
ATOM   275  C CE1 . TYR A 1 38  ? 1.141   9.173   -7.205  1.00 14.05 ? 36  TYR A CE1 1 
ATOM   276  C CE2 . TYR A 1 38  ? 3.001   9.437   -8.696  1.00 13.21 ? 36  TYR A CE2 1 
ATOM   277  C CZ  . TYR A 1 38  ? 2.506   9.209   -7.414  1.00 14.04 ? 36  TYR A CZ  1 
ATOM   278  O OH  . TYR A 1 38  ? 3.344   9.083   -6.335  1.00 14.59 ? 36  TYR A OH  1 
ATOM   279  N N   . LYS A 1 39  ? -1.730  7.716   -13.152 1.00 14.48 ? 37  LYS A N   1 
ATOM   280  C CA  . LYS A 1 39  ? -2.847  7.504   -14.050 1.00 14.83 ? 37  LYS A CA  1 
ATOM   281  C C   . LYS A 1 39  ? -3.615  6.249   -13.621 1.00 15.44 ? 37  LYS A C   1 
ATOM   282  O O   . LYS A 1 39  ? -4.845  6.248   -13.547 1.00 15.36 ? 37  LYS A O   1 
ATOM   283  C CB  . LYS A 1 39  ? -2.367  7.379   -15.503 1.00 18.45 ? 37  LYS A CB  1 
ATOM   284  C CG  . LYS A 1 39  ? -3.062  8.378   -16.420 1.00 40.85 ? 37  LYS A CG  1 
ATOM   285  C CD  . LYS A 1 39  ? -2.866  8.042   -17.887 1.00 54.40 ? 37  LYS A CD  1 
ATOM   286  C CE  . LYS A 1 39  ? -4.126  7.482   -18.492 1.00 66.57 ? 37  LYS A CE  1 
ATOM   287  N NZ  . LYS A 1 39  ? -4.365  6.072   -18.087 1.00 76.22 ? 37  LYS A NZ  1 
ATOM   288  N N   . ASP A 1 40  ? -2.893  5.203   -13.271 1.00 12.77 ? 38  ASP A N   1 
ATOM   289  C CA  . ASP A 1 40  ? -3.479  3.931   -12.934 1.00 12.55 ? 38  ASP A CA  1 
ATOM   290  C C   . ASP A 1 40  ? -4.262  3.968   -11.621 1.00 11.51 ? 38  ASP A C   1 
ATOM   291  O O   . ASP A 1 40  ? -5.289  3.325   -11.503 1.00 12.52 ? 38  ASP A O   1 
ATOM   292  C CB  . ASP A 1 40  ? -2.410  2.820   -12.916 1.00 14.29 ? 38  ASP A CB  1 
ATOM   293  C CG  . ASP A 1 40  ? -1.798  2.582   -14.287 1.00 18.93 ? 38  ASP A CG  1 
ATOM   294  O OD1 . ASP A 1 40  ? -2.361  3.078   -15.279 1.00 18.30 ? 38  ASP A OD1 1 
ATOM   295  O OD2 . ASP A 1 40  ? -0.722  1.946   -14.360 1.00 21.11 ? 38  ASP A OD2 1 
ATOM   296  N N   . VAL A 1 41  ? -3.783  4.767   -10.643 1.00 12.14 ? 39  VAL A N   1 
ATOM   297  C CA  . VAL A 1 41  ? -4.438  4.854   -9.336  1.00 12.62 ? 39  VAL A CA  1 
ATOM   298  C C   . VAL A 1 41  ? -5.867  5.342   -9.469  1.00 11.87 ? 39  VAL A C   1 
ATOM   299  O O   . VAL A 1 41  ? -6.722  4.978   -8.674  1.00 12.49 ? 39  VAL A O   1 
ATOM   300  C CB  . VAL A 1 41  ? -3.590  5.735   -8.387  1.00 18.02 ? 39  VAL A CB  1 
ATOM   301  C CG1 . VAL A 1 41  ? -4.415  6.331   -7.248  1.00 20.64 ? 39  VAL A CG1 1 
ATOM   302  C CG2 . VAL A 1 41  ? -2.381  4.966   -7.869  1.00 17.79 ? 39  VAL A CG2 1 
ATOM   303  N N   . LEU A 1 42  ? -6.139  6.172   -10.482 1.00 11.87 ? 40  LEU A N   1 
ATOM   304  C CA  . LEU A 1 42  ? -7.480  6.698   -10.689 1.00 12.07 ? 40  LEU A CA  1 
ATOM   305  C C   . LEU A 1 42  ? -8.424  5.686   -11.304 1.00 14.06 ? 40  LEU A C   1 
ATOM   306  O O   . LEU A 1 42  ? -9.625  5.969   -11.388 1.00 14.64 ? 40  LEU A O   1 
ATOM   307  C CB  . LEU A 1 42  ? -7.398  7.962   -11.559 1.00 13.14 ? 40  LEU A CB  1 
ATOM   308  C CG  . LEU A 1 42  ? -6.695  9.162   -10.913 1.00 16.73 ? 40  LEU A CG  1 
ATOM   309  C CD1 . LEU A 1 42  ? -6.433  10.271  -11.941 1.00 18.07 ? 40  LEU A CD1 1 
ATOM   310  C CD2 . LEU A 1 42  ? -7.477  9.704   -9.711  1.00 17.45 ? 40  LEU A CD2 1 
ATOM   311  N N   . GLU A 1 43  ? -7.923  4.485   -11.659 1.00 10.61 ? 41  GLU A N   1 
ATOM   312  C CA  . GLU A 1 43  ? -8.710  3.469   -12.314 1.00 10.89 ? 41  GLU A CA  1 
ATOM   313  C C   . GLU A 1 43  ? -9.034  2.295   -11.423 1.00 13.01 ? 41  GLU A C   1 
ATOM   314  O O   . GLU A 1 43  ? -9.675  1.338   -11.887 1.00 16.34 ? 41  GLU A O   1 
ATOM   315  C CB  . GLU A 1 43  ? -7.956  2.979   -13.559 1.00 11.75 ? 41  GLU A CB  1 
ATOM   316  C CG  . GLU A 1 43  ? -7.706  4.079   -14.564 1.00 13.89 ? 41  GLU A CG  1 
ATOM   317  C CD  . GLU A 1 43  ? -8.962  4.789   -15.045 1.00 14.52 ? 41  GLU A CD  1 
ATOM   318  O OE1 . GLU A 1 43  ? -10.011 4.128   -15.216 1.00 16.45 ? 41  GLU A OE1 1 
ATOM   319  O OE2 . GLU A 1 43  ? -8.892  6.022   -15.228 1.00 16.40 ? 41  GLU A OE2 1 
ATOM   320  N N   . VAL A 1 44  ? -8.592  2.323   -10.138 1.00 11.08 ? 42  VAL A N   1 
ATOM   321  C CA  . VAL A 1 44  ? -8.765  1.162   -9.263  1.00 10.56 ? 42  VAL A CA  1 
ATOM   322  C C   . VAL A 1 44  ? -9.868  1.336   -8.221  1.00 11.06 ? 42  VAL A C   1 
ATOM   323  O O   . VAL A 1 44  ? -10.027 0.497   -7.337  1.00 10.96 ? 42  VAL A O   1 
ATOM   324  C CB  . VAL A 1 44  ? -7.424  0.743   -8.584  1.00 11.33 ? 42  VAL A CB  1 
ATOM   325  C CG1 . VAL A 1 44  ? -6.334  0.459   -9.619  1.00 12.04 ? 42  VAL A CG1 1 
ATOM   326  C CG2 . VAL A 1 44  ? -6.931  1.792   -7.588  1.00 10.27 ? 42  VAL A CG2 1 
ATOM   327  N N   . GLY A 1 45  ? -10.635 2.420   -8.322  1.00 11.37 ? 43  GLY A N   1 
ATOM   328  C CA  . GLY A 1 45  ? -11.730 2.619   -7.388  1.00 11.33 ? 43  GLY A CA  1 
ATOM   329  C C   . GLY A 1 45  ? -11.279 2.642   -5.940  1.00 10.09 ? 43  GLY A C   1 
ATOM   330  O O   . GLY A 1 45  ? -10.301 3.320   -5.607  1.00 10.04 ? 43  GLY A O   1 
ATOM   331  N N   . GLU A 1 46  ? -11.962 1.886   -5.092  1.00 9.31  ? 44  GLU A N   1 
ATOM   332  C CA  . GLU A 1 46  ? -11.732 1.857   -3.654  1.00 8.95  ? 44  GLU A CA  1 
ATOM   333  C C   . GLU A 1 46  ? -10.387 1.275   -3.243  1.00 8.89  ? 44  GLU A C   1 
ATOM   334  O O   . GLU A 1 46  ? -10.019 1.332   -2.064  1.00 9.90  ? 44  GLU A O   1 
ATOM   335  C CB  . GLU A 1 46  ? -12.855 1.113   -2.949  1.00 10.28 ? 44  GLU A CB  1 
ATOM   336  C CG  . GLU A 1 46  ? -14.200 1.820   -2.980  1.00 12.19 ? 44  GLU A CG  1 
ATOM   337  C CD  . GLU A 1 46  ? -14.254 3.120   -2.206  1.00 12.19 ? 44  GLU A CD  1 
ATOM   338  O OE1 . GLU A 1 46  ? -13.606 3.236   -1.140  1.00 12.71 ? 44  GLU A OE1 1 
ATOM   339  O OE2 . GLU A 1 46  ? -15.051 3.993   -2.623  1.00 16.31 ? 44  GLU A OE2 1 
ATOM   340  N N   . LEU A 1 47  ? -9.646  0.711   -4.212  1.00 8.65  ? 45  LEU A N   1 
ATOM   341  C CA  . LEU A 1 47  ? -8.302  0.191   -3.946  1.00 8.65  ? 45  LEU A CA  1 
ATOM   342  C C   . LEU A 1 47  ? -7.241  1.257   -3.823  1.00 9.26  ? 45  LEU A C   1 
ATOM   343  O O   . LEU A 1 47  ? -6.076  0.902   -3.560  1.00 9.72  ? 45  LEU A O   1 
ATOM   344  C CB  . LEU A 1 47  ? -7.920  -0.847  -5.000  1.00 9.57  ? 45  LEU A CB  1 
ATOM   345  C CG  . LEU A 1 47  ? -8.777  -2.096  -5.031  1.00 13.43 ? 45  LEU A CG  1 
ATOM   346  C CD1 . LEU A 1 47  ? -8.259  -3.060  -6.101  1.00 14.77 ? 45  LEU A CD1 1 
ATOM   347  C CD2 . LEU A 1 47  ? -8.864  -2.791  -3.666  1.00 17.26 ? 45  LEU A CD2 1 
ATOM   348  N N   . ALA A 1 48  ? -7.589  2.523   -4.006  1.00 8.03  ? 46  ALA A N   1 
ATOM   349  C CA  . ALA A 1 48  ? -6.676  3.595   -3.664  1.00 8.72  ? 46  ALA A CA  1 
ATOM   350  C C   . ALA A 1 48  ? -7.412  4.580   -2.790  1.00 8.66  ? 46  ALA A C   1 
ATOM   351  O O   . ALA A 1 48  ? -8.570  4.935   -3.098  1.00 9.37  ? 46  ALA A O   1 
ATOM   352  C CB  . ALA A 1 48  ? -6.153  4.295   -4.882  1.00 10.55 ? 46  ALA A CB  1 
ATOM   353  N N   . LYS A 1 49  ? -6.812  4.981   -1.672  1.00 7.10  ? 47  LYS A N   1 
ATOM   354  C CA  . LYS A 1 49  ? -7.469  5.930   -0.759  1.00 6.71  ? 47  LYS A CA  1 
ATOM   355  C C   . LYS A 1 49  ? -6.453  6.831   -0.148  1.00 8.00  ? 47  LYS A C   1 
ATOM   356  O O   . LYS A 1 49  ? -5.292  6.433   0.071   1.00 8.05  ? 47  LYS A O   1 
ATOM   357  C CB  . LYS A 1 49  ? -8.182  5.235   0.412   1.00 8.05  ? 47  LYS A CB  1 
ATOM   358  C CG  . LYS A 1 49  ? -9.245  4.218   0.022   1.00 9.29  ? 47  LYS A CG  1 
ATOM   359  C CD  . LYS A 1 49  ? -10.540 4.825   -0.538  1.00 9.53  ? 47  LYS A CD  1 
ATOM   360  C CE  . LYS A 1 49  ? -11.501 5.417   0.489   1.00 9.62  ? 47  LYS A CE  1 
ATOM   361  N NZ  . LYS A 1 49  ? -12.843 5.734   -0.150  1.00 9.41  ? 47  LYS A NZ  1 
ATOM   362  N N   . LEU A 1 50  ? -6.875  8.039   0.217   1.00 7.76  ? 48  LEU A N   1 
ATOM   363  C CA  . LEU A 1 50  ? -6.097  8.932   1.062   1.00 7.87  ? 48  LEU A CA  1 
ATOM   364  C C   . LEU A 1 50  ? -6.552  8.762   2.489   1.00 7.26  ? 48  LEU A C   1 
ATOM   365  O O   . LEU A 1 50  ? -7.718  8.448   2.732   1.00 8.15  ? 48  LEU A O   1 
ATOM   366  C CB  . LEU A 1 50  ? -6.310  10.396  0.650   1.00 8.96  ? 48  LEU A CB  1 
ATOM   367  C CG  . LEU A 1 50  ? -5.807  10.753  -0.735  1.00 11.95 ? 48  LEU A CG  1 
ATOM   368  C CD1 . LEU A 1 50  ? -6.154  12.178  -1.087  1.00 15.56 ? 48  LEU A CD1 1 
ATOM   369  C CD2 . LEU A 1 50  ? -4.362  10.522  -0.897  1.00 17.78 ? 48  LEU A CD2 1 
ATOM   370  N N   . ALA A 1 51  ? -5.661  9.007   3.438   1.00 6.94  ? 49  ALA A N   1 
ATOM   371  C CA  . ALA A 1 51  ? -6.004  9.036   4.847   1.00 7.53  ? 49  ALA A CA  1 
ATOM   372  C C   . ALA A 1 51  ? -5.824  10.455  5.363   1.00 7.47  ? 49  ALA A C   1 
ATOM   373  O O   . ALA A 1 51  ? -4.845  11.135  5.036   1.00 8.07  ? 49  ALA A O   1 
ATOM   374  C CB  . ALA A 1 51  ? -5.112  8.102   5.650   1.00 9.73  ? 49  ALA A CB  1 
ATOM   375  N N   . TYR A 1 52  ? -6.802  10.912  6.150   1.00 7.78  ? 50  TYR A N   1 
ATOM   376  C CA  . TYR A 1 52  ? -6.870  12.256  6.681   1.00 8.35  ? 50  TYR A CA  1 
ATOM   377  C C   . TYR A 1 52  ? -6.752  12.246  8.178   1.00 8.57  ? 50  TYR A C   1 
ATOM   378  O O   . TYR A 1 52  ? -7.330  11.374  8.864   1.00 9.97  ? 50  TYR A O   1 
ATOM   379  C CB  . TYR A 1 52  ? -8.196  12.892  6.283   1.00 9.62  ? 50  TYR A CB  1 
ATOM   380  C CG  . TYR A 1 52  ? -8.296  13.168  4.802   1.00 9.09  ? 50  TYR A CG  1 
ATOM   381  C CD1 . TYR A 1 52  ? -8.763  12.196  3.919   1.00 10.74 ? 50  TYR A CD1 1 
ATOM   382  C CD2 . TYR A 1 52  ? -7.937  14.406  4.283   1.00 10.71 ? 50  TYR A CD2 1 
ATOM   383  C CE1 . TYR A 1 52  ? -8.879  12.458  2.556   1.00 11.42 ? 50  TYR A CE1 1 
ATOM   384  C CE2 . TYR A 1 52  ? -8.032  14.674  2.925   1.00 12.94 ? 50  TYR A CE2 1 
ATOM   385  C CZ  . TYR A 1 52  ? -8.480  13.688  2.065   1.00 13.45 ? 50  TYR A CZ  1 
ATOM   386  O OH  . TYR A 1 52  ? -8.563  13.961  0.719   1.00 16.38 ? 50  TYR A OH  1 
ATOM   387  N N   . PHE A 1 53  ? -6.092  13.274  8.692   1.00 8.56  ? 51  PHE A N   1 
ATOM   388  C CA  . PHE A 1 53  ? -5.974  13.541  10.125  1.00 9.30  ? 51  PHE A CA  1 
ATOM   389  C C   . PHE A 1 53  ? -6.418  15.000  10.263  1.00 11.10 ? 51  PHE A C   1 
ATOM   390  O O   . PHE A 1 53  ? -5.773  15.897  9.726   1.00 10.99 ? 51  PHE A O   1 
ATOM   391  C CB  . PHE A 1 53  ? -4.525  13.351  10.576  1.00 11.20 ? 51  PHE A CB  1 
ATOM   392  C CG  . PHE A 1 53  ? -4.298  13.709  12.028  1.00 12.58 ? 51  PHE A CG  1 
ATOM   393  C CD1 . PHE A 1 53  ? -4.012  15.021  12.404  1.00 15.77 ? 51  PHE A CD1 1 
ATOM   394  C CD2 . PHE A 1 53  ? -4.329  12.732  13.005  1.00 13.73 ? 51  PHE A CD2 1 
ATOM   395  C CE1 . PHE A 1 53  ? -3.790  15.348  13.744  1.00 17.59 ? 51  PHE A CE1 1 
ATOM   396  C CE2 . PHE A 1 53  ? -4.090  13.060  14.347  1.00 16.00 ? 51  PHE A CE2 1 
ATOM   397  C CZ  . PHE A 1 53  ? -3.839  14.367  14.699  1.00 16.37 ? 51  PHE A CZ  1 
ATOM   398  N N   . ASN A 1 54  ? -7.585  15.244  10.898  1.00 10.98 ? 52  ASN A N   1 
ATOM   399  C CA  . ASN A 1 54  ? -8.144  16.603  11.042  1.00 12.69 ? 52  ASN A CA  1 
ATOM   400  C C   . ASN A 1 54  ? -8.166  17.362  9.738   1.00 15.82 ? 52  ASN A C   1 
ATOM   401  O O   . ASN A 1 54  ? -7.748  18.530  9.653   1.00 16.15 ? 52  ASN A O   1 
ATOM   402  C CB  . ASN A 1 54  ? -7.453  17.390  12.148  1.00 15.15 ? 52  ASN A CB  1 
ATOM   403  C CG  . ASN A 1 54  ? -7.814  16.864  13.512  1.00 18.22 ? 52  ASN A CG  1 
ATOM   404  O OD1 . ASN A 1 54  ? -8.858  16.212  13.714  1.00 16.20 ? 52  ASN A OD1 1 
ATOM   405  N ND2 . ASN A 1 54  ? -6.960  17.136  14.488  1.00 21.13 ? 52  ASN A ND2 1 
ATOM   406  N N   . ASP A 1 55  ? -8.693  16.694  8.709   1.00 13.66 ? 53  ASP A N   1 
ATOM   407  C CA  . ASP A 1 55  ? -8.974  17.256  7.396   1.00 15.05 ? 53  ASP A CA  1 
ATOM   408  C C   . ASP A 1 55  ? -7.763  17.453  6.512   1.00 16.33 ? 53  ASP A C   1 
ATOM   409  O O   . ASP A 1 55  ? -7.920  17.963  5.399   1.00 19.87 ? 53  ASP A O   1 
ATOM   410  C CB  . ASP A 1 55  ? -9.789  18.568  7.494   1.00 17.49 ? 53  ASP A CB  1 
ATOM   411  C CG  . ASP A 1 55  ? -11.062 18.462  8.297   1.00 30.18 ? 53  ASP A CG  1 
ATOM   412  O OD1 . ASP A 1 55  ? -11.925 17.631  7.932   1.00 33.93 ? 53  ASP A OD1 1 
ATOM   413  O OD2 . ASP A 1 55  ? -11.203 19.218  9.291   1.00 30.15 ? 53  ASP A OD2 1 
ATOM   414  N N   . ILE A 1 56  ? -6.553  17.032  6.967   1.00 12.20 ? 54  ILE A N   1 
ATOM   415  C CA  . ILE A 1 56  ? -5.369  17.131  6.121   1.00 11.96 ? 54  ILE A CA  1 
ATOM   416  C C   . ILE A 1 56  ? -4.996  15.713  5.668   1.00 11.24 ? 54  ILE A C   1 
ATOM   417  O O   . ILE A 1 56  ? -4.959  14.797  6.495   1.00 9.85  ? 54  ILE A O   1 
ATOM   418  C CB  . ILE A 1 56  ? -4.227  17.910  6.845   1.00 15.18 ? 54  ILE A CB  1 
ATOM   419  C CG1 . ILE A 1 56  ? -4.522  19.450  6.831   1.00 19.01 ? 54  ILE A CG1 1 
ATOM   420  C CG2 . ILE A 1 56  ? -2.840  17.661  6.244   1.00 19.40 ? 54  ILE A CG2 1 
ATOM   421  C CD1 . ILE A 1 56  ? -5.753  19.975  7.512   1.00 34.36 ? 54  ILE A CD1 1 
ATOM   422  N N   . ALA A 1 57  ? -4.682  15.536  4.392   1.00 10.30 ? 55  ALA A N   1 
ATOM   423  C CA  . ALA A 1 57  ? -4.221  14.215  3.916   1.00 9.75  ? 55  ALA A CA  1 
ATOM   424  C C   . ALA A 1 57  ? -2.801  13.939  4.425   1.00 10.10 ? 55  ALA A C   1 
ATOM   425  O O   . ALA A 1 57  ? -1.871  14.734  4.176   1.00 11.84 ? 55  ALA A O   1 
ATOM   426  C CB  . ALA A 1 57  ? -4.271  14.166  2.393   1.00 11.63 ? 55  ALA A CB  1 
ATOM   427  N N   . VAL A 1 58  ? -2.615  12.831  5.128   1.00 8.13  ? 56  VAL A N   1 
ATOM   428  C CA  . VAL A 1 58  ? -1.328  12.484  5.727   1.00 8.85  ? 56  VAL A CA  1 
ATOM   429  C C   . VAL A 1 58  ? -0.851  11.086  5.356   1.00 8.50  ? 56  VAL A C   1 
ATOM   430  O O   . VAL A 1 58  ? 0.217   10.691  5.781   1.00 9.49  ? 56  VAL A O   1 
ATOM   431  C CB  . VAL A 1 58  ? -1.339  12.652  7.262   1.00 10.27 ? 56  VAL A CB  1 
ATOM   432  C CG1 . VAL A 1 58  ? -1.672  14.077  7.674   1.00 9.90  ? 56  VAL A CG1 1 
ATOM   433  C CG2 . VAL A 1 58  ? -2.276  11.659  7.925   1.00 11.05 ? 56  VAL A CG2 1 
ATOM   434  N N   . GLY A 1 59  ? -1.647  10.322  4.626   1.00 8.40  ? 57  GLY A N   1 
ATOM   435  C CA  . GLY A 1 59  ? -1.234  8.984   4.225   1.00 7.72  ? 57  GLY A CA  1 
ATOM   436  C C   . GLY A 1 59  ? -2.037  8.519   3.048   1.00 8.44  ? 57  GLY A C   1 
ATOM   437  O O   . GLY A 1 59  ? -2.983  9.200   2.624   1.00 7.86  ? 57  GLY A O   1 
ATOM   438  N N   . ALA A 1 60  ? -1.616  7.400   2.477   1.00 6.44  ? 58  ALA A N   1 
ATOM   439  C CA  . ALA A 1 60  ? -2.354  6.853   1.344   1.00 7.12  ? 58  ALA A CA  1 
ATOM   440  C C   . ALA A 1 60  ? -2.007  5.421   1.141   1.00 6.90  ? 58  ALA A C   1 
ATOM   441  O O   . ALA A 1 60  ? -0.913  4.954   1.490   1.00 7.06  ? 58  ALA A O   1 
ATOM   442  C CB  . ALA A 1 60  ? -2.067  7.627   0.060   1.00 9.13  ? 58  ALA A CB  1 
ATOM   443  N N   . VAL A 1 61  ? -2.919  4.727   0.476   1.00 6.42  ? 59  VAL A N   1 
ATOM   444  C CA  . VAL A 1 61  ? -2.731  3.329   0.068   1.00 6.17  ? 59  VAL A CA  1 
ATOM   445  C C   . VAL A 1 61  ? -3.130  3.239   -1.394  1.00 6.63  ? 59  VAL A C   1 
ATOM   446  O O   . VAL A 1 61  ? -4.192  3.754   -1.792  1.00 7.29  ? 59  VAL A O   1 
ATOM   447  C CB  . VAL A 1 61  ? -3.530  2.348   0.979   1.00 7.79  ? 59  VAL A CB  1 
ATOM   448  C CG1 . VAL A 1 61  ? -5.034  2.662   1.022   1.00 8.67  ? 59  VAL A CG1 1 
ATOM   449  C CG2 . VAL A 1 61  ? -3.307  0.894   0.578   1.00 8.47  ? 59  VAL A CG2 1 
ATOM   450  N N   . CYS A 1 62  ? -2.301  2.567   -2.199  1.00 5.95  ? 60  CYS A N   1 
ATOM   451  C CA  . CYS A 1 62  ? -2.552  2.369   -3.620  1.00 6.10  ? 60  CYS A CA  1 
ATOM   452  C C   . CYS A 1 62  ? -2.322  0.916   -3.954  1.00 6.67  ? 60  CYS A C   1 
ATOM   453  O O   . CYS A 1 62  ? -1.195  0.391   -3.780  1.00 6.51  ? 60  CYS A O   1 
ATOM   454  C CB  . CYS A 1 62  ? -1.611  3.233   -4.465  1.00 7.33  ? 60  CYS A CB  1 
ATOM   455  S SG  . CYS A 1 62  ? -1.797  5.007   -4.203  1.00 9.60  ? 60  CYS A SG  1 
ATOM   456  N N   . CYS A 1 63  ? -3.386  0.265   -4.458  1.00 6.21  ? 61  CYS A N   1 
ATOM   457  C CA  . CYS A 1 63  ? -3.344  -1.159  -4.800  1.00 6.52  ? 61  CYS A CA  1 
ATOM   458  C C   . CYS A 1 63  ? -3.879  -1.360  -6.186  1.00 7.38  ? 61  CYS A C   1 
ATOM   459  O O   . CYS A 1 63  ? -4.569  -0.487  -6.731  1.00 8.84  ? 61  CYS A O   1 
ATOM   460  C CB  . CYS A 1 63  ? -4.189  -2.001  -3.844  1.00 7.41  ? 61  CYS A CB  1 
ATOM   461  S SG  . CYS A 1 63  ? -3.988  -1.622  -2.106  1.00 8.55  ? 61  CYS A SG  1 
ATOM   462  N N   . ARG A 1 64  ? -3.686  -2.565  -6.714  1.00 6.99  ? 62  ARG A N   1 
ATOM   463  C CA  . ARG A 1 64  ? -4.290  -2.974  -7.969  1.00 7.74  ? 62  ARG A CA  1 
ATOM   464  C C   . ARG A 1 64  ? -4.608  -4.454  -7.927  1.00 8.59  ? 62  ARG A C   1 
ATOM   465  O O   . ARG A 1 64  ? -4.045  -5.199  -7.125  1.00 8.79  ? 62  ARG A O   1 
ATOM   466  C CB  . ARG A 1 64  ? -3.425  -2.616  -9.178  1.00 9.29  ? 62  ARG A CB  1 
ATOM   467  C CG  . ARG A 1 64  ? -2.144  -3.425  -9.267  1.00 10.78 ? 62  ARG A CG  1 
ATOM   468  C CD  . ARG A 1 64  ? -1.236  -3.075  -10.450 1.00 13.02 ? 62  ARG A CD  1 
ATOM   469  N NE  . ARG A 1 64  ? -1.979  -3.124  -11.720 1.00 13.00 ? 62  ARG A NE  1 
ATOM   470  C CZ  . ARG A 1 64  ? -2.257  -4.230  -12.408 1.00 14.85 ? 62  ARG A CZ  1 
ATOM   471  N NH1 . ARG A 1 64  ? -1.727  -5.390  -12.054 1.00 15.24 ? 62  ARG A NH1 1 
ATOM   472  N NH2 . ARG A 1 64  ? -3.040  -4.171  -13.478 1.00 15.57 ? 62  ARG A NH2 1 
ATOM   473  N N   . VAL A 1 65  ? -5.530  -4.888  -8.791  1.00 9.15  ? 63  VAL A N   1 
ATOM   474  C CA  . VAL A 1 65  ? -5.837  -6.302  -8.961  1.00 9.21  ? 63  VAL A CA  1 
ATOM   475  C C   . VAL A 1 65  ? -4.824  -6.856  -9.936  1.00 10.62 ? 63  VAL A C   1 
ATOM   476  O O   . VAL A 1 65  ? -4.546  -6.213  -10.979 1.00 11.27 ? 63  VAL A O   1 
ATOM   477  C CB  . VAL A 1 65  ? -7.266  -6.521  -9.451  1.00 11.96 ? 63  VAL A CB  1 
ATOM   478  C CG1 . VAL A 1 65  ? -7.563  -8.007  -9.665  1.00 12.92 ? 63  VAL A CG1 1 
ATOM   479  C CG2 . VAL A 1 65  ? -8.253  -5.924  -8.471  1.00 12.20 ? 63  VAL A CG2 1 
ATOM   480  N N   . ASP A 1 66  ? -4.279  -8.017  -9.622  1.00 9.90  ? 64  ASP A N   1 
ATOM   481  C CA  . ASP A 1 66  ? -3.278  -8.657  -10.406 1.00 12.03 ? 64  ASP A CA  1 
ATOM   482  C C   . ASP A 1 66  ? -3.742  -10.067 -10.731 1.00 12.81 ? 64  ASP A C   1 
ATOM   483  O O   . ASP A 1 66  ? -4.179  -10.815 -9.855  1.00 14.23 ? 64  ASP A O   1 
ATOM   484  C CB  . ASP A 1 66  ? -1.989  -8.648  -9.556  1.00 14.98 ? 64  ASP A CB  1 
ATOM   485  C CG  . ASP A 1 66  ? -0.817  -9.315  -10.189 1.00 20.78 ? 64  ASP A CG  1 
ATOM   486  O OD1 . ASP A 1 66  ? -0.347  -8.818  -11.257 1.00 22.69 ? 64  ASP A OD1 1 
ATOM   487  O OD2 . ASP A 1 66  ? -0.345  -10.312 -9.632  1.00 24.53 ? 64  ASP A OD2 1 
ATOM   488  N N   . HIS A 1 67  ? -3.617  -10.431 -12.015 1.00 12.71 ? 65  HIS A N   1 
ATOM   489  C CA  . HIS A 1 67  ? -3.907  -11.774 -12.461 1.00 14.85 ? 65  HIS A CA  1 
ATOM   490  C C   . HIS A 1 67  ? -2.559  -12.333 -12.885 1.00 21.44 ? 65  HIS A C   1 
ATOM   491  O O   . HIS A 1 67  ? -2.017  -11.954 -13.920 1.00 23.18 ? 65  HIS A O   1 
ATOM   492  C CB  . HIS A 1 67  ? -4.932  -11.800 -13.615 1.00 16.02 ? 65  HIS A CB  1 
ATOM   493  C CG  . HIS A 1 67  ? -6.279  -11.311 -13.193 1.00 17.84 ? 65  HIS A CG  1 
ATOM   494  N ND1 . HIS A 1 67  ? -6.586  -9.967  -13.222 1.00 18.68 ? 65  HIS A ND1 1 
ATOM   495  C CD2 . HIS A 1 67  ? -7.327  -11.987 -12.679 1.00 20.54 ? 65  HIS A CD2 1 
ATOM   496  C CE1 . HIS A 1 67  ? -7.829  -9.868  -12.790 1.00 18.46 ? 65  HIS A CE1 1 
ATOM   497  N NE2 . HIS A 1 67  ? -8.310  -11.059 -12.426 1.00 19.62 ? 65  HIS A NE2 1 
ATOM   498  N N   . SER A 1 68  ? -1.950  -13.122 -11.998 1.00 18.38 ? 66  SER A N   1 
ATOM   499  C CA  . SER A 1 68  ? -0.654  -13.771 -12.250 1.00 17.87 ? 66  SER A CA  1 
ATOM   500  C C   . SER A 1 68  ? -0.754  -15.136 -11.570 1.00 20.49 ? 66  SER A C   1 
ATOM   501  O O   . SER A 1 68  ? -1.647  -15.352 -10.730 1.00 18.83 ? 66  SER A O   1 
ATOM   502  C CB  . SER A 1 68  ? 0.506   -12.940 -11.705 1.00 20.22 ? 66  SER A CB  1 
ATOM   503  O OG  . SER A 1 68  ? 0.472   -12.667 -10.313 1.00 21.58 ? 66  SER A OG  1 
ATOM   504  N N   . GLN A 1 69  ? 0.115   -16.097 -11.991 1.00 17.91 ? 67  GLN A N   1 
ATOM   505  C CA  . GLN A 1 69  ? 0.231   -17.474 -11.462 1.00 16.76 ? 67  GLN A CA  1 
ATOM   506  C C   . GLN A 1 69  ? -1.119  -18.168 -11.209 1.00 17.38 ? 67  GLN A C   1 
ATOM   507  O O   . GLN A 1 69  ? -1.339  -18.853 -10.180 1.00 17.97 ? 67  GLN A O   1 
ATOM   508  C CB  . GLN A 1 69  ? 1.135   -17.502 -10.219 1.00 17.72 ? 67  GLN A CB  1 
ATOM   509  C CG  . GLN A 1 69  ? 0.741   -16.507 -9.131  1.00 17.14 ? 67  GLN A CG  1 
ATOM   510  C CD  . GLN A 1 69  ? 1.698   -16.519 -7.970  1.00 15.27 ? 67  GLN A CD  1 
ATOM   511  O OE1 . GLN A 1 69  ? 1.281   -16.584 -6.833  1.00 15.13 ? 67  GLN A OE1 1 
ATOM   512  N NE2 . GLN A 1 69  ? 2.989   -16.465 -8.215  1.00 18.62 ? 67  GLN A NE2 1 
ATOM   513  N N   . ASN A 1 70  ? -2.041  -17.971 -12.181 1.00 21.45 ? 68  ASN A N   1 
ATOM   514  C CA  . ASN A 1 70  ? -3.384  -18.518 -12.213 1.00 21.77 ? 68  ASN A CA  1 
ATOM   515  C C   . ASN A 1 70  ? -4.170  -18.238 -10.915 1.00 24.35 ? 68  ASN A C   1 
ATOM   516  O O   . ASN A 1 70  ? -4.900  -19.080 -10.397 1.00 25.49 ? 68  ASN A O   1 
ATOM   517  C CB  . ASN A 1 70  ? -3.339  -19.998 -12.596 1.00 26.00 ? 68  ASN A CB  1 
ATOM   518  C CG  . ASN A 1 70  ? -3.019  -20.184 -14.054 1.00 57.08 ? 68  ASN A CG  1 
ATOM   519  O OD1 . ASN A 1 70  ? -1.853  -20.220 -14.458 1.00 52.36 ? 68  ASN A OD1 1 
ATOM   520  N ND2 . ASN A 1 70  ? -4.052  -20.279 -14.880 1.00 51.81 ? 68  ASN A ND2 1 
ATOM   521  N N   . GLN A 1 71  ? -3.999  -17.007 -10.381 1.00 17.08 ? 69  GLN A N   1 
ATOM   522  C CA  . GLN A 1 71  ? -4.705  -16.557 -9.186  1.00 14.17 ? 69  GLN A CA  1 
ATOM   523  C C   . GLN A 1 71  ? -5.279  -15.186 -9.457  1.00 14.11 ? 69  GLN A C   1 
ATOM   524  O O   . GLN A 1 71  ? -4.916  -14.562 -10.435 1.00 13.17 ? 69  GLN A O   1 
ATOM   525  C CB  . GLN A 1 71  ? -3.722  -16.428 -8.012  1.00 13.08 ? 69  GLN A CB  1 
ATOM   526  C CG  . GLN A 1 71  ? -3.206  -17.777 -7.481  1.00 15.00 ? 69  GLN A CG  1 
ATOM   527  C CD  . GLN A 1 71  ? -2.205  -17.597 -6.374  1.00 14.93 ? 69  GLN A CD  1 
ATOM   528  O OE1 . GLN A 1 71  ? -1.463  -16.600 -6.346  1.00 13.10 ? 69  GLN A OE1 1 
ATOM   529  N NE2 . GLN A 1 71  ? -2.167  -18.508 -5.410  1.00 13.82 ? 69  GLN A NE2 1 
ATOM   530  N N   . LYS A 1 72  ? -6.158  -14.727 -8.562  1.00 12.71 ? 70  LYS A N   1 
ATOM   531  C CA  . LYS A 1 72  ? -6.641  -13.342 -8.583  1.00 11.02 ? 70  LYS A CA  1 
ATOM   532  C C   . LYS A 1 72  ? -6.061  -12.800 -7.302  1.00 10.53 ? 70  LYS A C   1 
ATOM   533  O O   . LYS A 1 72  ? -6.325  -13.316 -6.235  1.00 11.35 ? 70  LYS A O   1 
ATOM   534  C CB  . LYS A 1 72  ? -8.161  -13.300 -8.549  1.00 12.12 ? 70  LYS A CB  1 
ATOM   535  C CG  . LYS A 1 72  ? -8.691  -11.880 -8.550  1.00 12.88 ? 70  LYS A CG  1 
ATOM   536  C CD  . LYS A 1 72  ? -10.210 -11.864 -8.707  1.00 16.06 ? 70  LYS A CD  1 
ATOM   537  C CE  . LYS A 1 72  ? -10.752 -10.504 -8.396  1.00 19.82 ? 70  LYS A CE  1 
ATOM   538  N NZ  . LYS A 1 72  ? -12.219 -10.479 -8.604  1.00 22.89 ? 70  LYS A NZ  1 
ATOM   539  N N   . ARG A 1 73  ? -5.214  -11.759 -7.425  1.00 9.41  ? 71  ARG A N   1 
ATOM   540  C CA  . ARG A 1 73  ? -4.457  -11.298 -6.281  1.00 8.85  ? 71  ARG A CA  1 
ATOM   541  C C   . ARG A 1 73  ? -4.635  -9.816  -6.117  1.00 8.80  ? 71  ARG A C   1 
ATOM   542  O O   . ARG A 1 73  ? -4.869  -9.098  -7.110  1.00 9.48  ? 71  ARG A O   1 
ATOM   543  C CB  . ARG A 1 73  ? -2.944  -11.571 -6.539  1.00 8.35  ? 71  ARG A CB  1 
ATOM   544  C CG  . ARG A 1 73  ? -2.654  -13.014 -6.991  1.00 11.44 ? 71  ARG A CG  1 
ATOM   545  C CD  . ARG A 1 73  ? -1.203  -13.226 -7.322  1.00 11.67 ? 71  ARG A CD  1 
ATOM   546  N NE  . ARG A 1 73  ? -0.379  -13.283 -6.140  1.00 11.48 ? 71  ARG A NE  1 
ATOM   547  C CZ  . ARG A 1 73  ? 0.949   -13.306 -6.188  1.00 13.49 ? 71  ARG A CZ  1 
ATOM   548  N NH1 . ARG A 1 73  ? 1.582   -13.170 -7.350  1.00 12.70 ? 71  ARG A NH1 1 
ATOM   549  N NH2 . ARG A 1 73  ? 1.648   -13.379 -5.075  1.00 13.20 ? 71  ARG A NH2 1 
ATOM   550  N N   . LEU A 1 74  ? -4.504  -9.361  -4.891  1.00 7.37  ? 72  LEU A N   1 
ATOM   551  C CA  A LEU A 1 74  ? -4.515  -7.941  -4.618  0.50 7.59  ? 72  LEU A CA  1 
ATOM   552  C CA  B LEU A 1 74  ? -4.507  -7.931  -4.612  0.50 7.32  ? 72  LEU A CA  1 
ATOM   553  C C   . LEU A 1 74  ? -3.047  -7.559  -4.374  1.00 7.82  ? 72  LEU A C   1 
ATOM   554  O O   . LEU A 1 74  ? -2.418  -8.111  -3.460  1.00 8.48  ? 72  LEU A O   1 
ATOM   555  C CB  A LEU A 1 74  ? -5.405  -7.629  -3.415  0.50 9.30  ? 72  LEU A CB  1 
ATOM   556  C CB  B LEU A 1 74  ? -5.362  -7.607  -3.397  0.50 8.99  ? 72  LEU A CB  1 
ATOM   557  C CG  A LEU A 1 74  ? -5.726  -6.132  -3.252  0.50 14.24 ? 72  LEU A CG  1 
ATOM   558  C CG  B LEU A 1 74  ? -5.399  -6.107  -3.055  0.50 13.75 ? 72  LEU A CG  1 
ATOM   559  C CD1 A LEU A 1 74  ? -6.860  -5.910  -2.336  0.50 17.77 ? 72  LEU A CD1 1 
ATOM   560  C CD1 B LEU A 1 74  ? -6.169  -5.291  -4.110  0.50 13.49 ? 72  LEU A CD1 1 
ATOM   561  C CD2 A LEU A 1 74  ? -4.570  -5.373  -2.687  0.50 13.63 ? 72  LEU A CD2 1 
ATOM   562  C CD2 B LEU A 1 74  ? -5.957  -5.901  -1.699  0.50 16.58 ? 72  LEU A CD2 1 
ATOM   563  N N   . TYR A 1 75  ? -2.511  -6.654  -5.179  1.00 6.74  ? 73  TYR A N   1 
ATOM   564  C CA  . TYR A 1 75  ? -1.140  -6.193  -5.044  1.00 7.01  ? 73  TYR A CA  1 
ATOM   565  C C   . TYR A 1 75  ? -1.143  -4.809  -4.404  1.00 6.79  ? 73  TYR A C   1 
ATOM   566  O O   . TYR A 1 75  ? -1.695  -3.859  -4.981  1.00 7.01  ? 73  TYR A O   1 
ATOM   567  C CB  . TYR A 1 75  ? -0.462  -6.168  -6.420  1.00 7.37  ? 73  TYR A CB  1 
ATOM   568  C CG  . TYR A 1 75  ? 0.999   -5.772  -6.327  1.00 7.61  ? 73  TYR A CG  1 
ATOM   569  C CD1 . TYR A 1 75  ? 1.885   -6.486  -5.530  1.00 8.10  ? 73  TYR A CD1 1 
ATOM   570  C CD2 . TYR A 1 75  ? 1.504   -4.729  -7.081  1.00 8.39  ? 73  TYR A CD2 1 
ATOM   571  C CE1 . TYR A 1 75  ? 3.235   -6.133  -5.433  1.00 8.53  ? 73  TYR A CE1 1 
ATOM   572  C CE2 . TYR A 1 75  ? 2.854   -4.388  -7.022  1.00 9.44  ? 73  TYR A CE2 1 
ATOM   573  C CZ  . TYR A 1 75  ? 3.707   -5.078  -6.180  1.00 8.71  ? 73  TYR A CZ  1 
ATOM   574  O OH  . TYR A 1 75  ? 5.030   -4.711  -6.107  1.00 9.95  ? 73  TYR A OH  1 
ATOM   575  N N   . ILE A 1 76  ? -0.565  -4.673  -3.206  1.00 6.20  ? 74  ILE A N   1 
ATOM   576  C CA  . ILE A 1 76  ? -0.425  -3.385  -2.542  1.00 6.44  ? 74  ILE A CA  1 
ATOM   577  C C   . ILE A 1 76  ? 0.848   -2.746  -3.051  1.00 6.35  ? 74  ILE A C   1 
ATOM   578  O O   . ILE A 1 76  ? 1.938   -3.273  -2.761  1.00 7.66  ? 74  ILE A O   1 
ATOM   579  C CB  . ILE A 1 76  ? -0.408  -3.523  -1.021  1.00 7.19  ? 74  ILE A CB  1 
ATOM   580  C CG1 . ILE A 1 76  ? -1.639  -4.272  -0.474  1.00 8.51  ? 74  ILE A CG1 1 
ATOM   581  C CG2 . ILE A 1 76  ? -0.293  -2.118  -0.406  1.00 7.78  ? 74  ILE A CG2 1 
ATOM   582  C CD1 . ILE A 1 76  ? -1.608  -4.486  1.035   1.00 9.95  ? 74  ILE A CD1 1 
ATOM   583  N N   . MET A 1 77  ? 0.746   -1.665  -3.795  1.00 6.36  ? 75  MET A N   1 
ATOM   584  C CA  . MET A 1 77  ? 1.923   -1.005  -4.350  1.00 6.51  ? 75  MET A CA  1 
ATOM   585  C C   . MET A 1 77  ? 2.568   -0.059  -3.359  1.00 7.66  ? 75  MET A C   1 
ATOM   586  O O   . MET A 1 77  ? 3.798   -0.078  -3.179  1.00 7.44  ? 75  MET A O   1 
ATOM   587  C CB  . MET A 1 77  ? 1.545   -0.244  -5.620  1.00 7.13  ? 75  MET A CB  1 
ATOM   588  C CG  . MET A 1 77  ? 1.115   -1.176  -6.731  1.00 9.14  ? 75  MET A CG  1 
ATOM   589  S SD  . MET A 1 77  ? 0.587   -0.388  -8.249  1.00 10.46 ? 75  MET A SD  1 
ATOM   590  C CE  . MET A 1 77  ? -0.983  0.271   -7.693  1.00 12.89 ? 75  MET A CE  1 
ATOM   591  N N   . THR A 1 78  ? 1.749   0.768   -2.701  1.00 6.69  ? 76  THR A N   1 
ATOM   592  C CA  . THR A 1 78  ? 2.241   1.735   -1.739  1.00 7.03  ? 76  THR A CA  1 
ATOM   593  C C   . THR A 1 78  ? 1.259   1.815   -0.575  1.00 7.05  ? 76  THR A C   1 
ATOM   594  O O   . THR A 1 78  ? 0.038   1.799   -0.800  1.00 7.22  ? 76  THR A O   1 
ATOM   595  C CB  . THR A 1 78  ? 2.482   3.134   -2.355  1.00 8.04  ? 76  THR A CB  1 
ATOM   596  O OG1 . THR A 1 78  ? 1.296   3.633   -2.950  1.00 8.85  ? 76  THR A OG1 1 
ATOM   597  C CG2 . THR A 1 78  ? 3.586   3.151   -3.386  1.00 9.49  ? 76  THR A CG2 1 
ATOM   598  N N   . LEU A 1 79  ? 1.763   1.941   0.648   1.00 6.41  ? 77  LEU A N   1 
ATOM   599  C CA  . LEU A 1 79  ? 0.927   2.147   1.816   1.00 6.03  ? 77  LEU A CA  1 
ATOM   600  C C   . LEU A 1 79  ? 1.808   2.868   2.801   1.00 6.85  ? 77  LEU A C   1 
ATOM   601  O O   . LEU A 1 79  ? 2.870   2.363   3.167   1.00 6.96  ? 77  LEU A O   1 
ATOM   602  C CB  . LEU A 1 79  ? 0.408   0.807   2.365   1.00 7.35  ? 77  LEU A CB  1 
ATOM   603  C CG  . LEU A 1 79  ? -0.625  0.887   3.479   1.00 8.34  ? 77  LEU A CG  1 
ATOM   604  C CD1 . LEU A 1 79  ? -1.384  -0.422  3.567   1.00 10.32 ? 77  LEU A CD1 1 
ATOM   605  C CD2 . LEU A 1 79  ? 0.042   1.161   4.827   1.00 9.45  ? 77  LEU A CD2 1 
ATOM   606  N N   . GLY A 1 80  ? 1.445   4.075   3.184   1.00 6.52  ? 78  GLY A N   1 
ATOM   607  C CA  . GLY A 1 80  ? 2.320   4.812   4.074   1.00 7.78  ? 78  GLY A CA  1 
ATOM   608  C C   . GLY A 1 80  ? 1.651   6.010   4.667   1.00 7.42  ? 78  GLY A C   1 
ATOM   609  O O   . GLY A 1 80  ? 0.631   6.504   4.192   1.00 7.61  ? 78  GLY A O   1 
ATOM   610  N N   . CYS A 1 81  ? 2.316   6.527   5.708   1.00 7.89  ? 79  CYS A N   1 
ATOM   611  C CA  A CYS A 1 81  ? 1.841   7.632   6.504   0.50 7.60  ? 79  CYS A CA  1 
ATOM   612  C CA  B CYS A 1 81  ? 1.924   7.696   6.513   0.50 11.63 ? 79  CYS A CA  1 
ATOM   613  C C   . CYS A 1 81  ? 3.030   8.627   6.681   1.00 9.83  ? 79  CYS A C   1 
ATOM   614  O O   . CYS A 1 81  ? 4.151   8.173   6.906   1.00 9.79  ? 79  CYS A O   1 
ATOM   615  C CB  A CYS A 1 81  ? 1.399   7.008   7.835   0.50 8.69  ? 79  CYS A CB  1 
ATOM   616  C CB  B CYS A 1 81  ? 1.476   7.230   7.883   0.50 16.14 ? 79  CYS A CB  1 
ATOM   617  S SG  A CYS A 1 81  ? 0.663   8.144   9.028   0.50 9.49  ? 79  CYS A SG  1 
ATOM   618  S SG  B CYS A 1 81  ? -0.019  6.253   7.860   0.50 21.09 ? 79  CYS A SG  1 
ATOM   619  N N   . LEU A 1 82  ? 2.766   9.923   6.663   1.00 9.07  ? 80  LEU A N   1 
ATOM   620  C CA  . LEU A 1 82  ? 3.806   10.902  6.972   1.00 9.81  ? 80  LEU A CA  1 
ATOM   621  C C   . LEU A 1 82  ? 4.311   10.627  8.394   1.00 10.47 ? 80  LEU A C   1 
ATOM   622  O O   . LEU A 1 82  ? 3.532   10.310  9.303   1.00 9.56  ? 80  LEU A O   1 
ATOM   623  C CB  . LEU A 1 82  ? 3.280   12.316  6.894   1.00 10.29 ? 80  LEU A CB  1 
ATOM   624  C CG  . LEU A 1 82  ? 2.898   12.818  5.535   1.00 11.18 ? 80  LEU A CG  1 
ATOM   625  C CD1 . LEU A 1 82  ? 2.231   14.146  5.686   1.00 11.77 ? 80  LEU A CD1 1 
ATOM   626  C CD2 . LEU A 1 82  ? 4.114   12.923  4.627   1.00 14.30 ? 80  LEU A CD2 1 
ATOM   627  N N   . ALA A 1 83  ? 5.651   10.750  8.593   1.00 10.97 ? 81  ALA A N   1 
ATOM   628  C CA  . ALA A 1 83  ? 6.284   10.429  9.872   1.00 11.82 ? 81  ALA A CA  1 
ATOM   629  C C   . ALA A 1 83  ? 5.615   11.073  11.119  1.00 12.07 ? 81  ALA A C   1 
ATOM   630  O O   . ALA A 1 83  ? 5.412   10.356  12.082  1.00 11.53 ? 81  ALA A O   1 
ATOM   631  C CB  . ALA A 1 83  ? 7.774   10.752  9.819   1.00 13.44 ? 81  ALA A CB  1 
ATOM   632  N N   . PRO A 1 84  ? 5.165   12.359  11.074  1.00 11.40 ? 82  PRO A N   1 
ATOM   633  C CA  . PRO A 1 84  ? 4.570   12.950  12.276  1.00 12.20 ? 82  PRO A CA  1 
ATOM   634  C C   . PRO A 1 84  ? 3.261   12.312  12.720  1.00 12.91 ? 82  PRO A C   1 
ATOM   635  O O   . PRO A 1 84  ? 2.836   12.522  13.858  1.00 13.72 ? 82  PRO A O   1 
ATOM   636  C CB  . PRO A 1 84  ? 4.389   14.430  11.907  1.00 14.21 ? 82  PRO A CB  1 
ATOM   637  C CG  . PRO A 1 84  ? 5.373   14.674  10.841  1.00 16.65 ? 82  PRO A CG  1 
ATOM   638  C CD  . PRO A 1 84  ? 5.375   13.392  10.046  1.00 13.35 ? 82  PRO A CD  1 
ATOM   639  N N   . TYR A 1 85  ? 2.612   11.518  11.834  1.00 11.03 ? 83  TYR A N   1 
ATOM   640  C CA  . TYR A 1 85  ? 1.306   10.944  12.111  1.00 11.28 ? 83  TYR A CA  1 
ATOM   641  C C   . TYR A 1 85  ? 1.329   9.438   12.295  1.00 12.63 ? 83  TYR A C   1 
ATOM   642  O O   . TYR A 1 85  ? 0.272   8.828   12.392  1.00 11.76 ? 83  TYR A O   1 
ATOM   643  C CB  . TYR A 1 85  ? 0.332   11.349  11.009  1.00 11.70 ? 83  TYR A CB  1 
ATOM   644  C CG  . TYR A 1 85  ? 0.304   12.845  10.822  1.00 11.56 ? 83  TYR A CG  1 
ATOM   645  C CD1 . TYR A 1 85  ? 1.164   13.471  9.925   1.00 13.13 ? 83  TYR A CD1 1 
ATOM   646  C CD2 . TYR A 1 85  ? -0.592  13.640  11.523  1.00 13.04 ? 83  TYR A CD2 1 
ATOM   647  C CE1 . TYR A 1 85  ? 1.153   14.846  9.746   1.00 15.04 ? 83  TYR A CE1 1 
ATOM   648  C CE2 . TYR A 1 85  ? -0.612  15.026  11.350  1.00 14.19 ? 83  TYR A CE2 1 
ATOM   649  C CZ  . TYR A 1 85  ? 0.267   15.619  10.462  1.00 17.98 ? 83  TYR A CZ  1 
ATOM   650  O OH  . TYR A 1 85  ? 0.257   16.982  10.242  1.00 21.83 ? 83  TYR A OH  1 
ATOM   651  N N   . ARG A 1 86  ? 2.524   8.836   12.379  1.00 11.45 ? 84  ARG A N   1 
ATOM   652  C CA  . ARG A 1 86  ? 2.633   7.388   12.556  1.00 10.79 ? 84  ARG A CA  1 
ATOM   653  C C   . ARG A 1 86  ? 2.254   6.958   13.948  1.00 11.90 ? 84  ARG A C   1 
ATOM   654  O O   . ARG A 1 86  ? 2.211   7.774   14.884  1.00 12.62 ? 84  ARG A O   1 
ATOM   655  C CB  . ARG A 1 86  ? 4.051   6.921   12.189  1.00 11.11 ? 84  ARG A CB  1 
ATOM   656  C CG  . ARG A 1 86  ? 4.288   7.023   10.709  1.00 10.65 ? 84  ARG A CG  1 
ATOM   657  C CD  . ARG A 1 86  ? 5.689   6.610   10.310  1.00 11.88 ? 84  ARG A CD  1 
ATOM   658  N NE  . ARG A 1 86  ? 5.864   7.028   8.931   1.00 12.03 ? 84  ARG A NE  1 
ATOM   659  C CZ  . ARG A 1 86  ? 7.033   7.185   8.321   1.00 13.71 ? 84  ARG A CZ  1 
ATOM   660  N NH1 . ARG A 1 86  ? 8.165   6.847   8.940   1.00 14.71 ? 84  ARG A NH1 1 
ATOM   661  N NH2 . ARG A 1 86  ? 7.086   7.710   7.109   1.00 12.11 ? 84  ARG A NH2 1 
ATOM   662  N N   . ARG A 1 87  ? 1.952   5.690   14.114  1.00 11.11 ? 85  ARG A N   1 
ATOM   663  C CA  . ARG A 1 87  ? 1.597   5.108   15.413  1.00 10.66 ? 85  ARG A CA  1 
ATOM   664  C C   . ARG A 1 87  ? 0.337   5.711   16.004  1.00 12.86 ? 85  ARG A C   1 
ATOM   665  O O   . ARG A 1 87  ? 0.190   5.842   17.230  1.00 13.56 ? 85  ARG A O   1 
ATOM   666  C CB  . ARG A 1 87  ? 2.762   5.140   16.442  1.00 14.61 ? 85  ARG A CB  1 
ATOM   667  C CG  . ARG A 1 87  ? 3.931   4.225   16.143  1.00 24.04 ? 85  ARG A CG  1 
ATOM   668  C CD  . ARG A 1 87  ? 3.585   2.747   15.991  1.00 22.93 ? 85  ARG A CD  1 
ATOM   669  N NE  . ARG A 1 87  ? 3.312   1.982   17.208  1.00 20.30 ? 85  ARG A NE  1 
ATOM   670  C CZ  . ARG A 1 87  ? 4.237   1.506   18.036  1.00 22.27 ? 85  ARG A CZ  1 
ATOM   671  N NH1 . ARG A 1 87  ? 5.517   1.830   17.873  1.00 16.82 ? 85  ARG A NH1 1 
ATOM   672  N NH2 . ARG A 1 87  ? 3.888   0.723   19.046  1.00 18.91 ? 85  ARG A NH2 1 
ATOM   673  N N   . LEU A 1 88  ? -0.616  6.038   15.119  1.00 10.35 ? 86  LEU A N   1 
ATOM   674  C CA  . LEU A 1 88  ? -1.921  6.578   15.498  1.00 11.00 ? 86  LEU A CA  1 
ATOM   675  C C   . LEU A 1 88  ? -3.033  5.730   14.899  1.00 9.55  ? 86  LEU A C   1 
ATOM   676  O O   . LEU A 1 88  ? -4.206  6.103   14.993  1.00 11.00 ? 86  LEU A O   1 
ATOM   677  C CB  . LEU A 1 88  ? -2.056  8.048   15.053  1.00 11.24 ? 86  LEU A CB  1 
ATOM   678  C CG  . LEU A 1 88  ? -1.130  9.046   15.756  1.00 15.34 ? 86  LEU A CG  1 
ATOM   679  C CD1 . LEU A 1 88  ? -1.266  10.414  15.136  1.00 17.03 ? 86  LEU A CD1 1 
ATOM   680  C CD2 . LEU A 1 88  ? -1.431  9.118   17.270  1.00 16.43 ? 86  LEU A CD2 1 
ATOM   681  N N   . GLY A 1 89  ? -2.698  4.605   14.270  1.00 8.46  ? 87  GLY A N   1 
ATOM   682  C CA  . GLY A 1 89  ? -3.681  3.695   13.689  1.00 8.82  ? 87  GLY A CA  1 
ATOM   683  C C   . GLY A 1 89  ? -4.018  3.970   12.235  1.00 8.65  ? 87  GLY A C   1 
ATOM   684  O O   . GLY A 1 89  ? -4.913  3.314   11.696  1.00 8.88  ? 87  GLY A O   1 
ATOM   685  N N   . ILE A 1 90  ? -3.329  4.894   11.584  1.00 8.54  ? 88  ILE A N   1 
ATOM   686  C CA  . ILE A 1 90  ? -3.668  5.257   10.198  1.00 8.28  ? 88  ILE A CA  1 
ATOM   687  C C   . ILE A 1 90  ? -3.330  4.131   9.234   1.00 8.72  ? 88  ILE A C   1 
ATOM   688  O O   . ILE A 1 90  ? -4.158  3.761   8.368   1.00 8.35  ? 88  ILE A O   1 
ATOM   689  C CB  . ILE A 1 90  ? -3.012  6.589   9.813   1.00 9.42  ? 88  ILE A CB  1 
ATOM   690  C CG1 . ILE A 1 90  ? -3.558  7.732   10.705  1.00 10.32 ? 88  ILE A CG1 1 
ATOM   691  C CG2 . ILE A 1 90  ? -3.184  6.867   8.317   1.00 12.06 ? 88  ILE A CG2 1 
ATOM   692  C CD1 . ILE A 1 90  ? -2.921  9.074   10.600  1.00 12.86 ? 88  ILE A CD1 1 
ATOM   693  N N   . GLY A 1 91  ? -2.167  3.509   9.400   1.00 7.80  ? 89  GLY A N   1 
ATOM   694  C CA  . GLY A 1 91  ? -1.769  2.364   8.584   1.00 7.69  ? 89  GLY A CA  1 
ATOM   695  C C   . GLY A 1 91  ? -2.794  1.251   8.713   1.00 8.06  ? 89  GLY A C   1 
ATOM   696  O O   . GLY A 1 91  ? -3.219  0.661   7.714   1.00 8.13  ? 89  GLY A O   1 
ATOM   697  N N   . THR A 1 92  ? -3.209  0.975   9.962   1.00 8.22  ? 90  THR A N   1 
ATOM   698  C CA  . THR A 1 92  ? -4.212  -0.050  10.237  1.00 8.55  ? 90  THR A CA  1 
ATOM   699  C C   . THR A 1 92  ? -5.528  0.265   9.530   1.00 9.32  ? 90  THR A C   1 
ATOM   700  O O   . THR A 1 92  ? -6.117  -0.612  8.917   1.00 9.09  ? 90  THR A O   1 
ATOM   701  C CB  . THR A 1 92  ? -4.398  -0.268  11.739  1.00 9.68  ? 90  THR A CB  1 
ATOM   702  O OG1 . THR A 1 92  ? -3.188  -0.744  12.304  1.00 10.50 ? 90  THR A OG1 1 
ATOM   703  C CG2 . THR A 1 92  ? -5.521  -1.228  12.080  1.00 11.78 ? 90  THR A CG2 1 
ATOM   704  N N   . LYS A 1 93  ? -5.985  1.504   9.612   1.00 8.62  ? 91  LYS A N   1 
ATOM   705  C CA  . LYS A 1 93  ? -7.224  1.874   8.940   1.00 8.93  ? 91  LYS A CA  1 
ATOM   706  C C   . LYS A 1 93  ? -7.121  1.646   7.427   1.00 8.75  ? 91  LYS A C   1 
ATOM   707  O O   . LYS A 1 93  ? -8.077  1.166   6.805   1.00 9.05  ? 91  LYS A O   1 
ATOM   708  C CB  . LYS A 1 93  ? -7.550  3.341   9.235   1.00 10.43 ? 91  LYS A CB  1 
ATOM   709  C CG  . LYS A 1 93  ? -8.973  3.678   8.865   1.00 21.24 ? 91  LYS A CG  1 
ATOM   710  C CD  . LYS A 1 93  ? -9.286  5.135   9.103   1.00 23.17 ? 91  LYS A CD  1 
ATOM   711  C CE  . LYS A 1 93  ? -10.774 5.346   9.272   1.00 29.67 ? 91  LYS A CE  1 
ATOM   712  N NZ  . LYS A 1 93  ? -11.535 4.996   8.047   1.00 18.38 ? 91  LYS A NZ  1 
ATOM   713  N N   . MET A 1 94  ? -5.999  2.039   6.813   1.00 7.51  ? 92  MET A N   1 
ATOM   714  C CA  . MET A 1 94  ? -5.855  1.842   5.387   1.00 6.84  ? 92  MET A CA  1 
ATOM   715  C C   . MET A 1 94  ? -5.787  0.379   5.010   1.00 8.39  ? 92  MET A C   1 
ATOM   716  O O   . MET A 1 94  ? -6.435  -0.041  4.042   1.00 8.35  ? 92  MET A O   1 
ATOM   717  C CB  . MET A 1 94  ? -4.596  2.540   4.883   1.00 7.25  ? 92  MET A CB  1 
ATOM   718  C CG  . MET A 1 94  ? -4.716  4.068   4.976   1.00 8.45  ? 92  MET A CG  1 
ATOM   719  S SD  . MET A 1 94  ? -3.378  4.965   4.184   1.00 9.02  ? 92  MET A SD  1 
ATOM   720  C CE  . MET A 1 94  ? -2.009  4.503   5.257   1.00 9.18  ? 92  MET A CE  1 
ATOM   721  N N   . LEU A 1 95  ? -5.030  -0.397  5.750   1.00 7.74  ? 93  LEU A N   1 
ATOM   722  C CA  . LEU A 1 95  ? -4.900  -1.812  5.416   1.00 8.00  ? 93  LEU A CA  1 
ATOM   723  C C   . LEU A 1 95  ? -6.215  -2.558  5.669   1.00 9.37  ? 93  LEU A C   1 
ATOM   724  O O   . LEU A 1 95  ? -6.631  -3.361  4.823   1.00 9.98  ? 93  LEU A O   1 
ATOM   725  C CB  . LEU A 1 95  ? -3.749  -2.427  6.189   1.00 8.21  ? 93  LEU A CB  1 
ATOM   726  C CG  . LEU A 1 95  ? -3.444  -3.908  5.866   1.00 9.82  ? 93  LEU A CG  1 
ATOM   727  C CD1 . LEU A 1 95  ? -3.250  -4.160  4.376   1.00 11.46 ? 93  LEU A CD1 1 
ATOM   728  C CD2 . LEU A 1 95  ? -2.216  -4.358  6.612   1.00 11.00 ? 93  LEU A CD2 1 
ATOM   729  N N   . ASN A 1 96  ? -6.916  -2.244  6.757   1.00 8.99  ? 94  ASN A N   1 
ATOM   730  C CA  . ASN A 1 96  ? -8.216  -2.882  6.975   1.00 10.38 ? 94  ASN A CA  1 
ATOM   731  C C   . ASN A 1 96  ? -9.221  -2.491  5.912   1.00 11.01 ? 94  ASN A C   1 
ATOM   732  O O   . ASN A 1 96  ? -10.052 -3.332  5.556   1.00 10.41 ? 94  ASN A O   1 
ATOM   733  C CB  . ASN A 1 96  ? -8.730  -2.571  8.360   1.00 12.65 ? 94  ASN A CB  1 
ATOM   734  C CG  . ASN A 1 96  ? -8.098  -3.383  9.462   1.00 15.19 ? 94  ASN A CG  1 
ATOM   735  O OD1 . ASN A 1 96  ? -7.497  -4.427  9.226   1.00 16.56 ? 94  ASN A OD1 1 
ATOM   736  N ND2 . ASN A 1 96  ? -8.251  -2.899  10.686  1.00 14.94 ? 94  ASN A ND2 1 
ATOM   737  N N   . HIS A 1 97  ? -9.148  -1.273  5.351   1.00 9.42  ? 95  HIS A N   1 
ATOM   738  C CA  . HIS A 1 97  ? -10.056 -0.907  4.273   1.00 9.10  ? 95  HIS A CA  1 
ATOM   739  C C   . HIS A 1 97  ? -9.880  -1.863  3.101   1.00 10.38 ? 95  HIS A C   1 
ATOM   740  O O   . HIS A 1 97  ? -10.851 -2.384  2.552   1.00 10.62 ? 95  HIS A O   1 
ATOM   741  C CB  . HIS A 1 97  ? -9.756  0.525   3.861   1.00 9.54  ? 95  HIS A CB  1 
ATOM   742  C CG  . HIS A 1 97  ? -10.411 0.938   2.594   1.00 11.01 ? 95  HIS A CG  1 
ATOM   743  N ND1 . HIS A 1 97  ? -11.717 1.379   2.558   1.00 13.21 ? 95  HIS A ND1 1 
ATOM   744  C CD2 . HIS A 1 97  ? -9.909  0.949   1.338   1.00 12.53 ? 95  HIS A CD2 1 
ATOM   745  C CE1 . HIS A 1 97  ? -11.975 1.636   1.282   1.00 12.37 ? 95  HIS A CE1 1 
ATOM   746  N NE2 . HIS A 1 97  ? -10.912 1.390   0.517   1.00 12.31 ? 95  HIS A NE2 1 
ATOM   747  N N   . VAL A 1 98  ? -8.631  -2.102  2.684   1.00 9.86  ? 96  VAL A N   1 
ATOM   748  C CA  A VAL A 1 98  ? -8.399  -2.978  1.530   0.50 10.92 ? 96  VAL A CA  1 
ATOM   749  C CA  B VAL A 1 98  ? -8.394  -2.987  1.551   0.50 10.41 ? 96  VAL A CA  1 
ATOM   750  C C   . VAL A 1 98  ? -8.702  -4.451  1.904   1.00 11.75 ? 96  VAL A C   1 
ATOM   751  O O   . VAL A 1 98  ? -9.290  -5.172  1.094   1.00 11.89 ? 96  VAL A O   1 
ATOM   752  C CB  A VAL A 1 98  ? -7.035  -2.744  0.812   0.50 16.78 ? 96  VAL A CB  1 
ATOM   753  C CB  B VAL A 1 98  ? -7.000  -2.739  0.946   0.50 15.51 ? 96  VAL A CB  1 
ATOM   754  C CG1 A VAL A 1 98  ? -6.881  -1.288  0.399   0.50 17.31 ? 96  VAL A CG1 1 
ATOM   755  C CG1 B VAL A 1 98  ? -6.488  -3.911  0.131   0.50 13.89 ? 96  VAL A CG1 1 
ATOM   756  C CG2 A VAL A 1 98  ? -5.857  -3.154  1.660   0.50 16.66 ? 96  VAL A CG2 1 
ATOM   757  C CG2 B VAL A 1 98  ? -7.038  -1.488  0.084   0.50 16.71 ? 96  VAL A CG2 1 
ATOM   758  N N   . LEU A 1 99  ? -8.415  -4.871  3.142   1.00 10.88 ? 97  LEU A N   1 
ATOM   759  C CA  . LEU A 1 99  ? -8.797  -6.238  3.533   1.00 12.49 ? 97  LEU A CA  1 
ATOM   760  C C   . LEU A 1 99  ? -10.324 -6.383  3.523   1.00 13.88 ? 97  LEU A C   1 
ATOM   761  O O   . LEU A 1 99  ? -10.810 -7.445  3.114   1.00 14.38 ? 97  LEU A O   1 
ATOM   762  C CB  . LEU A 1 99  ? -8.267  -6.565  4.921   1.00 13.85 ? 97  LEU A CB  1 
ATOM   763  C CG  . LEU A 1 99  ? -6.752  -6.731  5.007   1.00 19.02 ? 97  LEU A CG  1 
ATOM   764  C CD1 . LEU A 1 99  ? -6.322  -6.916  6.414   1.00 19.87 ? 97  LEU A CD1 1 
ATOM   765  C CD2 . LEU A 1 99  ? -6.259  -7.890  4.188   1.00 22.28 ? 97  LEU A CD2 1 
ATOM   766  N N   . ASN A 1 100 ? -11.065 -5.347  3.914   1.00 12.38 ? 98  ASN A N   1 
ATOM   767  C CA  . ASN A 1 100 ? -12.543 -5.385  3.878   1.00 14.17 ? 98  ASN A CA  1 
ATOM   768  C C   . ASN A 1 100 ? -13.033 -5.572  2.447   1.00 17.66 ? 98  ASN A C   1 
ATOM   769  O O   . ASN A 1 100 ? -13.947 -6.375  2.208   1.00 18.17 ? 98  ASN A O   1 
ATOM   770  C CB  . ASN A 1 100 ? -13.156 -4.114  4.452   1.00 15.88 ? 98  ASN A CB  1 
ATOM   771  C CG  . ASN A 1 100 ? -13.014 -3.909  5.930   1.00 31.54 ? 98  ASN A CG  1 
ATOM   772  O OD1 . ASN A 1 100 ? -12.740 -4.832  6.692   1.00 27.01 ? 98  ASN A OD1 1 
ATOM   773  N ND2 . ASN A 1 100 ? -13.192 -2.664  6.368   1.00 25.65 ? 98  ASN A ND2 1 
ATOM   774  N N   . ILE A 1 101 ? -12.443 -4.863  1.486   1.00 14.23 ? 99  ILE A N   1 
ATOM   775  C CA  . ILE A 1 101 ? -12.838 -5.016  0.085   1.00 15.07 ? 99  ILE A CA  1 
ATOM   776  C C   . ILE A 1 101 ? -12.596 -6.455  -0.350  1.00 19.42 ? 99  ILE A C   1 
ATOM   777  O O   . ILE A 1 101 ? -13.491 -7.070  -0.947  1.00 19.64 ? 99  ILE A O   1 
ATOM   778  C CB  . ILE A 1 101 ? -12.060 -4.048  -0.817  1.00 17.66 ? 99  ILE A CB  1 
ATOM   779  C CG1 . ILE A 1 101 ? -12.454 -2.607  -0.508  1.00 17.94 ? 99  ILE A CG1 1 
ATOM   780  C CG2 . ILE A 1 101 ? -12.304 -4.349  -2.303  1.00 20.04 ? 99  ILE A CG2 1 
ATOM   781  C CD1 . ILE A 1 101 ? -11.383 -1.602  -0.894  1.00 29.05 ? 99  ILE A CD1 1 
ATOM   782  N N   . CYS A 1 102 ? -11.421 -7.023  -0.047  1.00 15.03 ? 100 CYS A N   1 
ATOM   783  C CA  . CYS A 1 102 ? -11.154 -8.383  -0.466  1.00 15.56 ? 100 CYS A CA  1 
ATOM   784  C C   . CYS A 1 102 ? -12.143 -9.347  0.160   1.00 20.68 ? 100 CYS A C   1 
ATOM   785  O O   . CYS A 1 102 ? -12.601 -10.260 -0.538  1.00 21.45 ? 100 CYS A O   1 
ATOM   786  C CB  . CYS A 1 102 ? -9.717  -8.776  -0.163  1.00 15.55 ? 100 CYS A CB  1 
ATOM   787  S SG  . CYS A 1 102 ? -8.491  -7.804  -1.063  1.00 18.03 ? 100 CYS A SG  1 
ATOM   788  N N   . GLU A 1 103 ? -12.533 -9.108  1.433   1.00 18.94 ? 101 GLU A N   1 
ATOM   789  C CA  . GLU A 1 103 ? -13.485 -9.956  2.179   1.00 21.55 ? 101 GLU A CA  1 
ATOM   790  C C   . GLU A 1 103 ? -14.863 -9.936  1.538   1.00 27.22 ? 101 GLU A C   1 
ATOM   791  O O   . GLU A 1 103 ? -15.451 -11.006 1.330   1.00 27.73 ? 101 GLU A O   1 
ATOM   792  C CB  . GLU A 1 103 ? -13.582 -9.489  3.644   1.00 23.55 ? 101 GLU A CB  1 
ATOM   793  C CG  . GLU A 1 103 ? -14.094 -10.548 4.612   1.00 37.78 ? 101 GLU A CG  1 
ATOM   794  C CD  . GLU A 1 103 ? -15.570 -10.503 4.967   1.00 68.06 ? 101 GLU A CD  1 
ATOM   795  O OE1 . GLU A 1 103 ? -16.122 -9.389  5.126   1.00 62.89 ? 101 GLU A OE1 1 
ATOM   796  O OE2 . GLU A 1 103 ? -16.172 -11.592 5.116   1.00 68.94 ? 101 GLU A OE2 1 
ATOM   797  N N   . LYS A 1 104 ? -15.375 -8.735  1.212   1.00 24.77 ? 102 LYS A N   1 
ATOM   798  C CA  . LYS A 1 104 ? -16.703 -8.573  0.594   1.00 24.64 ? 102 LYS A CA  1 
ATOM   799  C C   . LYS A 1 104 ? -16.762 -9.408  -0.674  1.00 29.67 ? 102 LYS A C   1 
ATOM   800  O O   . LYS A 1 104 ? -17.663 -10.230 -0.855  1.00 29.77 ? 102 LYS A O   1 
ATOM   801  C CB  . LYS A 1 104 ? -16.944 -7.104  0.227   1.00 27.11 ? 102 LYS A CB  1 
ATOM   802  C CG  . LYS A 1 104 ? -17.131 -6.212  1.420   1.00 39.66 ? 102 LYS A CG  1 
ATOM   803  C CD  . LYS A 1 104 ? -16.823 -4.769  1.104   1.00 45.37 ? 102 LYS A CD  1 
ATOM   804  C CE  . LYS A 1 104 ? -16.424 -4.047  2.363   1.00 39.16 ? 102 LYS A CE  1 
ATOM   805  N NZ  . LYS A 1 104 ? -15.644 -2.845  2.035   1.00 24.83 ? 102 LYS A NZ  1 
ATOM   806  N N   . ASP A 1 105 ? -15.754 -9.220  -1.521  1.00 24.42 ? 103 ASP A N   1 
ATOM   807  C CA  . ASP A 1 105 ? -15.584 -9.873  -2.798  1.00 22.36 ? 103 ASP A CA  1 
ATOM   808  C C   . ASP A 1 105 ? -15.481 -11.421 -2.655  1.00 24.31 ? 103 ASP A C   1 
ATOM   809  O O   . ASP A 1 105 ? -16.318 -12.141 -3.210  1.00 23.55 ? 103 ASP A O   1 
ATOM   810  C CB  . ASP A 1 105 ? -14.370 -9.224  -3.474  1.00 23.34 ? 103 ASP A CB  1 
ATOM   811  C CG  . ASP A 1 105 ? -14.168 -9.631  -4.889  1.00 27.64 ? 103 ASP A CG  1 
ATOM   812  O OD1 . ASP A 1 105 ? -14.213 -10.828 -5.152  1.00 26.55 ? 103 ASP A OD1 1 
ATOM   813  O OD2 . ASP A 1 105 ? -13.942 -8.739  -5.738  1.00 33.74 ? 103 ASP A OD2 1 
ATOM   814  N N   . GLY A 1 106 ? -14.500 -11.906 -1.903  1.00 17.30 ? 104 GLY A N   1 
ATOM   815  C CA  . GLY A 1 106 ? -14.273 -13.315 -1.621  1.00 17.99 ? 104 GLY A CA  1 
ATOM   816  C C   . GLY A 1 106 ? -13.522 -14.067 -2.698  1.00 17.41 ? 104 GLY A C   1 
ATOM   817  O O   . GLY A 1 106 ? -13.080 -15.187 -2.451  1.00 17.34 ? 104 GLY A O   1 
ATOM   818  N N   . THR A 1 107 ? -13.277 -13.412 -3.873  1.00 14.61 ? 105 THR A N   1 
ATOM   819  C CA  . THR A 1 107 ? -12.649 -14.072 -5.005  1.00 14.14 ? 105 THR A CA  1 
ATOM   820  C C   . THR A 1 107 ? -11.141 -13.867 -5.103  1.00 14.28 ? 105 THR A C   1 
ATOM   821  O O   . THR A 1 107 ? -10.525 -14.366 -6.036  1.00 15.67 ? 105 THR A O   1 
ATOM   822  C CB  . THR A 1 107 ? -13.337 -13.744 -6.315  1.00 18.58 ? 105 THR A CB  1 
ATOM   823  O OG1 . THR A 1 107 ? -13.090 -12.388 -6.676  1.00 18.49 ? 105 THR A OG1 1 
ATOM   824  C CG2 . THR A 1 107 ? -14.831 -14.063 -6.295  1.00 17.87 ? 105 THR A CG2 1 
ATOM   825  N N   . PHE A 1 108 ? -10.538 -13.177 -4.132  1.00 11.78 ? 106 PHE A N   1 
ATOM   826  C CA  . PHE A 1 108 ? -9.082  -13.038 -4.168  1.00 10.91 ? 106 PHE A CA  1 
ATOM   827  C C   . PHE A 1 108 ? -8.439  -14.234 -3.519  1.00 13.01 ? 106 PHE A C   1 
ATOM   828  O O   . PHE A 1 108 ? -8.859  -14.667 -2.446  1.00 14.60 ? 106 PHE A O   1 
ATOM   829  C CB  . PHE A 1 108 ? -8.643  -11.775 -3.409  1.00 10.80 ? 106 PHE A CB  1 
ATOM   830  C CG  . PHE A 1 108 ? -9.004  -10.521 -4.147  1.00 11.12 ? 106 PHE A CG  1 
ATOM   831  C CD1 . PHE A 1 108 ? -8.132  -9.968  -5.079  1.00 12.84 ? 106 PHE A CD1 1 
ATOM   832  C CD2 . PHE A 1 108 ? -10.219 -9.891  -3.918  1.00 12.74 ? 106 PHE A CD2 1 
ATOM   833  C CE1 . PHE A 1 108 ? -8.453  -8.794  -5.756  1.00 13.61 ? 106 PHE A CE1 1 
ATOM   834  C CE2 . PHE A 1 108 ? -10.559 -8.730  -4.611  1.00 13.69 ? 106 PHE A CE2 1 
ATOM   835  C CZ  . PHE A 1 108 ? -9.668  -8.179  -5.523  1.00 12.04 ? 106 PHE A CZ  1 
ATOM   836  N N   . ASP A 1 109 ? -7.394  -14.739 -4.142  1.00 12.14 ? 107 ASP A N   1 
ATOM   837  C CA  . ASP A 1 109 ? -6.630  -15.843 -3.570  1.00 11.99 ? 107 ASP A CA  1 
ATOM   838  C C   . ASP A 1 109 ? -5.700  -15.389 -2.462  1.00 12.34 ? 107 ASP A C   1 
ATOM   839  O O   . ASP A 1 109 ? -5.526  -16.091 -1.455  1.00 12.49 ? 107 ASP A O   1 
ATOM   840  C CB  . ASP A 1 109 ? -5.823  -16.526 -4.638  1.00 13.29 ? 107 ASP A CB  1 
ATOM   841  C CG  . ASP A 1 109 ? -6.738  -17.239 -5.577  1.00 12.90 ? 107 ASP A CG  1 
ATOM   842  O OD1 . ASP A 1 109 ? -7.423  -18.199 -5.122  1.00 15.41 ? 107 ASP A OD1 1 
ATOM   843  O OD2 . ASP A 1 109 ? -6.807  -16.837 -6.735  1.00 14.59 ? 107 ASP A OD2 1 
ATOM   844  N N   . ASN A 1 110 ? -5.102  -14.172 -2.632  1.00 10.52 ? 108 ASN A N   1 
ATOM   845  C CA  . ASN A 1 110 ? -4.155  -13.643 -1.656  1.00 9.63  ? 108 ASN A CA  1 
ATOM   846  C C   . ASN A 1 110 ? -3.952  -12.155 -1.939  1.00 8.86  ? 108 ASN A C   1 
ATOM   847  O O   . ASN A 1 110 ? -4.412  -11.620 -2.984  1.00 8.91  ? 108 ASN A O   1 
ATOM   848  C CB  . ASN A 1 110 ? -2.793  -14.412 -1.759  1.00 10.21 ? 108 ASN A CB  1 
ATOM   849  C CG  . ASN A 1 110 ? -2.204  -14.414 -3.125  1.00 11.21 ? 108 ASN A CG  1 
ATOM   850  O OD1 . ASN A 1 110 ? -1.777  -13.366 -3.658  1.00 10.69 ? 108 ASN A OD1 1 
ATOM   851  N ND2 . ASN A 1 110 ? -2.126  -15.599 -3.737  1.00 13.00 ? 108 ASN A ND2 1 
ATOM   852  N N   . ILE A 1 111 ? -3.270  -11.542 -1.001  1.00 8.74  ? 109 ILE A N   1 
ATOM   853  C CA  A ILE A 1 111 ? -2.830  -10.159 -1.071  0.50 6.63  ? 109 ILE A CA  1 
ATOM   854  C CA  B ILE A 1 111 ? -2.858  -10.130 -1.020  0.50 8.24  ? 109 ILE A CA  1 
ATOM   855  C C   . ILE A 1 111 ? -1.331  -10.156 -0.893  1.00 8.46  ? 109 ILE A C   1 
ATOM   856  O O   . ILE A 1 111 ? -0.820  -10.905 -0.031  1.00 8.79  ? 109 ILE A O   1 
ATOM   857  C CB  A ILE A 1 111 ? -3.596  -9.302  -0.065  0.50 7.76  ? 109 ILE A CB  1 
ATOM   858  C CB  B ILE A 1 111 ? -3.489  -9.329  0.150   0.50 10.96 ? 109 ILE A CB  1 
ATOM   859  C CG1 A ILE A 1 111 ? -3.157  -7.845  -0.140  0.50 5.50  ? 109 ILE A CG1 1 
ATOM   860  C CG1 B ILE A 1 111 ? -5.026  -9.226  -0.044  0.50 13.09 ? 109 ILE A CG1 1 
ATOM   861  C CG2 A ILE A 1 111 ? -3.633  -9.841  1.360   0.50 9.30  ? 109 ILE A CG2 1 
ATOM   862  C CG2 B ILE A 1 111 ? -2.847  -7.937  0.256   0.50 12.83 ? 109 ILE A CG2 1 
ATOM   863  C CD1 A ILE A 1 111 ? -4.185  -6.909  0.550   0.50 14.27 ? 109 ILE A CD1 1 
ATOM   864  C CD1 B ILE A 1 111 ? -5.795  -8.588  0.958   0.50 27.62 ? 109 ILE A CD1 1 
ATOM   865  N N   . TYR A 1 112 ? -0.603  -9.395  -1.714  1.00 7.79  ? 110 TYR A N   1 
ATOM   866  C CA  . TYR A 1 112 ? 0.838   -9.426  -1.586  1.00 7.52  ? 110 TYR A CA  1 
ATOM   867  C C   . TYR A 1 112 ? 1.427   -8.060  -1.845  1.00 7.73  ? 110 TYR A C   1 
ATOM   868  O O   . TYR A 1 112 ? 0.723   -7.148  -2.331  1.00 7.63  ? 110 TYR A O   1 
ATOM   869  C CB  . TYR A 1 112 ? 1.441   -10.523 -2.489  1.00 7.94  ? 110 TYR A CB  1 
ATOM   870  C CG  . TYR A 1 112 ? 1.518   -10.164 -3.940  1.00 8.32  ? 110 TYR A CG  1 
ATOM   871  C CD1 . TYR A 1 112 ? 0.375   -10.139 -4.744  1.00 9.47  ? 110 TYR A CD1 1 
ATOM   872  C CD2 . TYR A 1 112 ? 2.750   -9.962  -4.550  1.00 9.43  ? 110 TYR A CD2 1 
ATOM   873  C CE1 . TYR A 1 112 ? 0.457   -9.849  -6.096  1.00 9.74  ? 110 TYR A CE1 1 
ATOM   874  C CE2 . TYR A 1 112 ? 2.849   -9.709  -5.907  1.00 10.37 ? 110 TYR A CE2 1 
ATOM   875  C CZ  . TYR A 1 112 ? 1.700   -9.657  -6.679  1.00 11.41 ? 110 TYR A CZ  1 
ATOM   876  O OH  . TYR A 1 112 ? 1.810   -9.403  -8.021  1.00 14.19 ? 110 TYR A OH  1 
ATOM   877  N N   . LEU A 1 113 ? 2.718   -7.907  -1.536  1.00 7.30  ? 111 LEU A N   1 
ATOM   878  C CA  . LEU A 1 113 ? 3.420   -6.643  -1.677  1.00 6.88  ? 111 LEU A CA  1 
ATOM   879  C C   . LEU A 1 113 ? 4.907   -6.932  -1.655  1.00 6.51  ? 111 LEU A C   1 
ATOM   880  O O   . LEU A 1 113 ? 5.339   -8.014  -1.193  1.00 7.83  ? 111 LEU A O   1 
ATOM   881  C CB  . LEU A 1 113 ? 3.022   -5.702  -0.536  1.00 7.83  ? 111 LEU A CB  1 
ATOM   882  C CG  . LEU A 1 113 ? 3.370   -6.172  0.878   1.00 8.94  ? 111 LEU A CG  1 
ATOM   883  C CD1 . LEU A 1 113 ? 4.763   -5.726  1.364   1.00 12.65 ? 111 LEU A CD1 1 
ATOM   884  C CD2 . LEU A 1 113 ? 2.296   -5.836  1.846   1.00 14.79 ? 111 LEU A CD2 1 
ATOM   885  N N   . HIS A 1 114 ? 5.690   -5.950  -2.044  1.00 7.52  ? 112 HIS A N   1 
ATOM   886  C CA  . HIS A 1 114 ? 7.138   -5.978  -1.914  1.00 7.66  ? 112 HIS A CA  1 
ATOM   887  C C   . HIS A 1 114 ? 7.558   -4.999  -0.836  1.00 7.76  ? 112 HIS A C   1 
ATOM   888  O O   . HIS A 1 114 ? 7.007   -3.905  -0.736  1.00 8.39  ? 112 HIS A O   1 
ATOM   889  C CB  . HIS A 1 114 ? 7.792   -5.545  -3.235  1.00 9.11  ? 112 HIS A CB  1 
ATOM   890  C CG  . HIS A 1 114 ? 7.690   -6.584  -4.299  1.00 9.23  ? 112 HIS A CG  1 
ATOM   891  N ND1 . HIS A 1 114 ? 6.655   -6.577  -5.216  1.00 9.96  ? 112 HIS A ND1 1 
ATOM   892  C CD2 . HIS A 1 114 ? 8.534   -7.592  -4.595  1.00 11.20 ? 112 HIS A CD2 1 
ATOM   893  C CE1 . HIS A 1 114 ? 6.878   -7.609  -6.013  1.00 10.12 ? 112 HIS A CE1 1 
ATOM   894  N NE2 . HIS A 1 114 ? 7.973   -8.273  -5.644  1.00 11.67 ? 112 HIS A NE2 1 
ATOM   895  N N   . VAL A 1 115 ? 8.580   -5.372  -0.070  1.00 7.98  ? 113 VAL A N   1 
ATOM   896  C CA  . VAL A 1 115 ? 9.137   -4.480  0.918   1.00 9.01  ? 113 VAL A CA  1 
ATOM   897  C C   . VAL A 1 115 ? 10.639  -4.649  0.997   1.00 9.83  ? 113 VAL A C   1 
ATOM   898  O O   . VAL A 1 115 ? 11.155  -5.764  1.096   1.00 9.64  ? 113 VAL A O   1 
ATOM   899  C CB  . VAL A 1 115 ? 8.468   -4.623  2.285   1.00 11.91 ? 113 VAL A CB  1 
ATOM   900  C CG1 . VAL A 1 115 ? 8.627   -6.020  2.848   1.00 13.45 ? 113 VAL A CG1 1 
ATOM   901  C CG2 . VAL A 1 115 ? 8.975   -3.584  3.278   1.00 11.94 ? 113 VAL A CG2 1 
ATOM   902  N N   . GLN A 1 116 ? 11.321  -3.533  0.995   1.00 8.96  ? 114 GLN A N   1 
ATOM   903  C CA  . GLN A 1 116 ? 12.778  -3.508  1.127   1.00 10.39 ? 114 GLN A CA  1 
ATOM   904  C C   . GLN A 1 116 ? 13.154  -4.280  2.398   1.00 9.74  ? 114 GLN A C   1 
ATOM   905  O O   . GLN A 1 116 ? 12.538  -4.104  3.455   1.00 10.32 ? 114 GLN A O   1 
ATOM   906  C CB  . GLN A 1 116 ? 13.208  -2.059  1.191   1.00 12.77 ? 114 GLN A CB  1 
ATOM   907  C CG  . GLN A 1 116 ? 14.684  -1.855  0.971   1.00 14.80 ? 114 GLN A CG  1 
ATOM   908  C CD  . GLN A 1 116 ? 15.043  -0.395  1.065   1.00 19.03 ? 114 GLN A CD  1 
ATOM   909  O OE1 . GLN A 1 116 ? 14.277  0.452   1.550   1.00 18.24 ? 114 GLN A OE1 1 
ATOM   910  N NE2 . GLN A 1 116 ? 16.244  -0.079  0.580   1.00 18.36 ? 114 GLN A NE2 1 
ATOM   911  N N   . ILE A 1 117 ? 14.158  -5.145  2.285   1.00 10.80 ? 115 ILE A N   1 
ATOM   912  C CA  . ILE A 1 117 ? 14.516  -6.026  3.390   1.00 11.69 ? 115 ILE A CA  1 
ATOM   913  C C   . ILE A 1 117 ? 14.974  -5.308  4.667   1.00 12.73 ? 115 ILE A C   1 
ATOM   914  O O   . ILE A 1 117 ? 14.906  -5.922  5.743   1.00 14.64 ? 115 ILE A O   1 
ATOM   915  C CB  . ILE A 1 117 ? 15.546  -7.088  2.960   1.00 13.74 ? 115 ILE A CB  1 
ATOM   916  C CG1 . ILE A 1 117 ? 16.887  -6.429  2.522   1.00 13.73 ? 115 ILE A CG1 1 
ATOM   917  C CG2 . ILE A 1 117 ? 14.966  -8.013  1.897   1.00 14.37 ? 115 ILE A CG2 1 
ATOM   918  C CD1 . ILE A 1 117 ? 18.094  -7.379  2.369   1.00 16.07 ? 115 ILE A CD1 1 
ATOM   919  N N   . SER A 1 118 ? 15.383  -4.044  4.566   1.00 11.32 ? 116 SER A N   1 
ATOM   920  C CA  . SER A 1 118 ? 15.844  -3.279  5.714   1.00 12.55 ? 116 SER A CA  1 
ATOM   921  C C   . SER A 1 118 ? 14.675  -2.707  6.530   1.00 14.40 ? 116 SER A C   1 
ATOM   922  O O   . SER A 1 118 ? 14.891  -2.182  7.633   1.00 13.60 ? 116 SER A O   1 
ATOM   923  C CB  . SER A 1 118 ? 16.713  -2.117  5.249   1.00 14.69 ? 116 SER A CB  1 
ATOM   924  O OG  . SER A 1 118 ? 16.046  -1.376  4.240   1.00 17.59 ? 116 SER A OG  1 
ATOM   925  N N   . ASN A 1 119 ? 13.432  -2.728  5.975   1.00 11.64 ? 117 ASN A N   1 
ATOM   926  C CA  . ASN A 1 119 ? 12.317  -2.078  6.619   1.00 11.62 ? 117 ASN A CA  1 
ATOM   927  C C   . ASN A 1 119 ? 11.652  -3.002  7.617   1.00 13.10 ? 117 ASN A C   1 
ATOM   928  O O   . ASN A 1 119 ? 10.534  -3.507  7.416   1.00 12.56 ? 117 ASN A O   1 
ATOM   929  C CB  . ASN A 1 119 ? 11.373  -1.584  5.549   1.00 11.85 ? 117 ASN A CB  1 
ATOM   930  C CG  . ASN A 1 119 ? 10.394  -0.571  6.048   1.00 12.29 ? 117 ASN A CG  1 
ATOM   931  O OD1 . ASN A 1 119 ? 10.141  -0.437  7.241   1.00 12.66 ? 117 ASN A OD1 1 
ATOM   932  N ND2 . ASN A 1 119 ? 9.799   0.190   5.123   1.00 13.16 ? 117 ASN A ND2 1 
ATOM   933  N N   . GLU A 1 120 ? 12.352  -3.218  8.727   1.00 13.08 ? 118 GLU A N   1 
ATOM   934  C CA  . GLU A 1 120 ? 11.900  -4.096  9.781   1.00 13.89 ? 118 GLU A CA  1 
ATOM   935  C C   . GLU A 1 120 ? 10.574  -3.686  10.344  1.00 15.21 ? 118 GLU A C   1 
ATOM   936  O O   . GLU A 1 120 ? 9.746   -4.549  10.647  1.00 14.92 ? 118 GLU A O   1 
ATOM   937  C CB  . GLU A 1 120 ? 12.974  -4.167  10.880  1.00 15.81 ? 118 GLU A CB  1 
ATOM   938  C CG  . GLU A 1 120 ? 14.143  -5.068  10.508  1.00 32.29 ? 118 GLU A CG  1 
ATOM   939  C CD  . GLU A 1 120 ? 15.461  -4.733  11.180  1.00 65.08 ? 118 GLU A CD  1 
ATOM   940  O OE1 . GLU A 1 120 ? 15.500  -4.673  12.431  1.00 61.34 ? 118 GLU A OE1 1 
ATOM   941  O OE2 . GLU A 1 120 ? 16.462  -4.542  10.451  1.00 65.89 ? 118 GLU A OE2 1 
ATOM   942  N N   . SER A 1 121 ? 10.381  -2.396  10.539  1.00 12.87 ? 119 SER A N   1 
ATOM   943  C CA  . SER A 1 121 ? 9.112   -1.974  11.127  1.00 12.13 ? 119 SER A CA  1 
ATOM   944  C C   . SER A 1 121 ? 7.924   -2.239  10.211  1.00 13.01 ? 119 SER A C   1 
ATOM   945  O O   . SER A 1 121 ? 6.865   -2.650  10.706  1.00 12.83 ? 119 SER A O   1 
ATOM   946  C CB  . SER A 1 121 ? 9.158   -0.521  11.551  1.00 16.65 ? 119 SER A CB  1 
ATOM   947  O OG  . SER A 1 121 ? 9.341   0.319   10.435  1.00 18.10 ? 119 SER A OG  1 
ATOM   948  N N   . ALA A 1 122 ? 8.083   -2.049  8.889   1.00 10.40 ? 120 ALA A N   1 
ATOM   949  C CA  . ALA A 1 122 ? 6.960   -2.357  7.994   1.00 10.23 ? 120 ALA A CA  1 
ATOM   950  C C   . ALA A 1 122 ? 6.693   -3.857  7.967   1.00 11.13 ? 120 ALA A C   1 
ATOM   951  O O   . ALA A 1 122 ? 5.544   -4.275  7.992   1.00 10.33 ? 120 ALA A O   1 
ATOM   952  C CB  . ALA A 1 122 ? 7.220   -1.849  6.595   1.00 11.19 ? 120 ALA A CB  1 
ATOM   953  N N   . ILE A 1 123 ? 7.761   -4.689  7.947   1.00 10.64 ? 121 ILE A N   1 
ATOM   954  C CA  . ILE A 1 123 ? 7.582   -6.138  7.911   1.00 10.88 ? 121 ILE A CA  1 
ATOM   955  C C   . ILE A 1 123 ? 6.789   -6.575  9.146   1.00 13.17 ? 121 ILE A C   1 
ATOM   956  O O   . ILE A 1 123 ? 5.834   -7.352  9.045   1.00 12.86 ? 121 ILE A O   1 
ATOM   957  C CB  . ILE A 1 123 ? 8.964   -6.842  7.849   1.00 14.37 ? 121 ILE A CB  1 
ATOM   958  C CG1 . ILE A 1 123 ? 9.658   -6.536  6.530   1.00 13.91 ? 121 ILE A CG1 1 
ATOM   959  C CG2 . ILE A 1 123 ? 8.829   -8.364  8.019   1.00 16.03 ? 121 ILE A CG2 1 
ATOM   960  C CD1 . ILE A 1 123 ? 11.203  -6.806  6.559   1.00 15.42 ? 121 ILE A CD1 1 
ATOM   961  N N   . ASP A 1 124 ? 7.196   -6.091  10.312  1.00 12.26 ? 122 ASP A N   1 
ATOM   962  C CA  . ASP A 1 124 ? 6.508   -6.463  11.546  1.00 13.23 ? 122 ASP A CA  1 
ATOM   963  C C   . ASP A 1 124 ? 5.064   -5.942  11.552  1.00 14.80 ? 122 ASP A C   1 
ATOM   964  O O   . ASP A 1 124 ? 4.210   -6.622  12.087  1.00 14.01 ? 122 ASP A O   1 
ATOM   965  C CB  . ASP A 1 124 ? 7.274   -5.919  12.753  1.00 15.38 ? 122 ASP A CB  1 
ATOM   966  C CG  . ASP A 1 124 ? 8.615   -6.579  13.033  1.00 29.89 ? 122 ASP A CG  1 
ATOM   967  O OD1 . ASP A 1 124 ? 8.813   -7.742  12.602  1.00 33.53 ? 122 ASP A OD1 1 
ATOM   968  O OD2 . ASP A 1 124 ? 9.463   -5.939  13.687  1.00 38.81 ? 122 ASP A OD2 1 
ATOM   969  N N   . PHE A 1 125 ? 4.810   -4.721  11.007  1.00 11.71 ? 123 PHE A N   1 
ATOM   970  C CA  . PHE A 1 125 ? 3.452   -4.188  10.894  1.00 11.04 ? 123 PHE A CA  1 
ATOM   971  C C   . PHE A 1 125 ? 2.566   -5.162  10.084  1.00 10.61 ? 123 PHE A C   1 
ATOM   972  O O   . PHE A 1 125 ? 1.489   -5.568  10.532  1.00 10.13 ? 123 PHE A O   1 
ATOM   973  C CB  . PHE A 1 125 ? 3.497   -2.783  10.270  1.00 10.98 ? 123 PHE A CB  1 
ATOM   974  C CG  . PHE A 1 125 ? 2.183   -2.266  9.738   1.00 9.91  ? 123 PHE A CG  1 
ATOM   975  C CD1 . PHE A 1 125 ? 1.242   -1.696  10.590  1.00 10.37 ? 123 PHE A CD1 1 
ATOM   976  C CD2 . PHE A 1 125 ? 1.885   -2.332  8.373   1.00 10.47 ? 123 PHE A CD2 1 
ATOM   977  C CE1 . PHE A 1 125 ? 0.033   -1.196  10.087  1.00 10.46 ? 123 PHE A CE1 1 
ATOM   978  C CE2 . PHE A 1 125 ? 0.663   -1.873  7.881   1.00 10.51 ? 123 PHE A CE2 1 
ATOM   979  C CZ  . PHE A 1 125 ? -0.246  -1.289  8.735   1.00 9.51  ? 123 PHE A CZ  1 
ATOM   980  N N   . TYR A 1 126 ? 3.042   -5.578  8.921   1.00 9.07  ? 124 TYR A N   1 
ATOM   981  C CA  . TYR A 1 126 ? 2.265   -6.486  8.108   1.00 9.08  ? 124 TYR A CA  1 
ATOM   982  C C   . TYR A 1 126 ? 2.102   -7.864  8.730   1.00 9.82  ? 124 TYR A C   1 
ATOM   983  O O   . TYR A 1 126 ? 1.065   -8.491  8.541   1.00 9.82  ? 124 TYR A O   1 
ATOM   984  C CB  . TYR A 1 126 ? 2.874   -6.609  6.715   1.00 8.95  ? 124 TYR A CB  1 
ATOM   985  C CG  . TYR A 1 126 ? 2.666   -5.384  5.859   1.00 9.29  ? 124 TYR A CG  1 
ATOM   986  C CD1 . TYR A 1 126 ? 1.405   -5.060  5.356   1.00 10.65 ? 124 TYR A CD1 1 
ATOM   987  C CD2 . TYR A 1 126 ? 3.736   -4.579  5.501   1.00 11.31 ? 124 TYR A CD2 1 
ATOM   988  C CE1 . TYR A 1 126 ? 1.219   -3.923  4.561   1.00 11.68 ? 124 TYR A CE1 1 
ATOM   989  C CE2 . TYR A 1 126 ? 3.563   -3.463  4.700   1.00 12.80 ? 124 TYR A CE2 1 
ATOM   990  C CZ  . TYR A 1 126 ? 2.303   -3.119  4.271   1.00 13.36 ? 124 TYR A CZ  1 
ATOM   991  O OH  . TYR A 1 126 ? 2.163   -2.008  3.470   1.00 14.85 ? 124 TYR A OH  1 
ATOM   992  N N   . ARG A 1 127 ? 3.130   -8.365  9.424   1.00 11.66 ? 125 ARG A N   1 
ATOM   993  C CA  . ARG A 1 127 ? 3.025   -9.689  10.048  1.00 12.82 ? 125 ARG A CA  1 
ATOM   994  C C   . ARG A 1 127 ? 1.856   -9.745  11.047  1.00 15.26 ? 125 ARG A C   1 
ATOM   995  O O   . ARG A 1 127 ? 1.254   -10.805 11.203  1.00 15.91 ? 125 ARG A O   1 
ATOM   996  C CB  . ARG A 1 127 ? 4.346   -10.088 10.712  1.00 15.80 ? 125 ARG A CB  1 
ATOM   997  C CG  . ARG A 1 127 ? 5.344   -10.584 9.688   1.00 21.27 ? 125 ARG A CG  1 
ATOM   998  N N   . LYS A 1 128 ? 1.466   -8.605  11.658  1.00 13.37 ? 126 LYS A N   1 
ATOM   999  C CA  . LYS A 1 128 ? 0.319   -8.520  12.591  1.00 14.56 ? 126 LYS A CA  1 
ATOM   1000 C C   . LYS A 1 128 ? -0.988  -8.858  11.906  1.00 16.82 ? 126 LYS A C   1 
ATOM   1001 O O   . LYS A 1 128 ? -1.946  -9.261  12.586  1.00 18.37 ? 126 LYS A O   1 
ATOM   1002 C CB  . LYS A 1 128 ? 0.204   -7.101  13.160  1.00 17.65 ? 126 LYS A CB  1 
ATOM   1003 C CG  . LYS A 1 128 ? 1.397   -6.725  14.016  1.00 33.10 ? 126 LYS A CG  1 
ATOM   1004 C CD  . LYS A 1 128 ? 1.219   -5.372  14.645  1.00 50.87 ? 126 LYS A CD  1 
ATOM   1005 C CE  . LYS A 1 128 ? 0.457   -5.484  15.944  1.00 67.43 ? 126 LYS A CE  1 
ATOM   1006 N NZ  . LYS A 1 128 ? -0.831  -4.744  15.908  1.00 77.13 ? 126 LYS A NZ  1 
ATOM   1007 N N   . PHE A 1 129 ? -1.057  -8.674  10.564  1.00 12.88 ? 127 PHE A N   1 
ATOM   1008 C CA  . PHE A 1 129 ? -2.248  -8.934  9.782   1.00 11.96 ? 127 PHE A CA  1 
ATOM   1009 C C   . PHE A 1 129 ? -2.211  -10.287 9.087   1.00 14.20 ? 127 PHE A C   1 
ATOM   1010 O O   . PHE A 1 129 ? -3.088  -10.558 8.271   1.00 15.05 ? 127 PHE A O   1 
ATOM   1011 C CB  . PHE A 1 129 ? -2.485  -7.826  8.748   1.00 12.49 ? 127 PHE A CB  1 
ATOM   1012 C CG  . PHE A 1 129 ? -2.686  -6.466  9.359   1.00 11.39 ? 127 PHE A CG  1 
ATOM   1013 C CD1 . PHE A 1 129 ? -1.602  -5.711  9.780   1.00 12.24 ? 127 PHE A CD1 1 
ATOM   1014 C CD2 . PHE A 1 129 ? -3.965  -5.909  9.466   1.00 11.88 ? 127 PHE A CD2 1 
ATOM   1015 C CE1 . PHE A 1 129 ? -1.788  -4.457  10.352  1.00 13.01 ? 127 PHE A CE1 1 
ATOM   1016 C CE2 . PHE A 1 129 ? -4.144  -4.633  9.997   1.00 14.42 ? 127 PHE A CE2 1 
ATOM   1017 C CZ  . PHE A 1 129 ? -3.061  -3.930  10.469  1.00 12.87 ? 127 PHE A CZ  1 
ATOM   1018 N N   . GLY A 1 130 ? -1.210  -11.118 9.376   1.00 13.14 ? 128 GLY A N   1 
ATOM   1019 C CA  . GLY A 1 130 ? -1.149  -12.438 8.765   1.00 14.02 ? 128 GLY A CA  1 
ATOM   1020 C C   . GLY A 1 130 ? -0.289  -12.522 7.513   1.00 14.63 ? 128 GLY A C   1 
ATOM   1021 O O   . GLY A 1 130 ? -0.280  -13.564 6.848   1.00 15.62 ? 128 GLY A O   1 
ATOM   1022 N N   . PHE A 1 131 ? 0.466   -11.469 7.178   1.00 10.72 ? 129 PHE A N   1 
ATOM   1023 C CA  . PHE A 1 131 ? 1.377   -11.539 6.033   1.00 9.33  ? 129 PHE A CA  1 
ATOM   1024 C C   . PHE A 1 131 ? 2.625   -12.293 6.456   1.00 10.46 ? 129 PHE A C   1 
ATOM   1025 O O   . PHE A 1 131 ? 3.059   -12.159 7.596   1.00 11.36 ? 129 PHE A O   1 
ATOM   1026 C CB  . PHE A 1 131 ? 1.771   -10.135 5.570   1.00 10.21 ? 129 PHE A CB  1 
ATOM   1027 C CG  . PHE A 1 131 ? 0.673   -9.418  4.835   1.00 8.88  ? 129 PHE A CG  1 
ATOM   1028 C CD1 . PHE A 1 131 ? -0.347  -8.776  5.533   1.00 10.31 ? 129 PHE A CD1 1 
ATOM   1029 C CD2 . PHE A 1 131 ? 0.685   -9.339  3.454   1.00 9.34  ? 129 PHE A CD2 1 
ATOM   1030 C CE1 . PHE A 1 131 ? -1.353  -8.090  4.842   1.00 10.44 ? 129 PHE A CE1 1 
ATOM   1031 C CE2 . PHE A 1 131 ? -0.319  -8.636  2.763   1.00 9.94  ? 129 PHE A CE2 1 
ATOM   1032 C CZ  . PHE A 1 131 ? -1.348  -8.042  3.463   1.00 9.26  ? 129 PHE A CZ  1 
ATOM   1033 N N   . GLU A 1 132 ? 3.198   -13.042 5.525   1.00 9.33  ? 130 GLU A N   1 
ATOM   1034 C CA  . GLU A 1 132 ? 4.442   -13.800 5.756   1.00 9.68  ? 130 GLU A CA  1 
ATOM   1035 C C   . GLU A 1 132 ? 5.392   -13.535 4.610   1.00 10.62 ? 130 GLU A C   1 
ATOM   1036 O O   . GLU A 1 132 ? 4.949   -13.292 3.475   1.00 9.72  ? 130 GLU A O   1 
ATOM   1037 C CB  . GLU A 1 132 ? 4.131   -15.293 5.770   1.00 11.73 ? 130 GLU A CB  1 
ATOM   1038 C CG  . GLU A 1 132 ? 3.196   -15.685 6.896   1.00 15.17 ? 130 GLU A CG  1 
ATOM   1039 C CD  . GLU A 1 132 ? 2.885   -17.164 6.968   1.00 21.70 ? 130 GLU A CD  1 
ATOM   1040 O OE1 . GLU A 1 132 ? 3.466   -17.957 6.186   1.00 14.87 ? 130 GLU A OE1 1 
ATOM   1041 O OE2 . GLU A 1 132 ? 2.057   -17.532 7.835   1.00 22.22 ? 130 GLU A OE2 1 
ATOM   1042 N N   . ILE A 1 133 ? 6.707   -13.661 4.869   1.00 9.79  ? 131 ILE A N   1 
ATOM   1043 C CA  . ILE A 1 133 ? 7.695   -13.557 3.810   1.00 8.62  ? 131 ILE A CA  1 
ATOM   1044 C C   . ILE A 1 133 ? 7.613   -14.892 3.051   1.00 9.59  ? 131 ILE A C   1 
ATOM   1045 O O   . ILE A 1 133 ? 7.829   -15.979 3.644   1.00 10.78 ? 131 ILE A O   1 
ATOM   1046 C CB  . ILE A 1 133 ? 9.100   -13.373 4.418   1.00 10.01 ? 131 ILE A CB  1 
ATOM   1047 C CG1 . ILE A 1 133 ? 9.254   -11.988 5.076   1.00 10.04 ? 131 ILE A CG1 1 
ATOM   1048 C CG2 . ILE A 1 133 ? 10.142  -13.560 3.310   1.00 11.16 ? 131 ILE A CG2 1 
ATOM   1049 C CD1 . ILE A 1 133 ? 10.487  -11.815 5.978   1.00 13.34 ? 131 ILE A CD1 1 
ATOM   1050 N N   . ILE A 1 134 ? 7.375   -14.825 1.754   1.00 9.22  ? 132 ILE A N   1 
ATOM   1051 C CA  . ILE A 1 134 ? 7.258   -16.026 0.927   1.00 9.54  ? 132 ILE A CA  1 
ATOM   1052 C C   . ILE A 1 134 ? 8.415   -16.191 -0.030  1.00 11.74 ? 132 ILE A C   1 
ATOM   1053 O O   . ILE A 1 134 ? 8.610   -17.286 -0.595  1.00 11.82 ? 132 ILE A O   1 
ATOM   1054 C CB  . ILE A 1 134 ? 5.901   -16.083 0.183   1.00 11.60 ? 132 ILE A CB  1 
ATOM   1055 C CG1 . ILE A 1 134 ? 5.774   -14.985 -0.899  1.00 12.73 ? 132 ILE A CG1 1 
ATOM   1056 C CG2 . ILE A 1 134 ? 4.742   -16.053 1.197   1.00 13.45 ? 132 ILE A CG2 1 
ATOM   1057 C CD1 . ILE A 1 134 ? 4.660   -15.263 -1.893  1.00 12.49 ? 132 ILE A CD1 1 
ATOM   1058 N N   . GLU A 1 135 ? 9.173   -15.109 -0.246  1.00 10.96 ? 133 GLU A N   1 
ATOM   1059 C CA  . GLU A 1 135 ? 10.255  -15.049 -1.199  1.00 12.91 ? 133 GLU A CA  1 
ATOM   1060 C C   . GLU A 1 135 ? 11.063  -13.809 -0.902  1.00 12.83 ? 133 GLU A C   1 
ATOM   1061 O O   . GLU A 1 135 ? 10.526  -12.838 -0.351  1.00 10.21 ? 133 GLU A O   1 
ATOM   1062 C CB  . GLU A 1 135 ? 9.629   -14.854 -2.604  1.00 15.58 ? 133 GLU A CB  1 
ATOM   1063 C CG  . GLU A 1 135 ? 10.580  -15.075 -3.767  1.00 25.43 ? 133 GLU A CG  1 
ATOM   1064 C CD  . GLU A 1 135 ? 9.923   -15.011 -5.130  1.00 50.25 ? 133 GLU A CD  1 
ATOM   1065 O OE1 . GLU A 1 135 ? 9.102   -15.905 -5.439  1.00 47.09 ? 133 GLU A OE1 1 
ATOM   1066 O OE2 . GLU A 1 135 ? 10.239  -14.074 -5.896  1.00 51.96 ? 133 GLU A OE2 1 
ATOM   1067 N N   . THR A 1 136 ? 12.316  -13.778 -1.357  1.00 12.98 ? 134 THR A N   1 
ATOM   1068 C CA  . THR A 1 136 ? 13.130  -12.577 -1.322  1.00 14.15 ? 134 THR A CA  1 
ATOM   1069 C C   . THR A 1 136 ? 13.670  -12.336 -2.750  1.00 16.71 ? 134 THR A C   1 
ATOM   1070 O O   . THR A 1 136 ? 14.315  -13.227 -3.324  1.00 20.06 ? 134 THR A O   1 
ATOM   1071 C CB  . THR A 1 136 ? 14.196  -12.626 -0.214  1.00 19.43 ? 134 THR A CB  1 
ATOM   1072 O OG1 . THR A 1 136 ? 13.569  -12.901 1.037   1.00 19.07 ? 134 THR A OG1 1 
ATOM   1073 C CG2 . THR A 1 136 ? 15.009  -11.335 -0.118  1.00 22.68 ? 134 THR A CG2 1 
ATOM   1074 N N   . LYS A 1 137 ? 13.327  -11.210 -3.360  1.00 15.47 ? 135 LYS A N   1 
ATOM   1075 C CA  . LYS A 1 137 ? 13.750  -10.867 -4.720  1.00 15.64 ? 135 LYS A CA  1 
ATOM   1076 C C   . LYS A 1 137 ? 15.029  -10.060 -4.692  1.00 16.02 ? 135 LYS A C   1 
ATOM   1077 O O   . LYS A 1 137 ? 15.062  -8.909  -4.225  1.00 14.48 ? 135 LYS A O   1 
ATOM   1078 C CB  . LYS A 1 137 ? 12.664  -10.107 -5.496  1.00 19.38 ? 135 LYS A CB  1 
ATOM   1079 C CG  . LYS A 1 137 ? 11.404  -10.916 -5.736  1.00 34.05 ? 135 LYS A CG  1 
ATOM   1080 C CD  . LYS A 1 137 ? 10.486  -10.194 -6.696  1.00 46.13 ? 135 LYS A CD  1 
ATOM   1081 C CE  . LYS A 1 137 ? 9.296   -11.024 -7.081  1.00 54.58 ? 135 LYS A CE  1 
ATOM   1082 N NZ  . LYS A 1 137 ? 8.323   -10.233 -7.873  1.00 60.43 ? 135 LYS A NZ  1 
ATOM   1083 N N   . LYS A 1 138 ? 16.118  -10.672 -5.192  1.00 15.57 ? 136 LYS A N   1 
ATOM   1084 C CA  . LYS A 1 138 ? 17.398  -9.985  -5.257  1.00 15.51 ? 136 LYS A CA  1 
ATOM   1085 C C   . LYS A 1 138 ? 17.314  -8.897  -6.317  1.00 15.74 ? 136 LYS A C   1 
ATOM   1086 O O   . LYS A 1 138 ? 16.685  -9.082  -7.353  1.00 17.30 ? 136 LYS A O   1 
ATOM   1087 C CB  . LYS A 1 138 ? 18.515  -10.987 -5.605  1.00 19.42 ? 136 LYS A CB  1 
ATOM   1088 C CG  . LYS A 1 138 ? 18.950  -11.828 -4.408  1.00 36.15 ? 136 LYS A CG  1 
ATOM   1089 C CD  . LYS A 1 138 ? 20.387  -12.324 -4.566  1.00 50.13 ? 136 LYS A CD  1 
ATOM   1090 C CE  . LYS A 1 138 ? 21.011  -12.763 -3.259  1.00 60.54 ? 136 LYS A CE  1 
ATOM   1091 N NZ  . LYS A 1 138 ? 21.277  -11.616 -2.346  1.00 66.75 ? 136 LYS A NZ  1 
ATOM   1092 N N   . ASN A 1 139 ? 17.892  -7.733  -6.020  1.00 15.61 ? 137 ASN A N   1 
ATOM   1093 C CA  . ASN A 1 139 ? 17.987  -6.582  -6.913  1.00 15.93 ? 137 ASN A CA  1 
ATOM   1094 C C   . ASN A 1 139 ? 16.641  -6.106  -7.480  1.00 17.90 ? 137 ASN A C   1 
ATOM   1095 O O   . ASN A 1 139 ? 16.531  -5.725  -8.631  1.00 19.15 ? 137 ASN A O   1 
ATOM   1096 C CB  . ASN A 1 139 ? 18.995  -6.864  -8.030  1.00 20.83 ? 137 ASN A CB  1 
ATOM   1097 C CG  . ASN A 1 139 ? 20.373  -7.119  -7.488  1.00 32.35 ? 137 ASN A CG  1 
ATOM   1098 O OD1 . ASN A 1 139 ? 20.855  -6.416  -6.593  1.00 30.65 ? 137 ASN A OD1 1 
ATOM   1099 N ND2 . ASN A 1 139 ? 21.001  -8.156  -7.980  1.00 27.17 ? 137 ASN A ND2 1 
ATOM   1100 N N   . TYR A 1 140 ? 15.608  -6.134  -6.632  1.00 13.82 ? 138 TYR A N   1 
ATOM   1101 C CA  . TYR A 1 140 ? 14.280  -5.658  -6.976  1.00 12.98 ? 138 TYR A CA  1 
ATOM   1102 C C   . TYR A 1 140 ? 14.346  -4.153  -7.127  1.00 14.57 ? 138 TYR A C   1 
ATOM   1103 O O   . TYR A 1 140 ? 13.821  -3.596  -8.084  1.00 14.86 ? 138 TYR A O   1 
ATOM   1104 C CB  . TYR A 1 140 ? 13.301  -6.076  -5.872  1.00 12.59 ? 138 TYR A CB  1 
ATOM   1105 C CG  . TYR A 1 140 ? 11.896  -5.590  -6.157  1.00 10.53 ? 138 TYR A CG  1 
ATOM   1106 C CD1 . TYR A 1 140 ? 11.067  -6.270  -7.048  1.00 12.47 ? 138 TYR A CD1 1 
ATOM   1107 C CD2 . TYR A 1 140 ? 11.433  -4.386  -5.629  1.00 11.29 ? 138 TYR A CD2 1 
ATOM   1108 C CE1 . TYR A 1 140 ? 9.785   -5.811  -7.331  1.00 11.97 ? 138 TYR A CE1 1 
ATOM   1109 C CE2 . TYR A 1 140 ? 10.159  -3.917  -5.918  1.00 10.56 ? 138 TYR A CE2 1 
ATOM   1110 C CZ  . TYR A 1 140 ? 9.364   -4.606  -6.802  1.00 11.59 ? 138 TYR A CZ  1 
ATOM   1111 O OH  . TYR A 1 140 ? 8.115   -4.096  -7.074  1.00 11.95 ? 138 TYR A OH  1 
ATOM   1112 N N   . TYR A 1 141 ? 14.999  -3.472  -6.175  1.00 12.65 ? 139 TYR A N   1 
ATOM   1113 C CA  . TYR A 1 141 ? 15.155  -2.038  -6.304  1.00 12.68 ? 139 TYR A CA  1 
ATOM   1114 C C   . TYR A 1 141 ? 16.418  -1.742  -7.076  1.00 16.47 ? 139 TYR A C   1 
ATOM   1115 O O   . TYR A 1 141 ? 17.397  -2.493  -6.998  1.00 20.18 ? 139 TYR A O   1 
ATOM   1116 C CB  . TYR A 1 141 ? 15.174  -1.338  -4.956  1.00 12.75 ? 139 TYR A CB  1 
ATOM   1117 C CG  . TYR A 1 141 ? 13.916  -1.617  -4.166  1.00 11.65 ? 139 TYR A CG  1 
ATOM   1118 C CD1 . TYR A 1 141 ? 12.714  -0.984  -4.486  1.00 11.90 ? 139 TYR A CD1 1 
ATOM   1119 C CD2 . TYR A 1 141 ? 13.921  -2.526  -3.122  1.00 12.32 ? 139 TYR A CD2 1 
ATOM   1120 C CE1 . TYR A 1 141 ? 11.534  -1.291  -3.814  1.00 10.80 ? 139 TYR A CE1 1 
ATOM   1121 C CE2 . TYR A 1 141 ? 12.755  -2.843  -2.439  1.00 12.18 ? 139 TYR A CE2 1 
ATOM   1122 C CZ  . TYR A 1 141 ? 11.560  -2.238  -2.804  1.00 10.64 ? 139 TYR A CZ  1 
ATOM   1123 O OH  . TYR A 1 141 ? 10.441  -2.635  -2.116  1.00 11.58 ? 139 TYR A OH  1 
ATOM   1124 N N   . LYS A 1 142 ? 16.387  -0.677  -7.817  1.00 14.09 ? 140 LYS A N   1 
ATOM   1125 C CA  . LYS A 1 142 ? 17.555  -0.395  -8.645  1.00 14.97 ? 140 LYS A CA  1 
ATOM   1126 C C   . LYS A 1 142 ? 18.418  0.740   -8.122  1.00 19.63 ? 140 LYS A C   1 
ATOM   1127 O O   . LYS A 1 142 ? 19.639  0.682   -8.316  1.00 20.34 ? 140 LYS A O   1 
ATOM   1128 C CB  . LYS A 1 142 ? 17.122  -0.148  -10.095 1.00 18.25 ? 140 LYS A CB  1 
ATOM   1129 C CG  . LYS A 1 142 ? 16.170  -1.214  -10.689 1.00 20.10 ? 140 LYS A CG  1 
ATOM   1130 C CD  . LYS A 1 142 ? 16.698  -2.658  -10.660 1.00 24.42 ? 140 LYS A CD  1 
ATOM   1131 C CE  . LYS A 1 142 ? 15.647  -3.633  -11.161 1.00 25.31 ? 140 LYS A CE  1 
ATOM   1132 N NZ  . LYS A 1 142 ? 16.192  -5.011  -11.282 1.00 34.55 ? 140 LYS A NZ  1 
ATOM   1133 N N   . ARG A 1 143 ? 17.826  1.758   -7.477  1.00 16.13 ? 141 ARG A N   1 
ATOM   1134 C CA  . ARG A 1 143 ? 18.581  2.938   -7.040  1.00 16.20 ? 141 ARG A CA  1 
ATOM   1135 C C   . ARG A 1 143 ? 18.790  3.085   -5.542  1.00 20.90 ? 141 ARG A C   1 
ATOM   1136 O O   . ARG A 1 143 ? 19.478  4.021   -5.129  1.00 21.23 ? 141 ARG A O   1 
ATOM   1137 C CB  . ARG A 1 143 ? 17.929  4.202   -7.583  1.00 18.24 ? 141 ARG A CB  1 
ATOM   1138 C CG  . ARG A 1 143 ? 17.832  4.260   -9.105  1.00 30.26 ? 141 ARG A CG  1 
ATOM   1139 C CD  . ARG A 1 143 ? 17.101  5.506   -9.559  1.00 34.46 ? 141 ARG A CD  1 
ATOM   1140 N N   . ILE A 1 144 ? 18.184  2.210   -4.729  1.00 15.75 ? 142 ILE A N   1 
ATOM   1141 C CA  . ILE A 1 144 ? 18.294  2.292   -3.279  1.00 13.89 ? 142 ILE A CA  1 
ATOM   1142 C C   . ILE A 1 144 ? 18.987  1.098   -2.719  1.00 16.53 ? 142 ILE A C   1 
ATOM   1143 O O   . ILE A 1 144 ? 19.025  0.050   -3.357  1.00 15.07 ? 142 ILE A O   1 
ATOM   1144 C CB  . ILE A 1 144 ? 16.925  2.535   -2.602  1.00 16.47 ? 142 ILE A CB  1 
ATOM   1145 C CG1 . ILE A 1 144 ? 15.951  1.355   -2.847  1.00 16.02 ? 142 ILE A CG1 1 
ATOM   1146 C CG2 . ILE A 1 144 ? 16.333  3.893   -3.029  1.00 19.27 ? 142 ILE A CG2 1 
ATOM   1147 C CD1 . ILE A 1 144 ? 14.630  1.366   -2.013  1.00 14.50 ? 142 ILE A CD1 1 
ATOM   1148 N N   . GLU A 1 145 ? 19.492  1.250   -1.494  1.00 14.91 ? 143 GLU A N   1 
ATOM   1149 C CA  . GLU A 1 145 ? 20.242  0.248   -0.795  1.00 15.84 ? 143 GLU A CA  1 
ATOM   1150 C C   . GLU A 1 145 ? 19.567  -0.061  0.531   1.00 17.50 ? 143 GLU A C   1 
ATOM   1151 O O   . GLU A 1 145 ? 19.220  0.877   1.245   1.00 18.84 ? 143 GLU A O   1 
ATOM   1152 C CB  . GLU A 1 145 ? 21.667  0.777   -0.540  1.00 18.09 ? 143 GLU A CB  1 
ATOM   1153 C CG  . GLU A 1 145 ? 22.567  0.686   -1.760  1.00 34.73 ? 143 GLU A CG  1 
ATOM   1154 C CD  . GLU A 1 145 ? 23.022  -0.721  -2.095  1.00 52.95 ? 143 GLU A CD  1 
ATOM   1155 O OE1 . GLU A 1 145 ? 23.723  -1.333  -1.258  1.00 36.48 ? 143 GLU A OE1 1 
ATOM   1156 O OE2 . GLU A 1 145 ? 22.667  -1.214  -3.189  1.00 55.52 ? 143 GLU A OE2 1 
ATOM   1157 N N   . PRO A 1 146 ? 19.390  -1.348  0.901   1.00 18.36 ? 144 PRO A N   1 
ATOM   1158 C CA  . PRO A 1 146 ? 19.653  -2.561  0.116   1.00 17.98 ? 144 PRO A CA  1 
ATOM   1159 C C   . PRO A 1 146 ? 18.638  -2.693  -1.034  1.00 18.87 ? 144 PRO A C   1 
ATOM   1160 O O   . PRO A 1 146 ? 17.537  -2.142  -0.958  1.00 17.47 ? 144 PRO A O   1 
ATOM   1161 C CB  . PRO A 1 146 ? 19.495  -3.685  1.147   1.00 20.43 ? 144 PRO A CB  1 
ATOM   1162 C CG  . PRO A 1 146 ? 18.511  -3.152  2.128   1.00 25.24 ? 144 PRO A CG  1 
ATOM   1163 C CD  . PRO A 1 146 ? 18.750  -1.670  2.192   1.00 21.01 ? 144 PRO A CD  1 
ATOM   1164 N N   . ALA A 1 147 ? 19.025  -3.389  -2.093  1.00 16.14 ? 145 ALA A N   1 
ATOM   1165 C CA  . ALA A 1 147 ? 18.230  -3.578  -3.293  1.00 15.72 ? 145 ALA A CA  1 
ATOM   1166 C C   . ALA A 1 147 ? 17.241  -4.742  -3.174  1.00 14.75 ? 145 ALA A C   1 
ATOM   1167 O O   . ALA A 1 147 ? 16.326  -4.833  -4.016  1.00 15.37 ? 145 ALA A O   1 
ATOM   1168 C CB  . ALA A 1 147 ? 19.167  -3.798  -4.468  1.00 17.53 ? 145 ALA A CB  1 
ATOM   1169 N N   . ASP A 1 148 ? 17.418  -5.628  -2.203  1.00 13.94 ? 146 ASP A N   1 
ATOM   1170 C CA  . ASP A 1 148 ? 16.535  -6.765  -2.118  1.00 12.95 ? 146 ASP A CA  1 
ATOM   1171 C C   . ASP A 1 148 ? 15.187  -6.389  -1.547  1.00 12.23 ? 146 ASP A C   1 
ATOM   1172 O O   . ASP A 1 148 ? 15.094  -5.520  -0.683  1.00 12.32 ? 146 ASP A O   1 
ATOM   1173 C CB  . ASP A 1 148 ? 17.168  -7.902  -1.310  1.00 15.80 ? 146 ASP A CB  1 
ATOM   1174 C CG  . ASP A 1 148 ? 18.481  -8.438  -1.866  1.00 23.57 ? 146 ASP A CG  1 
ATOM   1175 O OD1 . ASP A 1 148 ? 18.854  -8.045  -2.998  1.00 22.02 ? 146 ASP A OD1 1 
ATOM   1176 O OD2 . ASP A 1 148 ? 19.102  -9.292  -1.194  1.00 27.62 ? 146 ASP A OD2 1 
ATOM   1177 N N   . ALA A 1 149 ? 14.160  -7.112  -2.008  1.00 11.01 ? 147 ALA A N   1 
ATOM   1178 C CA  . ALA A 1 149 ? 12.802  -6.977  -1.485  1.00 10.25 ? 147 ALA A CA  1 
ATOM   1179 C C   . ALA A 1 149 ? 12.248  -8.274  -1.067  1.00 12.13 ? 147 ALA A C   1 
ATOM   1180 O O   . ALA A 1 149 ? 12.308  -9.203  -1.860  1.00 14.43 ? 147 ALA A O   1 
ATOM   1181 C CB  . ALA A 1 149 ? 11.876  -6.379  -2.526  1.00 12.10 ? 147 ALA A CB  1 
ATOM   1182 N N   . HIS A 1 150 ? 11.635  -8.352  0.122   1.00 9.61  ? 148 HIS A N   1 
ATOM   1183 C CA  . HIS A 1 150 ? 10.848  -9.532  0.428   1.00 9.63  ? 148 HIS A CA  1 
ATOM   1184 C C   . HIS A 1 150 ? 9.501   -9.376  -0.272  1.00 8.56  ? 148 HIS A C   1 
ATOM   1185 O O   . HIS A 1 150 ? 8.972   -8.247  -0.420  1.00 10.12 ? 148 HIS A O   1 
ATOM   1186 C CB  . HIS A 1 150 ? 10.540  -9.610  1.926   1.00 9.87  ? 148 HIS A CB  1 
ATOM   1187 C CG  . HIS A 1 150 ? 11.728  -9.787  2.816   1.00 11.36 ? 148 HIS A CG  1 
ATOM   1188 N ND1 . HIS A 1 150 ? 12.648  -10.818 2.626   1.00 13.24 ? 148 HIS A ND1 1 
ATOM   1189 C CD2 . HIS A 1 150 ? 12.040  -9.130  3.945   1.00 14.11 ? 148 HIS A CD2 1 
ATOM   1190 C CE1 . HIS A 1 150 ? 13.506  -10.713 3.636   1.00 14.18 ? 148 HIS A CE1 1 
ATOM   1191 N NE2 . HIS A 1 150 ? 13.197  -9.706  4.438   1.00 14.69 ? 148 HIS A NE2 1 
ATOM   1192 N N   . VAL A 1 151 ? 8.914   -10.498 -0.630  1.00 8.68  ? 149 VAL A N   1 
ATOM   1193 C CA  . VAL A 1 151 ? 7.514   -10.559 -1.033  1.00 8.53  ? 149 VAL A CA  1 
ATOM   1194 C C   . VAL A 1 151 ? 6.761   -10.998 0.221   1.00 9.01  ? 149 VAL A C   1 
ATOM   1195 O O   . VAL A 1 151 ? 7.035   -12.114 0.739   1.00 9.05  ? 149 VAL A O   1 
ATOM   1196 C CB  . VAL A 1 151 ? 7.255   -11.540 -2.189  1.00 12.19 ? 149 VAL A CB  1 
ATOM   1197 C CG1 . VAL A 1 151 ? 5.770   -11.565 -2.543  1.00 12.47 ? 149 VAL A CG1 1 
ATOM   1198 C CG2 . VAL A 1 151 ? 8.093   -11.183 -3.412  1.00 14.10 ? 149 VAL A CG2 1 
ATOM   1199 N N   . LEU A 1 152 ? 5.823   -10.170 0.704   1.00 8.30  ? 150 LEU A N   1 
ATOM   1200 C CA  . LEU A 1 152 ? 4.963   -10.539 1.821   1.00 8.63  ? 150 LEU A CA  1 
ATOM   1201 C C   . LEU A 1 152 ? 3.629   -10.903 1.245   1.00 8.32  ? 150 LEU A C   1 
ATOM   1202 O O   . LEU A 1 152 ? 3.149   -10.233 0.307   1.00 9.65  ? 150 LEU A O   1 
ATOM   1203 C CB  . LEU A 1 152 ? 4.780   -9.385  2.806   1.00 8.78  ? 150 LEU A CB  1 
ATOM   1204 C CG  . LEU A 1 152 ? 5.995   -8.726  3.430   1.00 12.31 ? 150 LEU A CG  1 
ATOM   1205 C CD1 . LEU A 1 152 ? 5.603   -7.781  4.519   1.00 12.54 ? 150 LEU A CD1 1 
ATOM   1206 C CD2 . LEU A 1 152 ? 7.031   -9.695  3.874   1.00 14.98 ? 150 LEU A CD2 1 
ATOM   1207 N N   . GLN A 1 153 ? 3.012   -11.955 1.758   1.00 8.46  ? 151 GLN A N   1 
ATOM   1208 C CA  . GLN A 1 153 ? 1.723   -12.389 1.248   1.00 8.65  ? 151 GLN A CA  1 
ATOM   1209 C C   . GLN A 1 153 ? 0.852   -12.856 2.369   1.00 9.14  ? 151 GLN A C   1 
ATOM   1210 O O   . GLN A 1 153 ? 1.340   -13.494 3.317   1.00 10.04 ? 151 GLN A O   1 
ATOM   1211 C CB  . GLN A 1 153 ? 1.935   -13.525 0.244   1.00 9.47  ? 151 GLN A CB  1 
ATOM   1212 C CG  . GLN A 1 153 ? 0.648   -14.070 -0.375  1.00 9.76  ? 151 GLN A CG  1 
ATOM   1213 C CD  . GLN A 1 153 ? 0.971   -15.110 -1.403  1.00 14.57 ? 151 GLN A CD  1 
ATOM   1214 O OE1 . GLN A 1 153 ? 1.208   -14.813 -2.575  1.00 15.51 ? 151 GLN A OE1 1 
ATOM   1215 N NE2 . GLN A 1 153 ? 1.088   -16.363 -0.929  1.00 19.12 ? 151 GLN A NE2 1 
ATOM   1216 N N   . LYS A 1 154 ? -0.437  -12.532 2.282   1.00 9.66  ? 152 LYS A N   1 
ATOM   1217 C CA  . LYS A 1 154 ? -1.467  -13.026 3.179   1.00 10.31 ? 152 LYS A CA  1 
ATOM   1218 C C   . LYS A 1 154 ? -2.401  -13.890 2.343   1.00 11.58 ? 152 LYS A C   1 
ATOM   1219 O O   . LYS A 1 154 ? -2.957  -13.454 1.330   1.00 10.73 ? 152 LYS A O   1 
ATOM   1220 C CB  . LYS A 1 154 ? -2.212  -11.874 3.839   1.00 12.60 ? 152 LYS A CB  1 
ATOM   1221 C CG  . LYS A 1 154 ? -3.393  -12.339 4.702   1.00 14.26 ? 152 LYS A CG  1 
ATOM   1222 C CD  . LYS A 1 154 ? -4.134  -11.122 5.242   1.00 17.45 ? 152 LYS A CD  1 
ATOM   1223 C CE  . LYS A 1 154 ? -5.390  -11.457 6.025   1.00 20.67 ? 152 LYS A CE  1 
ATOM   1224 N NZ  . LYS A 1 154 ? -5.098  -12.273 7.230   1.00 20.33 ? 152 LYS A NZ  1 
ATOM   1225 N N   . ASN A 1 155 ? -2.543  -15.154 2.743   1.00 12.74 ? 153 ASN A N   1 
ATOM   1226 C CA  . ASN A 1 155 ? -3.374  -16.081 2.001   1.00 13.14 ? 153 ASN A CA  1 
ATOM   1227 C C   . ASN A 1 155 ? -4.826  -15.858 2.415   1.00 16.81 ? 153 ASN A C   1 
ATOM   1228 O O   . ASN A 1 155 ? -5.117  -15.851 3.612   1.00 20.38 ? 153 ASN A O   1 
ATOM   1229 C CB  . ASN A 1 155 ? -2.946  -17.509 2.352   1.00 17.34 ? 153 ASN A CB  1 
ATOM   1230 C CG  . ASN A 1 155 ? -3.470  -18.553 1.393   1.00 35.78 ? 153 ASN A CG  1 
ATOM   1231 O OD1 . ASN A 1 155 ? -4.357  -18.299 0.565   1.00 23.76 ? 153 ASN A OD1 1 
ATOM   1232 N ND2 . ASN A 1 155 ? -2.937  -19.764 1.490   1.00 30.35 ? 153 ASN A ND2 1 
ATOM   1233 N N   . LEU A 1 156 ? -5.718  -15.638 1.434   1.00 15.22 ? 154 LEU A N   1 
ATOM   1234 C CA  . LEU A 1 156 ? -7.137  -15.398 1.706   1.00 19.06 ? 154 LEU A CA  1 
ATOM   1235 C C   . LEU A 1 156 ? -7.998  -16.614 1.420   1.00 49.64 ? 154 LEU A C   1 
ATOM   1236 O O   . LEU A 1 156 ? -7.463  -17.649 1.052   1.00 24.95 ? 154 LEU A O   1 
ATOM   1237 C CB  . LEU A 1 156 ? -7.633  -14.207 0.890   1.00 18.59 ? 154 LEU A CB  1 
ATOM   1238 C CG  . LEU A 1 156 ? -6.935  -12.870 1.138   1.00 20.58 ? 154 LEU A CG  1 
ATOM   1239 C CD1 . LEU A 1 156 ? -7.423  -11.833 0.164   1.00 21.68 ? 154 LEU A CD1 1 
ATOM   1240 C CD2 . LEU A 1 156 ? -7.148  -12.369 2.557   1.00 21.84 ? 154 LEU A CD2 1 
HETATM 1241 N N1A . ACO B 2 .   ? 7.566   -0.022  15.793  1.00 16.93 ? 201 ACO A N1A 1 
HETATM 1242 C C2A . ACO B 2 .   ? 6.859   -0.917  16.492  1.00 17.74 ? 201 ACO A C2A 1 
HETATM 1243 N N3A . ACO B 2 .   ? 5.601   -1.331  16.293  1.00 18.47 ? 201 ACO A N3A 1 
HETATM 1244 C C4A . ACO B 2 .   ? 5.041   -0.702  15.243  1.00 16.13 ? 201 ACO A C4A 1 
HETATM 1245 C C5A . ACO B 2 .   ? 5.636   0.258   14.442  1.00 15.45 ? 201 ACO A C5A 1 
HETATM 1246 C C6A . ACO B 2 .   ? 6.978   0.593   14.738  1.00 15.51 ? 201 ACO A C6A 1 
HETATM 1247 N N6A . ACO B 2 .   ? 7.711   1.425   13.998  1.00 16.46 ? 201 ACO A N6A 1 
HETATM 1248 N N7A . ACO B 2 .   ? 4.761   0.683   13.452  1.00 13.03 ? 201 ACO A N7A 1 
HETATM 1249 C C8A . ACO B 2 .   ? 3.686   -0.041  13.655  1.00 12.08 ? 201 ACO A C8A 1 
HETATM 1250 N N9A . ACO B 2 .   ? 3.783   -0.905  14.712  1.00 13.99 ? 201 ACO A N9A 1 
HETATM 1251 C C1B . ACO B 2 .   ? 2.813   -1.932  15.099  1.00 14.06 ? 201 ACO A C1B 1 
HETATM 1252 C C2B . ACO B 2 .   ? 2.224   -1.726  16.491  1.00 13.89 ? 201 ACO A C2B 1 
HETATM 1253 O O2B . ACO B 2 .   ? 1.881   -2.985  17.048  1.00 15.56 ? 201 ACO A O2B 1 
HETATM 1254 C C3B . ACO B 2 .   ? 0.990   -0.901  16.146  1.00 12.20 ? 201 ACO A C3B 1 
HETATM 1255 O O3B . ACO B 2 .   ? -0.055  -0.977  17.138  1.00 11.39 ? 201 ACO A O3B 1 
HETATM 1256 P P3B . ACO B 2 .   ? 0.065   -0.237  18.543  1.00 12.63 ? 201 ACO A P3B 1 
HETATM 1257 O O7A . ACO B 2 .   ? -1.278  -0.257  19.102  1.00 14.04 ? 201 ACO A O7A 1 
HETATM 1258 O O8A . ACO B 2 .   ? 1.161   -0.906  19.371  1.00 16.94 ? 201 ACO A O8A 1 
HETATM 1259 O O9A . ACO B 2 .   ? 0.524   1.115   18.249  1.00 15.01 ? 201 ACO A O9A 1 
HETATM 1260 C C4B . ACO B 2 .   ? 0.499   -1.558  14.869  1.00 11.35 ? 201 ACO A C4B 1 
HETATM 1261 O O4B . ACO B 2 .   ? 1.720   -1.927  14.185  1.00 12.61 ? 201 ACO A O4B 1 
HETATM 1262 C C5B . ACO B 2 .   ? -0.343  -0.668  13.992  1.00 10.80 ? 201 ACO A C5B 1 
HETATM 1263 O O5B . ACO B 2 .   ? 0.381   0.539   13.722  1.00 10.30 ? 201 ACO A O5B 1 
HETATM 1264 P P1A . ACO B 2 .   ? -0.323  1.784   13.024  1.00 8.32  ? 201 ACO A P1A 1 
HETATM 1265 O O1A . ACO B 2 .   ? -0.364  2.919   13.954  1.00 9.66  ? 201 ACO A O1A 1 
HETATM 1266 O O2A . ACO B 2 .   ? -1.625  1.391   12.386  1.00 9.17  ? 201 ACO A O2A 1 
HETATM 1267 O O3A . ACO B 2 .   ? 0.739   2.018   11.866  1.00 10.30 ? 201 ACO A O3A 1 
HETATM 1268 P P2A . ACO B 2 .   ? 1.193   3.364   11.165  1.00 8.11  ? 201 ACO A P2A 1 
HETATM 1269 O O4A . ACO B 2 .   ? 0.016   4.262   10.933  1.00 8.66  ? 201 ACO A O4A 1 
HETATM 1270 O O5A . ACO B 2 .   ? 2.342   3.960   11.934  1.00 10.42 ? 201 ACO A O5A 1 
HETATM 1271 O O6A . ACO B 2 .   ? 1.667   2.827   9.784   1.00 9.33  ? 201 ACO A O6A 1 
HETATM 1272 C CBP . ACO B 2 .   ? 3.553   2.105   8.430   1.00 8.70  ? 201 ACO A CBP 1 
HETATM 1273 C CCP . ACO B 2 .   ? 2.681   1.810   9.649   1.00 9.23  ? 201 ACO A CCP 1 
HETATM 1274 C CDP . ACO B 2 .   ? 2.638   2.256   7.200   1.00 9.30  ? 201 ACO A CDP 1 
HETATM 1275 C CEP . ACO B 2 .   ? 4.515   0.929   8.226   1.00 10.91 ? 201 ACO A CEP 1 
HETATM 1276 C CAP . ACO B 2 .   ? 4.365   3.403   8.684   1.00 9.84  ? 201 ACO A CAP 1 
HETATM 1277 O OAP . ACO B 2 .   ? 5.401   3.133   9.643   1.00 12.55 ? 201 ACO A OAP 1 
HETATM 1278 C C9P . ACO B 2 .   ? 4.987   4.049   7.459   1.00 10.02 ? 201 ACO A C9P 1 
HETATM 1279 O O9P . ACO B 2 .   ? 4.318   4.775   6.727   1.00 11.37 ? 201 ACO A O9P 1 
HETATM 1280 N N8P . ACO B 2 .   ? 6.250   3.740   7.215   1.00 11.02 ? 201 ACO A N8P 1 
HETATM 1281 C C7P . ACO B 2 .   ? 6.989   4.300   6.095   1.00 10.86 ? 201 ACO A C7P 1 
HETATM 1282 C C6P . ACO B 2 .   ? 6.513   3.765   4.765   1.00 11.95 ? 201 ACO A C6P 1 
HETATM 1283 C C5P . ACO B 2 .   ? 6.454   2.261   4.770   1.00 11.39 ? 201 ACO A C5P 1 
HETATM 1284 O O5P . ACO B 2 .   ? 7.331   1.575   5.311   1.00 13.95 ? 201 ACO A O5P 1 
HETATM 1285 N N4P . ACO B 2 .   ? 5.387   1.720   4.192   1.00 10.11 ? 201 ACO A N4P 1 
HETATM 1286 C C3P . ACO B 2 .   ? 5.262   0.295   3.952   1.00 10.47 ? 201 ACO A C3P 1 
HETATM 1287 C C2P . ACO B 2 .   ? 6.216   -0.115  2.843   1.00 11.56 ? 201 ACO A C2P 1 
HETATM 1288 S S1P . ACO B 2 .   ? 5.605   -1.617  2.024   1.00 11.36 ? 201 ACO A S1P 1 
HETATM 1289 C C   . ACO B 2 .   ? 4.458   -0.871  0.899   1.00 12.01 ? 201 ACO A C   1 
HETATM 1290 O O   . ACO B 2 .   ? 4.391   0.315   0.733   1.00 11.14 ? 201 ACO A O   1 
HETATM 1291 C CH3 . ACO B 2 .   ? 3.695   -1.875  0.081   1.00 12.53 ? 201 ACO A CH3 1 
HETATM 1292 C C19 . U2J C 3 .   ? 10.437  1.624   -8.164  1.00 10.41 ? 202 U2J A C19 1 
HETATM 1293 C C21 . U2J C 3 .   ? 11.661  -0.394  -8.402  1.00 10.47 ? 202 U2J A C21 1 
HETATM 1294 C C18 . U2J C 3 .   ? 9.249   0.924   -8.291  1.00 10.33 ? 202 U2J A C18 1 
HETATM 1295 C C22 . U2J C 3 .   ? 10.476  -1.098  -8.550  1.00 10.24 ? 202 U2J A C22 1 
HETATM 1296 C C7  . U2J C 3 .   ? 3.725   0.283   -10.362 1.00 10.06 ? 202 U2J A C7  1 
HETATM 1297 C C20 . U2J C 3 .   ? 11.642  0.958   -8.220  1.00 12.37 ? 202 U2J A C20 1 
HETATM 1298 C C17 . U2J C 3 .   ? 9.279   -0.427  -8.487  1.00 10.34 ? 202 U2J A C17 1 
HETATM 1299 C C6  . U2J C 3 .   ? 3.471   -1.071  -10.437 1.00 10.26 ? 202 U2J A C6  1 
HETATM 1300 C C23 . U2J C 3 .   ? 12.921  1.713   -8.086  1.00 14.49 ? 202 U2J A C23 1 
HETATM 1301 C C5  . U2J C 3 .   ? 4.914   -1.112  -8.759  1.00 8.54  ? 202 U2J A C5  1 
HETATM 1302 C C13 . U2J C 3 .   ? 8.234   1.388   -1.698  1.00 8.89  ? 202 U2J A C13 1 
HETATM 1303 C C14 . U2J C 3 .   ? 8.882   -0.584  -0.430  1.00 9.10  ? 202 U2J A C14 1 
HETATM 1304 C C16 . U2J C 3 .   ? 8.006   -1.169  -8.620  1.00 10.40 ? 202 U2J A C16 1 
HETATM 1305 C C8  . U2J C 3 .   ? 2.532   -1.646  -11.383 1.00 10.85 ? 202 U2J A C8  1 
HETATM 1306 C C10 . U2J C 3 .   ? 7.228   -1.205  -3.139  1.00 7.56  ? 202 U2J A C10 1 
HETATM 1307 C C12 . U2J C 3 .   ? 6.835   0.824   -1.721  1.00 9.73  ? 202 U2J A C12 1 
HETATM 1308 C C4  . U2J C 3 .   ? 5.237   -1.488  -6.281  1.00 9.65  ? 202 U2J A C4  1 
HETATM 1309 C C2  . U2J C 3 .   ? 7.494   -0.787  -6.225  1.00 9.85  ? 202 U2J A C2  1 
HETATM 1310 C C1  . U2J C 3 .   ? 5.787   -1.663  -7.693  1.00 9.68  ? 202 U2J A C1  1 
HETATM 1311 C C11 . U2J C 3 .   ? 6.810   -0.687  -1.772  1.00 9.27  ? 202 U2J A C11 1 
HETATM 1312 C C3  . U2J C 3 .   ? 6.484   -1.594  -5.432  1.00 9.32  ? 202 U2J A C3  1 
HETATM 1313 C C15 . U2J C 3 .   ? 10.530  1.140   -0.925  1.00 10.10 ? 202 U2J A C15 1 
HETATM 1314 C C9  . U2J C 3 .   ? 1.826   -3.667  -12.564 1.00 10.19 ? 202 U2J A C9  1 
HETATM 1315 N N10 . U2J C 3 .   ? 14.094  1.162   -7.729  1.00 15.10 ? 202 U2J A N10 1 
HETATM 1316 N N2  . U2J C 3 .   ? 4.157   -1.850  -9.540  1.00 10.21 ? 202 U2J A N2  1 
HETATM 1317 N N7  . U2J C 3 .   ? 12.973  3.033   -8.272  1.00 15.46 ? 202 U2J A N7  1 
HETATM 1318 N N9  . U2J C 3 .   ? 14.956  2.215   -7.680  1.00 15.93 ? 202 U2J A N9  1 
HETATM 1319 N N8  . U2J C 3 .   ? 14.281  3.327   -8.019  1.00 15.50 ? 202 U2J A N8  1 
HETATM 1320 N N6  . U2J C 3 .   ? 7.713   -1.205  -0.765  1.00 9.17  ? 202 U2J A N6  1 
HETATM 1321 N N5  . U2J C 3 .   ? 9.156   0.610   -1.065  1.00 7.95  ? 202 U2J A N5  1 
HETATM 1322 N N1  . U2J C 3 .   ? 7.098   -1.018  -7.602  1.00 8.89  ? 202 U2J A N1  1 
HETATM 1323 N N3  . U2J C 3 .   ? 2.508   -3.000  -11.463 1.00 10.31 ? 202 U2J A N3  1 
HETATM 1324 N N4  . U2J C 3 .   ? 6.252   -1.089  -4.083  1.00 9.04  ? 202 U2J A N4  1 
HETATM 1325 O O4  . U2J C 3 .   ? 8.512   2.470   -2.197  1.00 9.77  ? 202 U2J A O4  1 
HETATM 1326 O O3  . U2J C 3 .   ? 9.655   -1.102  0.375   1.00 9.52  ? 202 U2J A O3  1 
HETATM 1327 O O5  . U2J C 3 .   ? 7.724   -1.805  -9.631  1.00 12.48 ? 202 U2J A O5  1 
HETATM 1328 O O1  . U2J C 3 .   ? 1.842   -0.912  -12.082 1.00 13.77 ? 202 U2J A O1  1 
HETATM 1329 O O2  . U2J C 3 .   ? 8.328   -1.676  -3.409  1.00 8.36  ? 202 U2J A O2  1 
HETATM 1330 S S1  . U2J C 3 .   ? 4.875   0.565   -9.120  1.00 11.10 ? 202 U2J A S1  1 
HETATM 1331 H H21 . U2J C 3 .   ? 10.404  2.697   -8.014  1.00 10.00 ? 202 U2J A H21 1 
HETATM 1332 H H22 . U2J C 3 .   ? 12.603  -0.927  -8.458  1.00 10.00 ? 202 U2J A H22 1 
HETATM 1333 H H20 . U2J C 3 .   ? 8.299   1.448   -8.241  1.00 10.00 ? 202 U2J A H20 1 
HETATM 1334 H H23 . U2J C 3 .   ? 10.495  -2.172  -8.697  1.00 10.00 ? 202 U2J A H23 1 
HETATM 1335 H H7  . U2J C 3 .   ? 3.308   1.079   -10.962 1.00 10.00 ? 202 U2J A H7  1 
HETATM 1336 H H15 . U2J C 3 .   ? 6.289   1.233   -2.570  1.00 10.00 ? 202 U2J A H15 1 
HETATM 1337 H H14 . U2J C 3 .   ? 6.340   1.169   -0.811  1.00 10.00 ? 202 U2J A H14 1 
HETATM 1338 H H5  . U2J C 3 .   ? 4.777   -0.504  -6.170  1.00 10.00 ? 202 U2J A H5  1 
HETATM 1339 H H6  . U2J C 3 .   ? 4.505   -2.251  -6.022  1.00 10.00 ? 202 U2J A H6  1 
HETATM 1340 H H3  . U2J C 3 .   ? 8.508   -1.156  -6.048  1.00 10.00 ? 202 U2J A H3  1 
HETATM 1341 H H2  . U2J C 3 .   ? 7.431   0.281   -6.009  1.00 10.00 ? 202 U2J A H2  1 
HETATM 1342 H H1  . U2J C 3 .   ? 5.962   -2.724  -7.882  1.00 10.00 ? 202 U2J A H1  1 
HETATM 1343 H H13 . U2J C 3 .   ? 5.813   -1.068  -1.574  1.00 10.00 ? 202 U2J A H13 1 
HETATM 1344 H H4  . U2J C 3 .   ? 6.797   -2.639  -5.364  1.00 10.00 ? 202 U2J A H4  1 
HETATM 1345 H H19 . U2J C 3 .   ? 11.244  0.317   -1.016  1.00 10.00 ? 202 U2J A H19 1 
HETATM 1346 H H17 . U2J C 3 .   ? 10.626  1.604   0.058   1.00 10.00 ? 202 U2J A H17 1 
HETATM 1347 H H18 . U2J C 3 .   ? 10.751  1.873   -1.704  1.00 10.00 ? 202 U2J A H18 1 
HETATM 1348 H H9  . U2J C 3 .   ? 1.720   -4.730  -12.334 1.00 10.00 ? 202 U2J A H9  1 
HETATM 1349 H H10 . U2J C 3 .   ? 2.423   -3.539  -13.470 1.00 10.00 ? 202 U2J A H10 1 
HETATM 1350 H H11 . U2J C 3 .   ? 0.837   -3.224  -12.705 1.00 10.00 ? 202 U2J A H11 1 
HETATM 1351 H H16 . U2J C 3 .   ? 7.460   -2.060  -0.280  1.00 10.00 ? 202 U2J A H16 1 
HETATM 1352 H H8  . U2J C 3 .   ? 2.908   -3.559  -10.716 1.00 10.00 ? 202 U2J A H8  1 
HETATM 1353 H H12 . U2J C 3 .   ? 5.406   -0.567  -3.881  1.00 10.00 ? 202 U2J A H12 1 
HETATM 1354 O O   . HOH D 4 .   ? 4.808   3.223   12.313  1.00 13.68 ? 301 HOH A O   1 
HETATM 1355 O O   . HOH D 4 .   ? -15.889 6.393   -2.039  1.00 12.33 ? 302 HOH A O   1 
HETATM 1356 O O   . HOH D 4 .   ? -15.893 12.876  9.505   1.00 22.93 ? 303 HOH A O   1 
HETATM 1357 O O   . HOH D 4 .   ? -0.810  6.323   12.326  1.00 9.42  ? 304 HOH A O   1 
HETATM 1358 O O   . HOH D 4 .   ? 1.062   -19.974 7.595   1.00 28.74 ? 305 HOH A O   1 
HETATM 1359 O O   . HOH D 4 .   ? 10.825  11.222  -3.279  1.00 24.41 ? 306 HOH A O   1 
HETATM 1360 O O   . HOH D 4 .   ? -2.403  1.858   20.228  1.00 14.88 ? 307 HOH A O   1 
HETATM 1361 O O   . HOH D 4 .   ? -11.165 -16.252 -7.784  1.00 33.35 ? 308 HOH A O   1 
HETATM 1362 O O   . HOH D 4 .   ? -9.138  -19.914 -6.191  1.00 20.67 ? 309 HOH A O   1 
HETATM 1363 O O   . HOH D 4 .   ? 0.877   -1.121  -14.548 1.00 29.78 ? 310 HOH A O   1 
HETATM 1364 O O   . HOH D 4 .   ? 4.843   11.331  -6.480  1.00 29.94 ? 311 HOH A O   1 
HETATM 1365 O O   . HOH D 4 .   ? -1.775  -0.502  -14.616 1.00 31.54 ? 312 HOH A O   1 
HETATM 1366 O O   . HOH D 4 .   ? -10.403 12.479  -0.552  1.00 15.68 ? 313 HOH A O   1 
HETATM 1367 O O   . HOH D 4 .   ? -10.132 6.421   -4.701  1.00 12.44 ? 314 HOH A O   1 
HETATM 1368 O O   . HOH D 4 .   ? 20.340  -0.493  -5.635  1.00 36.56 ? 315 HOH A O   1 
HETATM 1369 O O   . HOH D 4 .   ? -8.827  -17.442 -8.404  1.00 21.02 ? 316 HOH A O   1 
HETATM 1370 O O   . HOH D 4 .   ? -7.705  21.020  10.678  1.00 20.74 ? 317 HOH A O   1 
HETATM 1371 O O   . HOH D 4 .   ? -5.088  17.722  2.560   1.00 23.75 ? 318 HOH A O   1 
HETATM 1372 O O   . HOH D 4 .   ? -10.824 1.572   -15.468 1.00 19.14 ? 319 HOH A O   1 
HETATM 1373 O O   . HOH D 4 .   ? -7.667  16.277  -0.337  1.00 37.67 ? 320 HOH A O   1 
HETATM 1374 O O   . HOH D 4 .   ? 1.426   1.725   -12.739 1.00 22.70 ? 321 HOH A O   1 
HETATM 1375 O O   . HOH D 4 .   ? 7.703   2.374   11.058  1.00 23.05 ? 322 HOH A O   1 
HETATM 1376 O O   . HOH D 4 .   ? -9.270  9.290   16.520  1.00 21.61 ? 323 HOH A O   1 
HETATM 1377 O O   . HOH D 4 .   ? 7.523   8.394   -4.156  1.00 15.00 ? 324 HOH A O   1 
HETATM 1378 O O   . HOH D 4 .   ? -8.584  -18.808 -1.120  1.00 34.76 ? 325 HOH A O   1 
HETATM 1379 O O   . HOH D 4 .   ? -10.998 -5.446  8.671   1.00 39.27 ? 326 HOH A O   1 
HETATM 1380 O O   . HOH D 4 .   ? -6.675  7.581   -15.167 1.00 17.08 ? 327 HOH A O   1 
HETATM 1381 O O   . HOH D 4 .   ? 0.590   -15.789 9.311   1.00 37.33 ? 328 HOH A O   1 
HETATM 1382 O O   . HOH D 4 .   ? -11.492 4.318   -10.311 1.00 17.16 ? 329 HOH A O   1 
HETATM 1383 O O   . HOH D 4 .   ? -0.847  2.780   -9.888  1.00 30.88 ? 330 HOH A O   1 
HETATM 1384 O O   . HOH D 4 .   ? 0.431   5.439   -1.110  1.00 11.01 ? 331 HOH A O   1 
HETATM 1385 O O   . HOH D 4 .   ? 16.557  -14.684 -2.819  1.00 33.08 ? 332 HOH A O   1 
HETATM 1386 O O   . HOH D 4 .   ? -1.210  2.514   16.508  1.00 13.64 ? 333 HOH A O   1 
HETATM 1387 O O   . HOH D 4 .   ? -11.119 -1.860  -8.154  1.00 28.10 ? 334 HOH A O   1 
HETATM 1388 O O   . HOH D 4 .   ? 15.254  6.951   -5.373  1.00 25.03 ? 335 HOH A O   1 
HETATM 1389 O O   . HOH D 4 .   ? -10.569 7.323   -8.254  1.00 25.71 ? 336 HOH A O   1 
HETATM 1390 O O   . HOH D 4 .   ? -9.566  -9.868  3.294   1.00 28.45 ? 337 HOH A O   1 
HETATM 1391 O O   . HOH D 4 .   ? -10.104 17.121  15.968  1.00 37.38 ? 338 HOH A O   1 
HETATM 1392 O O   . HOH D 4 .   ? 14.220  0.388   5.245   1.00 32.92 ? 339 HOH A O   1 
HETATM 1393 O O   . HOH D 4 .   ? 9.390   10.792  4.876   1.00 29.05 ? 340 HOH A O   1 
HETATM 1394 O O   . HOH D 4 .   ? 6.732   -5.512  -8.957  1.00 21.08 ? 341 HOH A O   1 
HETATM 1395 O O   . HOH D 4 .   ? -5.037  7.556   17.152  1.00 18.60 ? 342 HOH A O   1 
HETATM 1396 O O   . HOH D 4 .   ? -7.324  -6.810  10.551  1.00 30.00 ? 343 HOH A O   1 
HETATM 1397 O O   . HOH D 4 .   ? 4.592   -3.636  -3.318  1.00 7.89  ? 344 HOH A O   1 
HETATM 1398 O O   . HOH D 4 .   ? 9.247   7.645   5.282   1.00 19.37 ? 345 HOH A O   1 
HETATM 1399 O O   . HOH D 4 .   ? 19.788  -3.638  -7.702  1.00 31.69 ? 346 HOH A O   1 
HETATM 1400 O O   . HOH D 4 .   ? -11.624 15.357  -4.549  1.00 25.90 ? 347 HOH A O   1 
HETATM 1401 O O   . HOH D 4 .   ? -13.209 2.050   4.767   1.00 21.71 ? 348 HOH A O   1 
HETATM 1402 O O   . HOH D 4 .   ? 7.483   8.904   13.160  1.00 19.81 ? 349 HOH A O   1 
HETATM 1403 O O   . HOH D 4 .   ? 11.496  4.859   -9.702  1.00 23.62 ? 350 HOH A O   1 
HETATM 1404 O O   . HOH D 4 .   ? -6.170  -20.097 -3.567  1.00 20.72 ? 351 HOH A O   1 
HETATM 1405 O O   . HOH D 4 .   ? -11.169 -12.451 -1.408  1.00 17.21 ? 352 HOH A O   1 
HETATM 1406 O O   . HOH D 4 .   ? 6.360   -2.675  13.429  1.00 18.41 ? 353 HOH A O   1 
HETATM 1407 O O   . HOH D 4 .   ? 14.562  -8.542  6.584   1.00 22.37 ? 354 HOH A O   1 
HETATM 1408 O O   . HOH D 4 .   ? -3.037  -2.696  14.268  1.00 25.70 ? 355 HOH A O   1 
HETATM 1409 O O   . HOH D 4 .   ? -0.741  10.627  -14.553 1.00 28.66 ? 356 HOH A O   1 
HETATM 1410 O O   . HOH D 4 .   ? -13.583 -0.999  2.341   1.00 25.74 ? 357 HOH A O   1 
HETATM 1411 O O   . HOH D 4 .   ? -9.830  20.666  13.180  1.00 40.76 ? 358 HOH A O   1 
HETATM 1412 O O   . HOH D 4 .   ? 16.106  7.282   -1.619  1.00 25.94 ? 359 HOH A O   1 
HETATM 1413 O O   . HOH D 4 .   ? 10.901  0.327   2.427   1.00 19.16 ? 360 HOH A O   1 
HETATM 1414 O O   . HOH D 4 .   ? -10.520 0.489   7.984   1.00 20.17 ? 361 HOH A O   1 
HETATM 1415 O O   . HOH D 4 .   ? -9.177  5.277   -7.258  1.00 15.12 ? 362 HOH A O   1 
HETATM 1416 O O   . HOH D 4 .   ? -17.390 3.397   -4.037  1.00 29.21 ? 363 HOH A O   1 
HETATM 1417 O O   . HOH D 4 .   ? 12.113  -4.531  -10.095 1.00 26.69 ? 364 HOH A O   1 
HETATM 1418 O O   . HOH D 4 .   ? 7.235   11.422  6.385   1.00 19.21 ? 365 HOH A O   1 
HETATM 1419 O O   . HOH D 4 .   ? 2.162   -13.312 9.985   1.00 20.81 ? 366 HOH A O   1 
HETATM 1420 O O   . HOH D 4 .   ? 5.226   11.190  -11.196 1.00 25.96 ? 367 HOH A O   1 
HETATM 1421 O O   . HOH D 4 .   ? -6.903  2.403   13.449  1.00 20.59 ? 368 HOH A O   1 
HETATM 1422 O O   . HOH D 4 .   ? -2.062  13.126  -12.690 1.00 41.54 ? 369 HOH A O   1 
HETATM 1423 O O   . HOH D 4 .   ? 4.989   16.910  -4.851  1.00 34.29 ? 370 HOH A O   1 
HETATM 1424 O O   . HOH D 4 .   ? -4.582  -14.938 6.509   1.00 36.06 ? 371 HOH A O   1 
HETATM 1425 O O   . HOH D 4 .   ? -17.201 -11.153 -5.687  1.00 26.25 ? 372 HOH A O   1 
HETATM 1426 O O   . HOH D 4 .   ? -0.084  -18.445 -3.524  1.00 32.63 ? 373 HOH A O   1 
HETATM 1427 O O   . HOH D 4 .   ? -3.501  -17.884 -2.241  1.00 22.61 ? 374 HOH A O   1 
HETATM 1428 O O   . HOH D 4 .   ? 23.606  -8.238  -6.911  1.00 57.36 ? 375 HOH A O   1 
HETATM 1429 O O   . HOH D 4 .   ? 4.133   2.805   -12.954 1.00 22.06 ? 376 HOH A O   1 
HETATM 1430 O O   . HOH D 4 .   ? -12.583 12.062  3.607   1.00 23.73 ? 377 HOH A O   1 
HETATM 1431 O O   . HOH D 4 .   ? -13.799 19.852  10.224  1.00 19.34 ? 378 HOH A O   1 
HETATM 1432 O O   . HOH D 4 .   ? -1.818  16.492  1.953   1.00 38.99 ? 379 HOH A O   1 
HETATM 1433 O O   . HOH D 4 .   ? 9.585   4.717   3.389   1.00 28.94 ? 380 HOH A O   1 
HETATM 1434 O O   . HOH D 4 .   ? -12.403 2.395   7.315   1.00 25.04 ? 381 HOH A O   1 
HETATM 1435 O O   . HOH D 4 .   ? -6.832  5.592   14.033  1.00 28.03 ? 382 HOH A O   1 
HETATM 1436 O O   . HOH D 4 .   ? -5.203  -15.560 -13.090 1.00 34.14 ? 383 HOH A O   1 
HETATM 1437 O O   . HOH D 4 .   ? 5.985   -11.457 -6.788  1.00 40.69 ? 384 HOH A O   1 
HETATM 1438 O O   . HOH D 4 .   ? 6.313   9.208   -6.408  1.00 20.97 ? 385 HOH A O   1 
HETATM 1439 O O   . HOH D 4 .   ? 0.114   16.741  4.627   1.00 23.05 ? 386 HOH A O   1 
HETATM 1440 O O   . HOH D 4 .   ? 3.596   -5.542  -10.723 1.00 33.00 ? 387 HOH A O   1 
HETATM 1441 O O   . HOH D 4 .   ? 2.525   16.940  -6.031  1.00 22.54 ? 388 HOH A O   1 
HETATM 1442 O O   . HOH D 4 .   ? -9.808  14.075  9.064   1.00 13.52 ? 389 HOH A O   1 
HETATM 1443 O O   . HOH D 4 .   ? -11.143 7.004   13.316  1.00 38.16 ? 390 HOH A O   1 
HETATM 1444 O O   . HOH D 4 .   ? 17.072  2.788   1.221   1.00 25.56 ? 391 HOH A O   1 
HETATM 1445 O O   . HOH D 4 .   ? -12.184 9.734   13.463  1.00 21.51 ? 392 HOH A O   1 
HETATM 1446 O O   . HOH D 4 .   ? -7.421  19.139  2.815   1.00 39.59 ? 393 HOH A O   1 
HETATM 1447 O O   . HOH D 4 .   ? -6.907  -3.019  -10.500 1.00 17.88 ? 394 HOH A O   1 
HETATM 1448 O O   . HOH D 4 .   ? -1.498  -15.810 5.513   1.00 29.07 ? 395 HOH A O   1 
HETATM 1449 O O   . HOH D 4 .   ? 0.367   -6.103  -10.201 1.00 20.74 ? 396 HOH A O   1 
HETATM 1450 O O   . HOH D 4 .   ? 4.451   -13.449 -5.759  1.00 26.20 ? 397 HOH A O   1 
HETATM 1451 O O   . HOH D 4 .   ? -14.057 10.278  11.554  1.00 42.44 ? 398 HOH A O   1 
HETATM 1452 O O   . HOH D 4 .   ? -0.600  16.544  -10.499 1.00 24.19 ? 399 HOH A O   1 
HETATM 1453 O O   . HOH D 4 .   ? 18.995  -5.524  -11.808 1.00 27.70 ? 400 HOH A O   1 
HETATM 1454 O O   . HOH D 4 .   ? 8.443   1.774   8.050   1.00 16.95 ? 401 HOH A O   1 
HETATM 1455 O O   . HOH D 4 .   ? 4.837   -3.331  18.257  1.00 23.86 ? 402 HOH A O   1 
HETATM 1456 O O   . HOH D 4 .   ? 21.874  -4.040  -2.180  1.00 25.80 ? 403 HOH A O   1 
HETATM 1457 O O   . HOH D 4 .   ? 4.401   -18.672 -9.519  1.00 23.19 ? 404 HOH A O   1 
HETATM 1458 O O   . HOH D 4 .   ? -12.228 0.863   -13.247 1.00 37.26 ? 405 HOH A O   1 
HETATM 1459 O O   . HOH D 4 .   ? -14.018 0.106   -6.221  1.00 21.30 ? 406 HOH A O   1 
HETATM 1460 O O   . HOH D 4 .   ? 11.422  10.527  0.269   1.00 21.82 ? 407 HOH A O   1 
HETATM 1461 O O   . HOH D 4 .   ? 8.634   -3.309  14.745  1.00 29.22 ? 408 HOH A O   1 
HETATM 1462 O O   . HOH D 4 .   ? -3.123  10.685  -13.114 1.00 29.99 ? 409 HOH A O   1 
HETATM 1463 O O   . HOH D 4 .   ? 1.067   -16.330 2.484   1.00 29.33 ? 410 HOH A O   1 
HETATM 1464 O O   . HOH D 4 .   ? 10.402  -0.901  15.849  1.00 55.42 ? 411 HOH A O   1 
HETATM 1465 O O   . HOH D 4 .   ? 10.979  13.533  -0.179  1.00 25.52 ? 412 HOH A O   1 
HETATM 1466 O O   . HOH D 4 .   ? 0.145   16.166  0.136   1.00 19.66 ? 413 HOH A O   1 
HETATM 1467 O O   . HOH D 4 .   ? 4.235   14.757  15.239  1.00 21.38 ? 414 HOH A O   1 
HETATM 1468 O O   . HOH D 4 .   ? -12.656 5.170   -4.406  1.00 19.36 ? 415 HOH A O   1 
HETATM 1469 O O   . HOH D 4 .   ? -7.796  -12.931 8.309   1.00 53.27 ? 416 HOH A O   1 
HETATM 1470 O O   . HOH D 4 .   ? -11.088 8.514   -10.862 1.00 28.50 ? 417 HOH A O   1 
HETATM 1471 O O   . HOH D 4 .   ? -9.949  15.958  -1.820  1.00 31.36 ? 418 HOH A O   1 
HETATM 1472 O O   . HOH D 4 .   ? -5.234  19.737  -7.745  1.00 41.64 ? 419 HOH A O   1 
HETATM 1473 O O   . HOH D 4 .   ? 7.181   3.713   16.244  1.00 38.66 ? 420 HOH A O   1 
HETATM 1474 O O   . HOH D 4 .   ? 10.790  8.031   8.095   1.00 38.98 ? 421 HOH A O   1 
HETATM 1475 O O   . HOH D 4 .   ? 6.212   4.005   -11.025 1.00 21.14 ? 422 HOH A O   1 
HETATM 1476 O O   . HOH D 4 .   ? -7.386  -4.126  13.300  1.00 28.59 ? 423 HOH A O   1 
HETATM 1477 O O   . HOH D 4 .   ? -10.402 17.600  3.720   1.00 40.67 ? 424 HOH A O   1 
HETATM 1478 O O   . HOH D 4 .   ? 7.369   0.699   19.979  1.00 29.25 ? 425 HOH A O   1 
HETATM 1479 O O   . HOH D 4 .   ? 10.235  -8.811  -9.756  1.00 37.02 ? 426 HOH A O   1 
HETATM 1480 O O   . HOH D 4 .   ? 13.759  6.281   -7.542  1.00 28.24 ? 427 HOH A O   1 
HETATM 1481 O O   . HOH D 4 .   ? 15.666  -13.227 -6.783  1.00 34.86 ? 428 HOH A O   1 
HETATM 1482 O O   . HOH D 4 .   ? 7.024   10.089  -15.042 1.00 30.28 ? 429 HOH A O   1 
HETATM 1483 O O   . HOH D 4 .   ? -10.589 -1.503  -12.494 1.00 38.34 ? 430 HOH A O   1 
HETATM 1484 O O   . HOH D 4 .   ? -4.753  17.110  -8.507  1.00 24.41 ? 431 HOH A O   1 
HETATM 1485 O O   . HOH D 4 .   ? 8.733   5.048   11.345  1.00 26.74 ? 432 HOH A O   1 
HETATM 1486 O O   . HOH D 4 .   ? -2.997  -1.748  16.815  1.00 33.37 ? 433 HOH A O   1 
HETATM 1487 O O   . HOH D 4 .   ? 5.434   2.310   -16.046 1.00 31.70 ? 434 HOH A O   1 
HETATM 1488 O O   . HOH D 4 .   ? -6.756  -20.605 1.466   1.00 33.80 ? 435 HOH A O   1 
HETATM 1489 O O   . HOH D 4 .   ? -9.908  -0.319  10.875  1.00 23.38 ? 436 HOH A O   1 
HETATM 1490 O O   . HOH D 4 .   ? 5.068   7.113   -16.899 1.00 18.71 ? 437 HOH A O   1 
HETATM 1491 O O   . HOH D 4 .   ? 17.356  1.385   3.729   1.00 43.89 ? 438 HOH A O   1 
HETATM 1492 O O   . HOH D 4 .   ? -14.160 9.877   -6.601  1.00 43.52 ? 439 HOH A O   1 
HETATM 1493 O O   . HOH D 4 .   ? 12.454  -0.128  10.018  1.00 25.53 ? 440 HOH A O   1 
HETATM 1494 O O   . HOH D 4 .   ? -2.267  -15.975 -14.574 1.00 31.12 ? 441 HOH A O   1 
HETATM 1495 O O   . HOH D 4 .   ? 4.104   -7.401  -8.813  1.00 30.90 ? 442 HOH A O   1 
HETATM 1496 O O   . HOH D 4 .   ? -8.263  -0.862  -13.694 1.00 67.54 ? 443 HOH A O   1 
HETATM 1497 O O   . HOH D 4 .   ? -14.674 0.441   -0.046  1.00 28.73 ? 444 HOH A O   1 
HETATM 1498 O O   . HOH D 4 .   ? 4.799   -4.674  14.550  1.00 29.94 ? 445 HOH A O   1 
HETATM 1499 O O   . HOH D 4 .   ? 0.393   -21.267 -11.365 1.00 24.86 ? 446 HOH A O   1 
HETATM 1500 O O   . HOH D 4 .   ? 1.055   17.474  7.144   1.00 28.92 ? 447 HOH A O   1 
HETATM 1501 O O   . HOH D 4 .   ? -10.947 8.169   -13.559 1.00 35.06 ? 448 HOH A O   1 
HETATM 1502 O O   . HOH D 4 .   ? 7.874   13.106  13.031  1.00 29.28 ? 449 HOH A O   1 
HETATM 1503 O O   . HOH D 4 .   ? 6.717   4.769   13.704  1.00 21.64 ? 450 HOH A O   1 
HETATM 1504 O O   . HOH D 4 .   ? -5.068  -21.283 -7.658  1.00 27.19 ? 451 HOH A O   1 
HETATM 1505 O O   . HOH D 4 .   ? -2.611  4.051   18.427  1.00 22.88 ? 452 HOH A O   1 
HETATM 1506 O O   . HOH D 4 .   ? 8.984   2.334   2.083   1.00 22.33 ? 453 HOH A O   1 
HETATM 1507 O O   . HOH D 4 .   ? -6.018  -9.091  9.765   1.00 29.49 ? 454 HOH A O   1 
HETATM 1508 O O   . HOH D 4 .   ? -4.660  14.868  -12.504 1.00 34.31 ? 455 HOH A O   1 
HETATM 1509 O O   . HOH D 4 .   ? -5.263  -22.677 -10.841 1.00 40.51 ? 456 HOH A O   1 
HETATM 1510 O O   . HOH D 4 .   ? -13.197 -0.412  -9.156  1.00 38.34 ? 457 HOH A O   1 
HETATM 1511 O O   . HOH D 4 .   ? 3.028   7.458   -18.856 1.00 24.64 ? 458 HOH A O   1 
HETATM 1512 O O   . HOH D 4 .   ? -11.100 -12.111 3.318   1.00 28.09 ? 459 HOH A O   1 
HETATM 1513 O O   . HOH D 4 .   ? -5.914  -1.702  -12.747 1.00 25.82 ? 460 HOH A O   1 
HETATM 1514 O O   . HOH D 4 .   ? -12.925 13.457  16.914  1.00 31.39 ? 461 HOH A O   1 
HETATM 1515 O O   . HOH D 4 .   ? -11.467 -13.712 1.130   1.00 29.88 ? 462 HOH A O   1 
HETATM 1516 O O   . HOH D 4 .   ? 6.351   7.242   15.004  1.00 25.61 ? 463 HOH A O   1 
HETATM 1517 O O   . HOH D 4 .   ? -9.715  4.650   12.335  1.00 32.71 ? 464 HOH A O   1 
HETATM 1518 O O   . HOH D 4 .   ? 5.266   12.816  -8.635  1.00 39.04 ? 465 HOH A O   1 
HETATM 1519 O O   . HOH D 4 .   ? -17.728 0.724   -3.640  1.00 36.34 ? 466 HOH A O   1 
HETATM 1520 O O   . HOH D 4 .   ? 7.213   14.428  6.875   1.00 43.54 ? 467 HOH A O   1 
HETATM 1521 O O   . HOH D 4 .   ? 12.745  -7.486  -10.039 1.00 31.72 ? 468 HOH A O   1 
HETATM 1522 O O   . HOH D 4 .   ? -0.412  18.621  -1.043  1.00 35.54 ? 469 HOH A O   1 
HETATM 1523 O O   . HOH D 4 .   ? -5.044  1.771   20.267  1.00 36.51 ? 470 HOH A O   1 
HETATM 1524 O O   . HOH D 4 .   ? -9.587  -2.865  -10.361 1.00 23.76 ? 471 HOH A O   1 
HETATM 1525 O O   . HOH D 4 .   ? -11.457 8.617   18.273  1.00 39.79 ? 472 HOH A O   1 
HETATM 1526 O O   . HOH D 4 .   ? 15.203  8.433   0.801   1.00 26.48 ? 473 HOH A O   1 
HETATM 1527 O O   . HOH D 4 .   ? 9.453   13.868  10.889  1.00 36.93 ? 474 HOH A O   1 
HETATM 1528 O O   . HOH D 4 .   ? -5.807  1.193   15.630  1.00 37.45 ? 475 HOH A O   1 
HETATM 1529 O O   . HOH D 4 .   ? -9.411  -20.006 -8.916  1.00 20.80 ? 476 HOH A O   1 
HETATM 1530 O O   . HOH D 4 .   ? -9.105  6.874   15.102  1.00 25.32 ? 477 HOH A O   1 
HETATM 1531 O O   . HOH D 4 .   ? 12.871  -8.112  9.587   1.00 38.73 ? 478 HOH A O   1 
HETATM 1532 O O   . HOH D 4 .   ? -12.020 -3.869  -6.076  1.00 40.82 ? 479 HOH A O   1 
HETATM 1533 O O   . HOH D 4 .   ? -10.613 -5.233  -11.135 1.00 32.85 ? 480 HOH A O   1 
# 
